data_2FM5
#
_entry.id   2FM5
#
_cell.length_a   99.357
_cell.length_b   112.812
_cell.length_c   161.079
_cell.angle_alpha   90.00
_cell.angle_beta   90.00
_cell.angle_gamma   90.00
#
_symmetry.space_group_name_H-M   'P 21 21 21'
#
loop_
_entity.id
_entity.type
_entity.pdbx_description
1 polymer "cAMP-specific 3',5'-cyclic phosphodiesterase 4D"
2 non-polymer 'ZINC ION'
3 non-polymer 'MAGNESIUM ION'
4 non-polymer '(R)-3-(2-(3-CYCLOPROPOXY-4-(DIFLUOROMETHOXY)PHENYL)-2-(5-(1,1,1,3,3,3-HEXAFLUORO-2-HYDROXYPROPAN-2-YL)THIAZOL-2-YL)ETHYL)PYRIDINE 1-OXIDE'
5 water water
#
_entity_poly.entity_id   1
_entity_poly.type   'polypeptide(L)'
_entity_poly.pdbx_seq_one_letter_code
;IPRFGVKTEQEDVLAKELEDVNKWGLHVFRIAELSGNRPLTVIMHTIFQERDLLKTFKIPVDTLITYLMTLEDHYHADVA
YHNNIHAADVVQSTHVLLSTPALEAVFTDLEILAAIFASAIHDVDHPGVSNQFLINTNSELALMYNDSSVLENHHLAVGF
KLLQEENCDIFQNLTKKQRQSLRKMVIDIVLATDMSKHMNLLADLKTMVETKKVTSSGVLLLDNYSDRIQVLQNMVHCAD
LSNPTKPLQLYRQWTDRIMEEFFRQGDRERERGMEISPMCDKHNASVEKSQVGFIDYIVHPLWETWADLVHPDAQDILDT
LEDNREWYQSTIPQSPSPAPDDPEEGRQGQTEKFQFELTLE
;
_entity_poly.pdbx_strand_id   A,B,C,D
#
loop_
_chem_comp.id
_chem_comp.type
_chem_comp.name
_chem_comp.formula
M99 non-polymer '(R)-3-(2-(3-CYCLOPROPOXY-4-(DIFLUOROMETHOXY)PHENYL)-2-(5-(1,1,1,3,3,3-HEXAFLUORO-2-HYDROXYPROPAN-2-YL)THIAZOL-2-YL)ETHYL)PYRIDINE 1-OXIDE' 'C23 H18 F8 N2 O4 S'
MG non-polymer 'MAGNESIUM ION' 'Mg 2'
ZN non-polymer 'ZINC ION' 'Zn 2'
#
# COMPACT_ATOMS: atom_id res chain seq x y z
N ILE A 1 -14.53 11.82 -30.98
CA ILE A 1 -15.56 12.88 -30.73
C ILE A 1 -15.96 13.65 -31.99
N PRO A 2 -15.09 13.73 -33.01
CA PRO A 2 -15.47 14.47 -34.22
C PRO A 2 -16.42 13.70 -35.12
N ARG A 3 -16.51 14.12 -36.38
CA ARG A 3 -17.39 13.49 -37.36
C ARG A 3 -16.90 13.77 -38.78
N PHE A 4 -16.80 12.72 -39.59
CA PHE A 4 -16.35 12.88 -40.97
C PHE A 4 -14.99 13.58 -41.07
N GLY A 5 -14.26 13.62 -39.97
CA GLY A 5 -12.94 14.25 -39.97
C GLY A 5 -12.93 15.74 -39.72
N VAL A 6 -14.10 16.31 -39.44
CA VAL A 6 -14.21 17.74 -39.17
C VAL A 6 -14.71 17.97 -37.75
N LYS A 7 -14.26 19.05 -37.13
CA LYS A 7 -14.65 19.37 -35.77
C LYS A 7 -16.15 19.53 -35.68
N THR A 8 -16.71 19.21 -34.53
CA THR A 8 -18.14 19.39 -34.32
C THR A 8 -18.30 20.84 -33.90
N GLU A 9 -19.53 21.26 -33.69
CA GLU A 9 -19.81 22.62 -33.27
C GLU A 9 -19.05 22.92 -31.99
N GLN A 10 -19.25 22.08 -30.98
CA GLN A 10 -18.58 22.22 -29.69
C GLN A 10 -17.07 22.31 -29.82
N GLU A 11 -16.48 21.31 -30.46
CA GLU A 11 -15.04 21.25 -30.68
C GLU A 11 -14.48 22.56 -31.25
N ASP A 12 -15.19 23.13 -32.22
CA ASP A 12 -14.73 24.37 -32.82
C ASP A 12 -14.73 25.53 -31.83
N VAL A 13 -15.79 25.62 -31.02
CA VAL A 13 -15.88 26.67 -30.01
C VAL A 13 -14.71 26.47 -29.04
N LEU A 14 -14.52 25.24 -28.60
CA LEU A 14 -13.44 24.91 -27.67
C LEU A 14 -12.08 25.30 -28.24
N ALA A 15 -11.82 24.93 -29.48
CA ALA A 15 -10.55 25.26 -30.12
C ALA A 15 -10.35 26.76 -30.13
N LYS A 16 -11.41 27.50 -30.42
CA LYS A 16 -11.30 28.95 -30.47
C LYS A 16 -10.99 29.50 -29.08
N GLU A 17 -11.55 28.88 -28.04
CA GLU A 17 -11.27 29.32 -26.67
C GLU A 17 -9.80 29.04 -26.36
N LEU A 18 -9.33 27.87 -26.76
CA LEU A 18 -7.96 27.47 -26.50
C LEU A 18 -6.91 28.35 -27.17
N GLU A 19 -7.35 29.25 -28.04
CA GLU A 19 -6.40 30.14 -28.71
C GLU A 19 -5.76 31.10 -27.71
N ASP A 20 -6.37 31.25 -26.54
CA ASP A 20 -5.84 32.14 -25.50
C ASP A 20 -5.02 31.37 -24.48
N VAL A 21 -4.62 30.15 -24.82
CA VAL A 21 -3.86 29.31 -23.92
C VAL A 21 -2.57 29.98 -23.44
N ASN A 22 -2.01 30.84 -24.27
CA ASN A 22 -0.78 31.54 -23.90
C ASN A 22 -1.05 32.85 -23.19
N LYS A 23 -2.29 33.11 -22.79
CA LYS A 23 -2.64 34.37 -22.12
C LYS A 23 -3.09 34.22 -20.67
N TRP A 24 -2.65 35.15 -19.84
CA TRP A 24 -3.02 35.17 -18.43
C TRP A 24 -4.51 35.53 -18.43
N GLY A 25 -5.33 34.73 -17.77
CA GLY A 25 -6.75 35.04 -17.75
C GLY A 25 -7.60 34.15 -18.63
N LEU A 26 -7.05 33.01 -19.05
CA LEU A 26 -7.79 32.07 -19.87
C LEU A 26 -9.14 31.75 -19.23
N HIS A 27 -10.20 31.63 -20.05
CA HIS A 27 -11.53 31.30 -19.54
C HIS A 27 -11.52 29.80 -19.23
N VAL A 28 -10.79 29.43 -18.18
CA VAL A 28 -10.63 28.04 -17.80
C VAL A 28 -11.94 27.31 -17.47
N PHE A 29 -12.89 28.01 -16.86
CA PHE A 29 -14.16 27.39 -16.51
C PHE A 29 -14.97 27.13 -17.78
N ARG A 30 -14.85 28.03 -18.75
CA ARG A 30 -15.57 27.85 -20.01
C ARG A 30 -15.01 26.63 -20.72
N ILE A 31 -13.69 26.49 -20.66
CA ILE A 31 -13.03 25.35 -21.31
C ILE A 31 -13.42 24.04 -20.63
N ALA A 32 -13.61 24.08 -19.30
CA ALA A 32 -14.01 22.90 -18.56
C ALA A 32 -15.39 22.44 -19.01
N GLU A 33 -16.27 23.39 -19.24
CA GLU A 33 -17.63 23.10 -19.69
C GLU A 33 -17.60 22.63 -21.12
N LEU A 34 -16.94 23.39 -21.99
CA LEU A 34 -16.85 23.05 -23.41
C LEU A 34 -16.24 21.67 -23.68
N SER A 35 -15.29 21.25 -22.85
CA SER A 35 -14.61 19.97 -23.05
C SER A 35 -15.21 18.75 -22.36
N GLY A 36 -16.43 18.86 -21.84
CA GLY A 36 -17.03 17.71 -21.19
C GLY A 36 -16.28 17.37 -19.92
N ASN A 37 -15.85 18.42 -19.20
CA ASN A 37 -15.10 18.31 -17.96
C ASN A 37 -13.73 17.65 -18.12
N ARG A 38 -13.03 18.04 -19.18
CA ARG A 38 -11.70 17.55 -19.43
C ARG A 38 -10.74 18.71 -19.69
N PRO A 39 -10.81 19.74 -18.83
CA PRO A 39 -9.93 20.90 -18.98
C PRO A 39 -8.46 20.55 -18.84
N LEU A 40 -8.14 19.66 -17.89
CA LEU A 40 -6.75 19.28 -17.67
C LEU A 40 -6.19 18.55 -18.89
N THR A 41 -6.97 17.61 -19.42
CA THR A 41 -6.54 16.85 -20.60
C THR A 41 -6.34 17.76 -21.81
N VAL A 42 -7.36 18.54 -22.16
CA VAL A 42 -7.23 19.41 -23.33
C VAL A 42 -6.17 20.47 -23.20
N ILE A 43 -6.08 21.10 -22.03
CA ILE A 43 -5.07 22.14 -21.84
C ILE A 43 -3.66 21.57 -21.85
N MET A 44 -3.47 20.43 -21.18
CA MET A 44 -2.15 19.81 -21.18
C MET A 44 -1.77 19.43 -22.61
N HIS A 45 -2.69 18.82 -23.34
CA HIS A 45 -2.41 18.41 -24.70
C HIS A 45 -2.04 19.61 -25.59
N THR A 46 -2.81 20.69 -25.48
CA THR A 46 -2.54 21.88 -26.27
C THR A 46 -1.13 22.39 -25.97
N ILE A 47 -0.79 22.49 -24.69
CA ILE A 47 0.52 22.96 -24.30
C ILE A 47 1.67 22.06 -24.77
N PHE A 48 1.49 20.73 -24.67
CA PHE A 48 2.53 19.81 -25.11
C PHE A 48 2.78 19.97 -26.61
N GLN A 49 1.69 20.13 -27.38
CA GLN A 49 1.78 20.32 -28.83
C GLN A 49 2.42 21.67 -29.13
N GLU A 50 2.02 22.68 -28.36
CA GLU A 50 2.54 24.04 -28.51
C GLU A 50 4.05 24.09 -28.28
N ARG A 51 4.52 23.41 -27.24
CA ARG A 51 5.95 23.40 -26.94
C ARG A 51 6.70 22.24 -27.60
N ASP A 52 6.04 21.53 -28.51
CA ASP A 52 6.63 20.41 -29.22
C ASP A 52 7.25 19.39 -28.26
N LEU A 53 6.61 19.18 -27.11
CA LEU A 53 7.11 18.24 -26.12
C LEU A 53 6.95 16.77 -26.54
N LEU A 54 5.95 16.48 -27.37
CA LEU A 54 5.75 15.09 -27.81
C LEU A 54 6.95 14.60 -28.64
N LYS A 55 7.39 15.43 -29.58
CA LYS A 55 8.52 15.07 -30.43
C LYS A 55 9.81 15.05 -29.65
N THR A 56 10.04 16.10 -28.88
CA THR A 56 11.26 16.20 -28.09
C THR A 56 11.48 15.01 -27.17
N PHE A 57 10.42 14.51 -26.54
CA PHE A 57 10.56 13.38 -25.64
C PHE A 57 9.93 12.10 -26.17
N LYS A 58 9.66 12.09 -27.47
CA LYS A 58 9.09 10.92 -28.15
C LYS A 58 7.93 10.27 -27.38
N ILE A 59 6.92 11.08 -27.05
CA ILE A 59 5.75 10.59 -26.32
C ILE A 59 4.64 10.21 -27.29
N PRO A 60 4.31 8.92 -27.38
CA PRO A 60 3.22 8.59 -28.31
C PRO A 60 1.97 9.36 -27.91
N VAL A 61 1.27 9.92 -28.89
CA VAL A 61 0.09 10.73 -28.60
C VAL A 61 -1.03 10.01 -27.86
N ASP A 62 -1.25 8.73 -28.18
CA ASP A 62 -2.31 7.97 -27.53
C ASP A 62 -1.93 7.73 -26.07
N THR A 63 -0.65 7.57 -25.81
CA THR A 63 -0.17 7.35 -24.45
C THR A 63 -0.37 8.64 -23.66
N LEU A 64 -0.06 9.78 -24.28
CA LEU A 64 -0.23 11.06 -23.61
C LEU A 64 -1.70 11.27 -23.25
N ILE A 65 -2.58 11.03 -24.21
CA ILE A 65 -4.00 11.22 -23.99
C ILE A 65 -4.53 10.24 -22.94
N THR A 66 -4.09 9.00 -22.98
CA THR A 66 -4.56 8.01 -22.01
C THR A 66 -4.08 8.39 -20.60
N TYR A 67 -2.81 8.77 -20.47
CA TYR A 67 -2.32 9.17 -19.14
C TYR A 67 -3.10 10.40 -18.64
N LEU A 68 -3.22 11.43 -19.48
CA LEU A 68 -3.91 12.64 -19.08
C LEU A 68 -5.32 12.40 -18.55
N MET A 69 -6.10 11.61 -19.28
CA MET A 69 -7.47 11.32 -18.86
C MET A 69 -7.46 10.56 -17.53
N THR A 70 -6.49 9.67 -17.37
CA THR A 70 -6.34 8.87 -16.16
C THR A 70 -5.97 9.77 -14.97
N LEU A 71 -5.08 10.72 -15.22
CA LEU A 71 -4.67 11.66 -14.18
C LEU A 71 -5.89 12.52 -13.81
N GLU A 72 -6.59 13.02 -14.83
CA GLU A 72 -7.77 13.87 -14.59
C GLU A 72 -8.86 13.11 -13.84
N ASP A 73 -9.02 11.84 -14.19
CA ASP A 73 -10.00 10.95 -13.56
C ASP A 73 -9.73 10.78 -12.06
N HIS A 74 -8.49 11.02 -11.63
CA HIS A 74 -8.18 10.86 -10.22
C HIS A 74 -8.23 12.12 -9.38
N TYR A 75 -8.78 13.19 -9.96
CA TYR A 75 -9.01 14.42 -9.22
C TYR A 75 -10.49 14.20 -8.91
N HIS A 76 -10.95 14.62 -7.73
CA HIS A 76 -12.35 14.41 -7.34
C HIS A 76 -13.32 15.49 -7.83
N ALA A 77 -14.31 15.09 -8.62
CA ALA A 77 -15.31 16.01 -9.14
C ALA A 77 -16.14 16.64 -8.02
N ASP A 78 -16.28 15.92 -6.91
CA ASP A 78 -17.07 16.44 -5.79
C ASP A 78 -16.32 17.45 -4.91
N VAL A 79 -15.04 17.69 -5.20
CA VAL A 79 -14.29 18.66 -4.41
C VAL A 79 -14.38 20.02 -5.10
N ALA A 80 -14.93 21.01 -4.42
CA ALA A 80 -15.15 22.34 -4.99
C ALA A 80 -13.96 23.10 -5.57
N TYR A 81 -12.85 23.14 -4.85
CA TYR A 81 -11.67 23.86 -5.34
C TYR A 81 -10.56 22.96 -5.88
N HIS A 82 -10.02 22.10 -5.03
CA HIS A 82 -8.95 21.20 -5.42
C HIS A 82 -9.36 20.05 -6.34
N ASN A 83 -9.75 20.41 -7.56
CA ASN A 83 -10.17 19.46 -8.56
C ASN A 83 -9.38 19.64 -9.86
N ASN A 84 -9.85 18.99 -10.92
CA ASN A 84 -9.17 19.06 -12.21
C ASN A 84 -9.16 20.46 -12.82
N ILE A 85 -10.09 21.32 -12.43
CA ILE A 85 -10.12 22.68 -12.96
C ILE A 85 -8.95 23.44 -12.35
N HIS A 86 -8.75 23.28 -11.04
CA HIS A 86 -7.64 23.92 -10.35
C HIS A 86 -6.33 23.43 -10.97
N ALA A 87 -6.22 22.13 -11.23
CA ALA A 87 -5.00 21.58 -11.83
C ALA A 87 -4.73 22.20 -13.20
N ALA A 88 -5.75 22.22 -14.05
CA ALA A 88 -5.62 22.79 -15.39
C ALA A 88 -5.23 24.27 -15.31
N ASP A 89 -5.81 24.99 -14.36
CA ASP A 89 -5.51 26.41 -14.18
C ASP A 89 -4.03 26.59 -13.83
N VAL A 90 -3.54 25.77 -12.92
CA VAL A 90 -2.15 25.88 -12.49
C VAL A 90 -1.21 25.50 -13.63
N VAL A 91 -1.60 24.51 -14.42
CA VAL A 91 -0.79 24.11 -15.55
C VAL A 91 -0.66 25.30 -16.52
N GLN A 92 -1.81 25.84 -16.93
CA GLN A 92 -1.85 26.96 -17.87
C GLN A 92 -1.12 28.19 -17.33
N SER A 93 -1.26 28.46 -16.04
CA SER A 93 -0.61 29.61 -15.42
C SER A 93 0.91 29.44 -15.46
N THR A 94 1.37 28.24 -15.08
CA THR A 94 2.81 27.95 -15.08
C THR A 94 3.34 28.08 -16.51
N HIS A 95 2.53 27.64 -17.47
CA HIS A 95 2.89 27.71 -18.89
C HIS A 95 3.14 29.16 -19.32
N VAL A 96 2.27 30.05 -18.88
CA VAL A 96 2.40 31.46 -19.20
C VAL A 96 3.66 32.02 -18.52
N LEU A 97 3.84 31.71 -17.23
CA LEU A 97 5.00 32.18 -16.50
C LEU A 97 6.32 31.69 -17.10
N LEU A 98 6.32 30.47 -17.61
CA LEU A 98 7.52 29.92 -18.22
C LEU A 98 7.97 30.76 -19.43
N SER A 99 7.00 31.35 -20.12
CA SER A 99 7.28 32.16 -21.30
C SER A 99 7.53 33.65 -21.07
N THR A 100 7.79 34.03 -19.83
CA THR A 100 8.03 35.43 -19.53
C THR A 100 9.40 35.87 -20.10
N PRO A 101 9.45 37.03 -20.77
CA PRO A 101 10.67 37.58 -21.36
C PRO A 101 11.94 37.44 -20.50
N ALA A 102 11.84 37.73 -19.22
CA ALA A 102 12.98 37.64 -18.33
C ALA A 102 13.54 36.22 -18.21
N LEU A 103 12.84 35.25 -18.80
CA LEU A 103 13.29 33.86 -18.72
C LEU A 103 13.48 33.18 -20.06
N GLU A 104 13.42 33.94 -21.15
CA GLU A 104 13.60 33.36 -22.47
C GLU A 104 14.91 32.60 -22.59
N ALA A 105 14.81 31.36 -23.06
CA ALA A 105 15.97 30.49 -23.25
C ALA A 105 16.75 30.13 -21.98
N VAL A 106 16.14 30.33 -20.82
CA VAL A 106 16.82 30.00 -19.57
C VAL A 106 16.72 28.51 -19.25
N PHE A 107 15.52 27.94 -19.40
CA PHE A 107 15.30 26.54 -19.07
C PHE A 107 15.35 25.54 -20.21
N THR A 108 15.83 24.34 -19.91
CA THR A 108 15.91 23.26 -20.90
C THR A 108 14.50 22.69 -21.08
N ASP A 109 14.32 21.89 -22.13
CA ASP A 109 13.02 21.27 -22.39
C ASP A 109 12.63 20.35 -21.23
N LEU A 110 13.62 19.72 -20.60
CA LEU A 110 13.35 18.80 -19.51
C LEU A 110 12.81 19.55 -18.28
N GLU A 111 13.43 20.68 -17.96
CA GLU A 111 12.99 21.50 -16.83
C GLU A 111 11.59 22.05 -17.13
N ILE A 112 11.33 22.33 -18.39
CA ILE A 112 10.03 22.83 -18.83
C ILE A 112 8.99 21.72 -18.64
N LEU A 113 9.35 20.50 -19.07
CA LEU A 113 8.49 19.34 -18.92
C LEU A 113 8.22 19.10 -17.43
N ALA A 114 9.25 19.24 -16.61
CA ALA A 114 9.10 19.02 -15.18
C ALA A 114 8.12 20.00 -14.51
N ALA A 115 8.25 21.29 -14.82
CA ALA A 115 7.37 22.30 -14.23
C ALA A 115 5.92 22.09 -14.66
N ILE A 116 5.71 21.75 -15.93
CA ILE A 116 4.35 21.52 -16.42
C ILE A 116 3.74 20.22 -15.86
N PHE A 117 4.52 19.14 -15.85
CA PHE A 117 4.02 17.87 -15.32
C PHE A 117 3.74 17.99 -13.82
N ALA A 118 4.64 18.64 -13.09
CA ALA A 118 4.45 18.80 -11.65
C ALA A 118 3.16 19.58 -11.38
N SER A 119 2.89 20.60 -12.21
CA SER A 119 1.69 21.41 -12.06
C SER A 119 0.43 20.57 -12.30
N ALA A 120 0.51 19.66 -13.27
CA ALA A 120 -0.64 18.82 -13.62
C ALA A 120 -1.00 17.79 -12.55
N ILE A 121 -0.01 17.31 -11.79
CA ILE A 121 -0.25 16.30 -10.78
C ILE A 121 -0.23 16.83 -9.35
N HIS A 122 0.13 18.10 -9.18
CA HIS A 122 0.32 18.65 -7.84
C HIS A 122 -0.73 18.50 -6.77
N ASP A 123 -2.01 18.36 -7.14
CA ASP A 123 -3.06 18.16 -6.13
C ASP A 123 -3.92 16.93 -6.45
N VAL A 124 -3.45 16.04 -7.31
CA VAL A 124 -4.26 14.88 -7.69
C VAL A 124 -4.70 13.99 -6.50
N ASP A 125 -5.94 13.54 -6.58
CA ASP A 125 -6.56 12.71 -5.54
C ASP A 125 -6.68 13.47 -4.22
N HIS A 126 -6.85 14.78 -4.31
CA HIS A 126 -7.00 15.62 -3.13
C HIS A 126 -8.40 15.35 -2.59
N PRO A 127 -8.53 14.99 -1.32
CA PRO A 127 -9.81 14.70 -0.68
C PRO A 127 -10.65 15.93 -0.28
N GLY A 128 -10.09 17.12 -0.43
CA GLY A 128 -10.84 18.32 -0.07
C GLY A 128 -10.69 18.74 1.38
N VAL A 129 -9.81 18.06 2.11
CA VAL A 129 -9.57 18.41 3.51
C VAL A 129 -8.09 18.67 3.70
N SER A 130 -7.75 19.44 4.73
CA SER A 130 -6.36 19.81 5.01
C SER A 130 -5.50 18.68 5.58
N ASN A 131 -4.20 18.90 5.60
CA ASN A 131 -3.29 17.92 6.15
C ASN A 131 -3.60 17.68 7.62
N GLN A 132 -3.84 18.78 8.35
CA GLN A 132 -4.15 18.68 9.78
C GLN A 132 -5.40 17.82 10.05
N PHE A 133 -6.39 17.90 9.16
CA PHE A 133 -7.61 17.11 9.33
C PHE A 133 -7.26 15.63 9.19
N LEU A 134 -6.40 15.32 8.21
CA LEU A 134 -5.98 13.93 7.98
C LEU A 134 -5.13 13.43 9.15
N ILE A 135 -4.38 14.35 9.76
CA ILE A 135 -3.55 14.03 10.90
C ILE A 135 -4.43 13.80 12.13
N ASN A 136 -5.35 14.73 12.37
CA ASN A 136 -6.22 14.63 13.55
C ASN A 136 -7.15 13.43 13.61
N THR A 137 -7.50 12.87 12.45
CA THR A 137 -8.38 11.72 12.43
C THR A 137 -7.60 10.40 12.39
N ASN A 138 -6.27 10.51 12.41
CA ASN A 138 -5.38 9.35 12.35
C ASN A 138 -5.66 8.57 11.08
N SER A 139 -5.77 9.28 9.97
CA SER A 139 -6.04 8.66 8.70
C SER A 139 -4.85 7.80 8.27
N GLU A 140 -5.11 6.82 7.42
CA GLU A 140 -4.08 5.93 6.92
C GLU A 140 -3.04 6.76 6.15
N LEU A 141 -3.47 7.79 5.43
CA LEU A 141 -2.52 8.60 4.67
C LEU A 141 -1.51 9.26 5.60
N ALA A 142 -2.01 9.83 6.69
CA ALA A 142 -1.16 10.49 7.66
C ALA A 142 -0.20 9.48 8.29
N LEU A 143 -0.71 8.29 8.57
CA LEU A 143 0.10 7.23 9.15
C LEU A 143 1.23 6.85 8.18
N MET A 144 0.90 6.75 6.90
CA MET A 144 1.92 6.38 5.91
C MET A 144 3.00 7.44 5.72
N TYR A 145 2.60 8.71 5.71
CA TYR A 145 3.54 9.79 5.51
C TYR A 145 4.02 10.51 6.75
N ASN A 146 3.87 9.84 7.90
CA ASN A 146 4.32 10.40 9.17
C ASN A 146 3.92 11.85 9.42
N ASP A 147 2.67 12.18 9.11
CA ASP A 147 2.12 13.52 9.33
C ASP A 147 2.93 14.67 8.71
N SER A 148 3.77 14.36 7.73
CA SER A 148 4.61 15.40 7.10
C SER A 148 4.28 15.55 5.63
N SER A 149 3.80 16.74 5.23
CA SER A 149 3.39 17.02 3.85
C SER A 149 2.61 15.82 3.34
N VAL A 150 1.64 15.36 4.14
CA VAL A 150 0.84 14.20 3.80
C VAL A 150 0.29 14.24 2.39
N LEU A 151 -0.53 15.26 2.11
CA LEU A 151 -1.14 15.40 0.80
C LEU A 151 -0.12 15.59 -0.34
N GLU A 152 0.82 16.50 -0.17
CA GLU A 152 1.82 16.76 -1.21
C GLU A 152 2.56 15.46 -1.59
N ASN A 153 2.93 14.66 -0.58
CA ASN A 153 3.58 13.40 -0.85
C ASN A 153 2.64 12.48 -1.60
N HIS A 154 1.37 12.48 -1.18
CA HIS A 154 0.37 11.63 -1.81
C HIS A 154 0.16 12.03 -3.26
N HIS A 155 0.05 13.33 -3.51
CA HIS A 155 -0.15 13.82 -4.88
C HIS A 155 0.97 13.31 -5.78
N LEU A 156 2.19 13.35 -5.27
CA LEU A 156 3.33 12.90 -6.07
C LEU A 156 3.27 11.39 -6.31
N ALA A 157 3.09 10.62 -5.24
CA ALA A 157 3.03 9.18 -5.35
C ALA A 157 1.96 8.75 -6.36
N VAL A 158 0.80 9.39 -6.33
CA VAL A 158 -0.28 9.05 -7.25
C VAL A 158 0.03 9.48 -8.69
N GLY A 159 0.58 10.67 -8.85
CA GLY A 159 0.91 11.15 -10.18
C GLY A 159 1.85 10.20 -10.91
N PHE A 160 2.84 9.70 -10.19
CA PHE A 160 3.80 8.78 -10.76
C PHE A 160 3.23 7.36 -10.92
N LYS A 161 2.52 6.90 -9.90
CA LYS A 161 1.91 5.57 -9.95
C LYS A 161 0.99 5.39 -11.16
N LEU A 162 0.27 6.44 -11.52
CA LEU A 162 -0.65 6.34 -12.66
C LEU A 162 0.06 6.08 -13.99
N LEU A 163 1.37 6.28 -14.03
CA LEU A 163 2.17 6.03 -15.23
C LEU A 163 2.22 4.53 -15.53
N GLN A 164 1.90 3.72 -14.52
CA GLN A 164 1.93 2.28 -14.68
C GLN A 164 0.62 1.65 -15.18
N GLU A 165 -0.43 2.44 -15.34
CA GLU A 165 -1.68 1.86 -15.84
C GLU A 165 -1.49 1.60 -17.33
N GLU A 166 -2.42 0.87 -17.94
CA GLU A 166 -2.32 0.50 -19.35
C GLU A 166 -2.09 1.66 -20.32
N ASN A 167 -0.97 1.60 -21.03
CA ASN A 167 -0.56 2.61 -22.01
C ASN A 167 -0.53 4.03 -21.42
N CYS A 168 0.00 4.16 -20.21
CA CYS A 168 0.06 5.47 -19.55
C CYS A 168 1.49 5.98 -19.30
N ASP A 169 2.50 5.22 -19.70
CA ASP A 169 3.86 5.69 -19.44
C ASP A 169 4.36 6.67 -20.49
N ILE A 170 4.07 7.95 -20.25
CA ILE A 170 4.49 8.98 -21.19
C ILE A 170 5.99 9.20 -21.20
N PHE A 171 6.70 8.64 -20.22
CA PHE A 171 8.15 8.81 -20.17
C PHE A 171 8.88 7.53 -20.59
N GLN A 172 8.15 6.62 -21.25
CA GLN A 172 8.72 5.35 -21.68
C GLN A 172 9.96 5.52 -22.56
N ASN A 173 10.04 6.61 -23.32
CA ASN A 173 11.19 6.80 -24.19
C ASN A 173 12.31 7.68 -23.65
N LEU A 174 12.25 8.08 -22.38
CA LEU A 174 13.32 8.89 -21.81
C LEU A 174 14.40 7.96 -21.29
N THR A 175 15.67 8.39 -21.36
CA THR A 175 16.75 7.58 -20.83
C THR A 175 16.64 7.61 -19.31
N LYS A 176 17.32 6.69 -18.63
CA LYS A 176 17.29 6.66 -17.18
C LYS A 176 17.80 7.99 -16.61
N LYS A 177 18.79 8.58 -17.29
CA LYS A 177 19.36 9.86 -16.87
C LYS A 177 18.29 10.94 -16.90
N GLN A 178 17.55 10.99 -18.00
CA GLN A 178 16.49 11.98 -18.15
C GLN A 178 15.41 11.79 -17.08
N ARG A 179 14.98 10.53 -16.90
CA ARG A 179 13.95 10.22 -15.92
C ARG A 179 14.39 10.53 -14.49
N GLN A 180 15.62 10.20 -14.14
CA GLN A 180 16.10 10.48 -12.79
C GLN A 180 16.11 11.99 -12.55
N SER A 181 16.48 12.75 -13.58
CA SER A 181 16.53 14.20 -13.46
C SER A 181 15.12 14.77 -13.41
N LEU A 182 14.28 14.32 -14.34
CA LEU A 182 12.89 14.76 -14.41
C LEU A 182 12.19 14.49 -13.08
N ARG A 183 12.37 13.28 -12.57
CA ARG A 183 11.73 12.88 -11.33
C ARG A 183 12.15 13.73 -10.13
N LYS A 184 13.44 14.00 -10.01
CA LYS A 184 13.91 14.80 -8.89
C LYS A 184 13.32 16.23 -8.93
N MET A 185 13.28 16.84 -10.10
CA MET A 185 12.75 18.20 -10.22
C MET A 185 11.24 18.26 -9.93
N VAL A 186 10.50 17.26 -10.42
CA VAL A 186 9.06 17.21 -10.21
C VAL A 186 8.76 17.11 -8.72
N ILE A 187 9.50 16.25 -8.04
CA ILE A 187 9.34 16.04 -6.61
C ILE A 187 9.68 17.31 -5.83
N ASP A 188 10.79 17.96 -6.20
CA ASP A 188 11.22 19.19 -5.54
C ASP A 188 10.18 20.28 -5.68
N ILE A 189 9.53 20.33 -6.83
CA ILE A 189 8.53 21.33 -7.12
C ILE A 189 7.19 21.11 -6.40
N VAL A 190 6.68 19.88 -6.47
CA VAL A 190 5.41 19.59 -5.79
C VAL A 190 5.55 19.67 -4.26
N LEU A 191 6.62 19.12 -3.70
CA LEU A 191 6.76 19.20 -2.24
C LEU A 191 6.82 20.67 -1.80
N ALA A 192 7.29 21.54 -2.68
CA ALA A 192 7.39 22.96 -2.37
C ALA A 192 6.02 23.66 -2.37
N THR A 193 4.97 22.97 -2.81
CA THR A 193 3.63 23.56 -2.83
C THR A 193 2.96 23.53 -1.46
N ASP A 194 3.56 22.79 -0.53
CA ASP A 194 3.03 22.72 0.84
C ASP A 194 3.26 24.10 1.43
N MET A 195 2.20 24.74 1.91
CA MET A 195 2.31 26.09 2.49
C MET A 195 3.32 26.20 3.63
N SER A 196 3.66 25.08 4.26
CA SER A 196 4.62 25.13 5.34
C SER A 196 5.99 25.54 4.80
N LYS A 197 6.14 25.51 3.48
CA LYS A 197 7.40 25.88 2.84
C LYS A 197 7.39 27.30 2.29
N HIS A 198 6.24 27.96 2.39
CA HIS A 198 6.10 29.31 1.85
C HIS A 198 7.13 30.35 2.29
N MET A 199 7.23 30.56 3.59
CA MET A 199 8.15 31.56 4.12
C MET A 199 9.60 31.41 3.67
N ASN A 200 10.19 30.24 3.88
CA ASN A 200 11.58 30.03 3.47
C ASN A 200 11.72 30.15 1.96
N LEU A 201 10.73 29.62 1.25
CA LEU A 201 10.73 29.67 -0.20
C LEU A 201 10.81 31.13 -0.64
N LEU A 202 10.02 31.99 -0.01
CA LEU A 202 10.01 33.42 -0.35
C LEU A 202 11.30 34.10 0.08
N ALA A 203 11.82 33.71 1.23
CA ALA A 203 13.05 34.29 1.73
C ALA A 203 14.14 34.15 0.68
N ASP A 204 14.30 32.93 0.16
CA ASP A 204 15.32 32.67 -0.85
C ASP A 204 15.04 33.41 -2.15
N LEU A 205 13.78 33.56 -2.50
CA LEU A 205 13.44 34.28 -3.71
C LEU A 205 13.89 35.73 -3.55
N LYS A 206 13.63 36.30 -2.38
CA LYS A 206 14.02 37.67 -2.09
C LYS A 206 15.53 37.78 -2.21
N THR A 207 16.23 36.88 -1.53
CA THR A 207 17.69 36.87 -1.55
C THR A 207 18.21 36.83 -2.98
N MET A 208 17.62 35.96 -3.80
CA MET A 208 18.03 35.86 -5.19
C MET A 208 17.87 37.19 -5.91
N VAL A 209 16.73 37.84 -5.68
CA VAL A 209 16.48 39.13 -6.32
C VAL A 209 17.51 40.16 -5.87
N GLU A 210 18.03 39.97 -4.67
CA GLU A 210 19.05 40.87 -4.12
C GLU A 210 20.35 40.73 -4.91
N THR A 211 20.78 39.49 -5.09
CA THR A 211 22.01 39.16 -5.82
C THR A 211 21.76 38.89 -7.30
N LYS A 212 20.55 39.21 -7.75
CA LYS A 212 20.13 39.00 -9.13
C LYS A 212 21.25 39.26 -10.16
N LYS A 213 21.37 38.38 -11.14
CA LYS A 213 22.37 38.51 -12.19
C LYS A 213 21.71 38.33 -13.55
N VAL A 214 22.16 39.09 -14.54
CA VAL A 214 21.60 39.00 -15.89
C VAL A 214 22.73 38.79 -16.90
N THR A 215 22.41 38.95 -18.19
CA THR A 215 23.41 38.77 -19.25
C THR A 215 23.31 39.86 -20.32
N SER A 216 23.91 39.61 -21.48
CA SER A 216 23.88 40.56 -22.59
C SER A 216 22.41 40.84 -22.91
N SER A 217 21.58 39.88 -22.54
CA SER A 217 20.14 39.97 -22.75
C SER A 217 19.54 40.17 -21.36
N GLY A 218 18.43 40.89 -21.28
CA GLY A 218 17.80 41.12 -19.99
C GLY A 218 17.32 39.83 -19.36
N VAL A 219 17.92 38.71 -19.78
CA VAL A 219 17.56 37.38 -19.28
C VAL A 219 18.34 36.97 -18.04
N LEU A 220 17.62 36.43 -17.06
CA LEU A 220 18.18 35.97 -15.80
C LEU A 220 19.30 34.95 -15.96
N LEU A 221 20.23 34.95 -15.01
CA LEU A 221 21.36 34.02 -15.01
C LEU A 221 21.22 33.01 -13.87
N LEU A 222 21.11 31.73 -14.20
CA LEU A 222 20.97 30.70 -13.19
C LEU A 222 21.96 29.57 -13.45
N ASP A 223 22.94 29.44 -12.56
CA ASP A 223 24.00 28.44 -12.66
C ASP A 223 23.60 27.07 -12.14
N ASN A 224 23.84 26.89 -10.85
CA ASN A 224 23.58 25.66 -10.10
C ASN A 224 22.13 25.18 -10.10
N TYR A 225 21.97 23.92 -9.69
CA TYR A 225 20.65 23.30 -9.61
C TYR A 225 19.84 24.07 -8.57
N SER A 226 20.48 24.39 -7.45
CA SER A 226 19.83 25.11 -6.36
C SER A 226 19.05 26.35 -6.76
N ASP A 227 19.63 27.18 -7.63
CA ASP A 227 18.94 28.41 -8.06
C ASP A 227 17.94 28.15 -9.15
N ARG A 228 18.22 27.17 -10.00
CA ARG A 228 17.32 26.85 -11.09
C ARG A 228 16.02 26.22 -10.55
N ILE A 229 16.16 25.32 -9.58
CA ILE A 229 15.00 24.67 -9.00
C ILE A 229 14.22 25.64 -8.11
N GLN A 230 14.94 26.56 -7.47
CA GLN A 230 14.31 27.54 -6.60
C GLN A 230 13.33 28.37 -7.39
N VAL A 231 13.77 28.82 -8.56
CA VAL A 231 12.93 29.63 -9.44
C VAL A 231 11.73 28.82 -9.94
N LEU A 232 11.97 27.57 -10.30
CA LEU A 232 10.89 26.70 -10.78
C LEU A 232 9.88 26.42 -9.66
N GLN A 233 10.38 26.22 -8.44
CA GLN A 233 9.51 25.97 -7.30
C GLN A 233 8.62 27.20 -7.04
N ASN A 234 9.24 28.38 -6.98
CA ASN A 234 8.49 29.61 -6.75
C ASN A 234 7.57 29.93 -7.92
N MET A 235 7.94 29.49 -9.12
CA MET A 235 7.11 29.75 -10.27
C MET A 235 5.79 29.00 -10.16
N VAL A 236 5.87 27.70 -9.86
CA VAL A 236 4.67 26.87 -9.72
C VAL A 236 3.89 27.24 -8.46
N HIS A 237 4.61 27.71 -7.44
CA HIS A 237 4.00 28.13 -6.18
C HIS A 237 3.17 29.39 -6.49
N CYS A 238 3.71 30.28 -7.31
CA CYS A 238 2.99 31.49 -7.70
C CYS A 238 1.75 31.11 -8.50
N ALA A 239 1.91 30.14 -9.40
CA ALA A 239 0.80 29.67 -10.22
C ALA A 239 -0.33 29.10 -9.33
N ASP A 240 0.07 28.35 -8.30
CA ASP A 240 -0.88 27.73 -7.38
C ASP A 240 -1.56 28.84 -6.57
N LEU A 241 -0.85 29.97 -6.40
CA LEU A 241 -1.37 31.11 -5.67
C LEU A 241 -1.66 32.28 -6.62
N SER A 242 -2.17 31.99 -7.81
CA SER A 242 -2.44 33.04 -8.81
C SER A 242 -3.89 33.49 -8.94
N ASN A 243 -4.81 32.84 -8.22
CA ASN A 243 -6.21 33.21 -8.30
C ASN A 243 -6.46 34.73 -8.14
N PRO A 244 -5.91 35.35 -7.08
CA PRO A 244 -6.11 36.79 -6.85
C PRO A 244 -5.54 37.72 -7.91
N THR A 245 -4.67 37.20 -8.78
CA THR A 245 -4.07 38.03 -9.82
C THR A 245 -4.81 37.95 -11.15
N LYS A 246 -5.85 37.13 -11.19
CA LYS A 246 -6.64 36.97 -12.41
C LYS A 246 -7.79 38.00 -12.45
N PRO A 247 -8.43 38.18 -13.61
CA PRO A 247 -9.54 39.15 -13.69
C PRO A 247 -10.57 38.80 -12.62
N LEU A 248 -11.14 39.83 -12.00
CA LEU A 248 -12.11 39.64 -10.93
C LEU A 248 -13.17 38.56 -11.16
N GLN A 249 -13.66 38.47 -12.40
CA GLN A 249 -14.69 37.48 -12.71
C GLN A 249 -14.20 36.07 -12.40
N LEU A 250 -12.93 35.80 -12.73
CA LEU A 250 -12.34 34.49 -12.49
C LEU A 250 -11.97 34.34 -11.01
N TYR A 251 -11.29 35.34 -10.47
CA TYR A 251 -10.88 35.33 -9.08
C TYR A 251 -12.05 35.02 -8.14
N ARG A 252 -13.19 35.64 -8.37
CA ARG A 252 -14.37 35.41 -7.52
C ARG A 252 -14.88 33.98 -7.58
N GLN A 253 -14.82 33.37 -8.75
CA GLN A 253 -15.28 31.99 -8.89
C GLN A 253 -14.38 31.09 -8.04
N TRP A 254 -13.09 31.43 -8.00
CA TRP A 254 -12.14 30.65 -7.22
C TRP A 254 -12.41 30.83 -5.73
N THR A 255 -12.70 32.07 -5.33
CA THR A 255 -12.99 32.35 -3.93
C THR A 255 -14.24 31.58 -3.50
N ASP A 256 -15.27 31.58 -4.34
CA ASP A 256 -16.50 30.86 -4.02
C ASP A 256 -16.19 29.38 -3.79
N ARG A 257 -15.30 28.84 -4.61
CA ARG A 257 -14.93 27.43 -4.51
C ARG A 257 -14.10 27.08 -3.27
N ILE A 258 -13.04 27.83 -2.99
CA ILE A 258 -12.22 27.55 -1.83
C ILE A 258 -13.08 27.72 -0.57
N MET A 259 -13.94 28.74 -0.57
CA MET A 259 -14.81 28.97 0.59
C MET A 259 -15.76 27.79 0.77
N GLU A 260 -16.30 27.29 -0.34
CA GLU A 260 -17.22 26.14 -0.24
C GLU A 260 -16.48 24.95 0.36
N GLU A 261 -15.26 24.69 -0.12
CA GLU A 261 -14.44 23.58 0.38
C GLU A 261 -14.13 23.75 1.88
N PHE A 262 -13.78 24.98 2.27
CA PHE A 262 -13.47 25.30 3.67
C PHE A 262 -14.68 25.02 4.55
N PHE A 263 -15.83 25.56 4.18
CA PHE A 263 -17.05 25.38 4.95
C PHE A 263 -17.46 23.92 5.05
N ARG A 264 -17.20 23.16 3.99
CA ARG A 264 -17.52 21.75 4.00
C ARG A 264 -16.64 21.05 5.05
N GLN A 265 -15.38 21.43 5.12
CA GLN A 265 -14.47 20.83 6.10
C GLN A 265 -14.93 21.23 7.50
N GLY A 266 -15.32 22.50 7.62
CA GLY A 266 -15.80 23.01 8.89
C GLY A 266 -17.00 22.23 9.39
N ASP A 267 -17.93 21.93 8.49
CA ASP A 267 -19.12 21.19 8.87
C ASP A 267 -18.75 19.78 9.33
N ARG A 268 -17.72 19.20 8.70
CA ARG A 268 -17.30 17.85 9.06
C ARG A 268 -16.61 17.89 10.43
N GLU A 269 -15.80 18.92 10.65
CA GLU A 269 -15.12 19.07 11.93
C GLU A 269 -16.19 19.27 13.01
N ARG A 270 -17.22 20.07 12.72
CA ARG A 270 -18.27 20.33 13.71
C ARG A 270 -19.06 19.05 14.04
N GLU A 271 -19.41 18.27 13.01
CA GLU A 271 -20.14 17.00 13.22
C GLU A 271 -19.36 16.14 14.20
N ARG A 272 -18.06 16.06 13.95
CA ARG A 272 -17.12 15.25 14.72
C ARG A 272 -16.71 15.81 16.08
N GLY A 273 -17.21 16.99 16.42
CA GLY A 273 -16.86 17.58 17.70
C GLY A 273 -15.40 18.01 17.73
N MET A 274 -14.85 18.30 16.55
CA MET A 274 -13.47 18.74 16.45
C MET A 274 -13.48 20.27 16.43
N GLU A 275 -12.33 20.87 16.71
CA GLU A 275 -12.23 22.32 16.66
C GLU A 275 -12.30 22.70 15.18
N ILE A 276 -13.07 23.73 14.84
CA ILE A 276 -13.20 24.15 13.45
C ILE A 276 -11.98 24.95 13.00
N SER A 277 -11.39 24.53 11.90
CA SER A 277 -10.20 25.19 11.37
C SER A 277 -10.51 26.64 11.01
N PRO A 278 -9.47 27.49 10.97
CA PRO A 278 -9.67 28.90 10.64
C PRO A 278 -10.35 29.12 9.28
N MET A 279 -11.33 30.02 9.26
CA MET A 279 -12.05 30.35 8.04
C MET A 279 -12.97 29.24 7.55
N CYS A 280 -13.14 28.17 8.33
CA CYS A 280 -13.99 27.07 7.89
C CYS A 280 -15.36 27.02 8.57
N ASP A 281 -15.71 28.06 9.33
CA ASP A 281 -17.01 28.10 9.99
C ASP A 281 -17.95 29.00 9.21
N LYS A 282 -18.88 28.39 8.48
CA LYS A 282 -19.83 29.15 7.67
C LYS A 282 -20.68 30.08 8.54
N HIS A 283 -20.76 29.79 9.84
CA HIS A 283 -21.55 30.59 10.77
C HIS A 283 -20.80 31.80 11.35
N ASN A 284 -19.49 31.81 11.18
CA ASN A 284 -18.68 32.92 11.69
C ASN A 284 -17.56 33.21 10.70
N ALA A 285 -17.94 33.61 9.50
CA ALA A 285 -16.96 33.89 8.47
C ALA A 285 -16.86 35.36 8.08
N SER A 286 -15.84 35.67 7.28
CA SER A 286 -15.58 37.01 6.80
C SER A 286 -14.83 36.83 5.48
N VAL A 287 -15.55 36.30 4.49
CA VAL A 287 -14.99 36.02 3.17
C VAL A 287 -14.12 37.16 2.65
N GLU A 288 -14.64 38.39 2.71
CA GLU A 288 -13.91 39.55 2.23
C GLU A 288 -12.66 39.85 3.05
N LYS A 289 -12.83 39.89 4.37
CA LYS A 289 -11.69 40.18 5.25
C LYS A 289 -10.61 39.13 5.06
N SER A 290 -11.02 37.89 4.86
CA SER A 290 -10.08 36.80 4.67
C SER A 290 -9.32 36.93 3.35
N GLN A 291 -10.01 37.30 2.27
CA GLN A 291 -9.32 37.48 0.99
C GLN A 291 -8.32 38.63 1.11
N VAL A 292 -8.68 39.67 1.87
CA VAL A 292 -7.78 40.80 2.04
C VAL A 292 -6.52 40.38 2.79
N GLY A 293 -6.69 39.62 3.87
CA GLY A 293 -5.55 39.15 4.64
C GLY A 293 -4.68 38.22 3.82
N PHE A 294 -5.34 37.34 3.07
CA PHE A 294 -4.66 36.37 2.21
C PHE A 294 -3.73 37.10 1.25
N ILE A 295 -4.22 38.19 0.68
CA ILE A 295 -3.43 38.97 -0.26
C ILE A 295 -2.31 39.75 0.43
N ASP A 296 -2.66 40.48 1.49
CA ASP A 296 -1.66 41.28 2.21
C ASP A 296 -0.50 40.51 2.81
N TYR A 297 -0.75 39.33 3.37
CA TYR A 297 0.32 38.57 3.99
C TYR A 297 0.94 37.46 3.16
N ILE A 298 0.23 36.95 2.16
CA ILE A 298 0.78 35.86 1.37
C ILE A 298 0.95 36.14 -0.11
N VAL A 299 -0.17 36.31 -0.80
CA VAL A 299 -0.14 36.53 -2.23
C VAL A 299 0.64 37.77 -2.71
N HIS A 300 0.30 38.95 -2.21
CA HIS A 300 1.01 40.15 -2.66
C HIS A 300 2.51 40.09 -2.40
N PRO A 301 2.93 39.64 -1.20
CA PRO A 301 4.35 39.57 -0.91
C PRO A 301 5.09 38.64 -1.88
N LEU A 302 4.44 37.52 -2.23
CA LEU A 302 5.05 36.57 -3.14
C LEU A 302 5.15 37.16 -4.53
N TRP A 303 4.02 37.60 -5.07
CA TRP A 303 4.01 38.18 -6.41
C TRP A 303 4.81 39.45 -6.56
N GLU A 304 4.90 40.24 -5.50
CA GLU A 304 5.66 41.49 -5.57
C GLU A 304 7.11 41.15 -5.84
N THR A 305 7.61 40.19 -5.09
CA THR A 305 8.98 39.73 -5.20
C THR A 305 9.25 39.13 -6.59
N TRP A 306 8.31 38.31 -7.06
CA TRP A 306 8.44 37.69 -8.36
C TRP A 306 8.54 38.76 -9.42
N ALA A 307 7.70 39.78 -9.31
CA ALA A 307 7.69 40.89 -10.26
C ALA A 307 9.07 41.56 -10.31
N ASP A 308 9.74 41.60 -9.16
CA ASP A 308 11.08 42.18 -9.08
C ASP A 308 12.04 41.33 -9.90
N LEU A 309 11.97 40.01 -9.67
CA LEU A 309 12.82 39.05 -10.36
C LEU A 309 12.69 39.12 -11.88
N VAL A 310 11.47 39.23 -12.38
CA VAL A 310 11.24 39.29 -13.82
C VAL A 310 10.81 40.68 -14.29
N HIS A 311 11.14 41.70 -13.50
CA HIS A 311 10.75 43.08 -13.86
C HIS A 311 11.17 43.42 -15.28
N PRO A 312 10.27 44.06 -16.04
CA PRO A 312 8.93 44.47 -15.65
C PRO A 312 7.84 43.54 -16.18
N ASP A 313 8.20 42.30 -16.49
CA ASP A 313 7.26 41.32 -17.03
C ASP A 313 5.91 41.18 -16.33
N ALA A 314 5.93 41.05 -15.00
CA ALA A 314 4.71 40.86 -14.23
C ALA A 314 3.96 42.11 -13.77
N GLN A 315 4.31 43.26 -14.34
CA GLN A 315 3.66 44.51 -13.94
C GLN A 315 2.13 44.45 -13.94
N ASP A 316 1.54 44.07 -15.07
CA ASP A 316 0.08 44.00 -15.19
C ASP A 316 -0.54 43.03 -14.19
N ILE A 317 0.07 41.87 -14.01
CA ILE A 317 -0.44 40.88 -13.07
C ILE A 317 -0.50 41.55 -11.68
N LEU A 318 0.58 42.22 -11.33
CA LEU A 318 0.69 42.89 -10.04
C LEU A 318 -0.38 43.98 -9.87
N ASP A 319 -0.60 44.77 -10.92
CA ASP A 319 -1.60 45.82 -10.83
C ASP A 319 -3.00 45.24 -10.69
N THR A 320 -3.26 44.11 -11.35
CA THR A 320 -4.56 43.46 -11.27
C THR A 320 -4.77 42.96 -9.84
N LEU A 321 -3.73 42.39 -9.26
CA LEU A 321 -3.80 41.90 -7.89
C LEU A 321 -4.20 43.03 -6.97
N GLU A 322 -3.56 44.18 -7.14
CA GLU A 322 -3.85 45.35 -6.30
C GLU A 322 -5.26 45.88 -6.54
N ASP A 323 -5.73 45.84 -7.78
CA ASP A 323 -7.08 46.29 -8.05
C ASP A 323 -8.06 45.36 -7.33
N ASN A 324 -7.85 44.05 -7.45
CA ASN A 324 -8.73 43.08 -6.78
C ASN A 324 -8.67 43.20 -5.26
N ARG A 325 -7.51 43.55 -4.75
CA ARG A 325 -7.34 43.71 -3.30
C ARG A 325 -8.25 44.86 -2.86
N GLU A 326 -8.19 45.97 -3.59
CA GLU A 326 -9.00 47.14 -3.27
C GLU A 326 -10.49 46.82 -3.37
N TRP A 327 -10.84 46.02 -4.38
CA TRP A 327 -12.24 45.65 -4.58
C TRP A 327 -12.78 44.88 -3.38
N TYR A 328 -12.06 43.85 -2.96
CA TYR A 328 -12.50 43.07 -1.82
C TYR A 328 -12.53 43.93 -0.56
N GLN A 329 -11.51 44.77 -0.41
CA GLN A 329 -11.41 45.67 0.74
C GLN A 329 -12.67 46.54 0.82
N SER A 330 -13.03 47.14 -0.31
CA SER A 330 -14.20 48.02 -0.36
C SER A 330 -15.50 47.25 -0.18
N THR A 331 -15.42 45.93 -0.20
CA THR A 331 -16.59 45.07 -0.05
C THR A 331 -16.81 44.68 1.41
N ILE A 332 -15.80 44.92 2.24
CA ILE A 332 -15.92 44.58 3.65
C ILE A 332 -16.98 45.44 4.33
N PRO A 333 -18.05 44.82 4.83
CA PRO A 333 -19.12 45.55 5.50
C PRO A 333 -18.66 45.98 6.90
N GLN A 334 -18.94 47.22 7.28
CA GLN A 334 -18.55 47.72 8.59
C GLN A 334 -19.73 47.93 9.53
N THR B 8 17.73 -22.57 33.02
CA THR B 8 17.93 -21.16 33.50
C THR B 8 19.38 -20.93 33.90
N GLU B 9 20.23 -21.90 33.59
CA GLU B 9 21.66 -21.79 33.91
C GLU B 9 22.24 -20.51 33.32
N GLN B 10 21.95 -20.29 32.03
CA GLN B 10 22.44 -19.10 31.34
C GLN B 10 21.57 -17.90 31.70
N GLU B 11 20.38 -18.18 32.21
CA GLU B 11 19.46 -17.14 32.62
C GLU B 11 20.17 -16.28 33.66
N ASP B 12 21.14 -16.88 34.33
CA ASP B 12 21.92 -16.19 35.35
C ASP B 12 22.97 -15.32 34.68
N VAL B 13 23.55 -15.83 33.60
CA VAL B 13 24.57 -15.12 32.85
C VAL B 13 23.95 -13.89 32.20
N LEU B 14 22.82 -14.10 31.53
CA LEU B 14 22.11 -13.01 30.87
C LEU B 14 21.75 -11.98 31.93
N ALA B 15 21.13 -12.45 33.00
CA ALA B 15 20.73 -11.58 34.11
C ALA B 15 21.89 -10.71 34.56
N LYS B 16 23.03 -11.35 34.83
CA LYS B 16 24.22 -10.60 35.26
C LYS B 16 24.69 -9.65 34.18
N GLU B 17 24.72 -10.12 32.94
CA GLU B 17 25.15 -9.27 31.82
C GLU B 17 24.31 -8.00 31.80
N LEU B 18 23.00 -8.16 31.96
CA LEU B 18 22.09 -7.03 31.95
C LEU B 18 22.36 -6.01 33.04
N GLU B 19 23.01 -6.44 34.12
CA GLU B 19 23.32 -5.53 35.22
C GLU B 19 24.07 -4.30 34.71
N ASP B 20 24.55 -4.37 33.48
CA ASP B 20 25.30 -3.26 32.88
C ASP B 20 24.46 -2.36 31.97
N VAL B 21 23.16 -2.63 31.87
CA VAL B 21 22.29 -1.83 31.02
C VAL B 21 22.47 -0.32 31.14
N ASN B 22 22.90 0.15 32.32
CA ASN B 22 23.10 1.58 32.52
C ASN B 22 24.52 2.00 32.20
N LYS B 23 25.36 1.05 31.81
CA LYS B 23 26.74 1.34 31.50
C LYS B 23 27.07 1.38 30.01
N TRP B 24 27.87 2.37 29.63
CA TRP B 24 28.29 2.56 28.24
C TRP B 24 29.34 1.51 27.90
N GLY B 25 28.93 0.47 27.18
CA GLY B 25 29.85 -0.59 26.81
C GLY B 25 29.27 -1.96 27.09
N LEU B 26 27.96 -2.02 27.28
CA LEU B 26 27.28 -3.28 27.54
C LEU B 26 27.70 -4.33 26.50
N HIS B 27 27.77 -5.59 26.93
CA HIS B 27 28.14 -6.68 26.04
C HIS B 27 26.88 -7.08 25.27
N VAL B 28 26.40 -6.18 24.44
CA VAL B 28 25.19 -6.41 23.66
C VAL B 28 25.22 -7.70 22.85
N PHE B 29 26.37 -8.01 22.26
CA PHE B 29 26.50 -9.23 21.47
C PHE B 29 26.32 -10.49 22.32
N ARG B 30 26.81 -10.46 23.56
CA ARG B 30 26.66 -11.60 24.45
C ARG B 30 25.18 -11.75 24.78
N ILE B 31 24.56 -10.63 25.13
CA ILE B 31 23.15 -10.61 25.47
C ILE B 31 22.34 -11.17 24.31
N ALA B 32 22.72 -10.81 23.09
CA ALA B 32 22.04 -11.30 21.91
C ALA B 32 22.11 -12.83 21.92
N GLU B 33 23.29 -13.36 22.22
CA GLU B 33 23.46 -14.81 22.27
C GLU B 33 22.70 -15.44 23.42
N LEU B 34 22.91 -14.91 24.62
CA LEU B 34 22.25 -15.43 25.81
C LEU B 34 20.74 -15.42 25.70
N SER B 35 20.17 -14.35 25.14
CA SER B 35 18.72 -14.24 25.00
C SER B 35 18.11 -15.07 23.87
N GLY B 36 18.95 -15.70 23.06
CA GLY B 36 18.44 -16.49 21.94
C GLY B 36 18.06 -15.56 20.80
N ASN B 37 18.88 -14.53 20.59
CA ASN B 37 18.67 -13.53 19.54
C ASN B 37 17.46 -12.66 19.82
N ARG B 38 17.33 -12.24 21.08
CA ARG B 38 16.24 -11.37 21.49
C ARG B 38 16.79 -10.19 22.29
N PRO B 39 17.90 -9.60 21.82
CA PRO B 39 18.52 -8.47 22.52
C PRO B 39 17.59 -7.26 22.65
N LEU B 40 16.88 -6.94 21.58
CA LEU B 40 15.97 -5.80 21.59
C LEU B 40 14.83 -6.01 22.59
N THR B 41 14.28 -7.21 22.62
CA THR B 41 13.20 -7.49 23.54
C THR B 41 13.60 -7.49 25.03
N VAL B 42 14.72 -8.13 25.37
CA VAL B 42 15.14 -8.18 26.76
C VAL B 42 15.67 -6.83 27.25
N ILE B 43 16.48 -6.17 26.44
CA ILE B 43 17.00 -4.87 26.82
C ILE B 43 15.88 -3.86 26.99
N MET B 44 14.99 -3.76 26.01
CA MET B 44 13.85 -2.84 26.08
C MET B 44 13.03 -3.14 27.32
N HIS B 45 12.76 -4.43 27.55
CA HIS B 45 11.97 -4.84 28.70
C HIS B 45 12.64 -4.42 30.02
N THR B 46 13.96 -4.51 30.06
CA THR B 46 14.68 -4.14 31.27
C THR B 46 14.63 -2.63 31.48
N ILE B 47 14.86 -1.88 30.40
CA ILE B 47 14.84 -0.43 30.47
C ILE B 47 13.46 0.10 30.89
N PHE B 48 12.40 -0.56 30.44
CA PHE B 48 11.05 -0.15 30.79
C PHE B 48 10.77 -0.44 32.26
N GLN B 49 11.16 -1.62 32.73
CA GLN B 49 10.96 -1.99 34.14
C GLN B 49 11.77 -1.03 34.99
N GLU B 50 13.04 -0.84 34.62
CA GLU B 50 13.96 0.03 35.31
C GLU B 50 13.39 1.45 35.47
N ARG B 51 12.90 2.01 34.37
CA ARG B 51 12.34 3.36 34.40
C ARG B 51 10.88 3.38 34.84
N ASP B 52 10.38 2.23 35.28
CA ASP B 52 9.02 2.10 35.77
C ASP B 52 7.99 2.62 34.76
N LEU B 53 8.31 2.46 33.48
CA LEU B 53 7.43 2.92 32.41
C LEU B 53 6.13 2.13 32.28
N LEU B 54 6.13 0.86 32.69
CA LEU B 54 4.92 0.05 32.59
C LEU B 54 3.81 0.55 33.50
N LYS B 55 4.14 0.92 34.73
CA LYS B 55 3.13 1.41 35.67
C LYS B 55 2.75 2.85 35.34
N THR B 56 3.76 3.66 35.02
CA THR B 56 3.55 5.06 34.70
C THR B 56 2.56 5.24 33.54
N PHE B 57 2.75 4.46 32.47
CA PHE B 57 1.88 4.56 31.32
C PHE B 57 0.90 3.39 31.21
N LYS B 58 0.72 2.68 32.31
CA LYS B 58 -0.21 1.56 32.38
C LYS B 58 -0.09 0.64 31.17
N ILE B 59 1.10 0.09 30.97
CA ILE B 59 1.35 -0.80 29.85
C ILE B 59 1.30 -2.26 30.30
N PRO B 60 0.26 -2.99 29.90
CA PRO B 60 0.17 -4.40 30.29
C PRO B 60 1.44 -5.13 29.86
N VAL B 61 2.03 -5.86 30.80
CA VAL B 61 3.28 -6.59 30.55
C VAL B 61 3.25 -7.50 29.32
N ASP B 62 2.17 -8.26 29.17
CA ASP B 62 2.04 -9.17 28.04
C ASP B 62 2.01 -8.38 26.74
N THR B 63 1.34 -7.23 26.77
CA THR B 63 1.24 -6.38 25.59
C THR B 63 2.61 -5.85 25.18
N LEU B 64 3.39 -5.39 26.16
CA LEU B 64 4.72 -4.88 25.89
C LEU B 64 5.62 -5.95 25.24
N ILE B 65 5.67 -7.11 25.87
CA ILE B 65 6.50 -8.20 25.37
C ILE B 65 6.07 -8.70 23.99
N THR B 66 4.77 -8.73 23.73
CA THR B 66 4.25 -9.16 22.43
C THR B 66 4.69 -8.15 21.36
N TYR B 67 4.61 -6.85 21.66
CA TYR B 67 5.01 -5.84 20.69
C TYR B 67 6.50 -5.88 20.45
N LEU B 68 7.27 -5.97 21.53
CA LEU B 68 8.71 -6.00 21.41
C LEU B 68 9.15 -7.18 20.53
N MET B 69 8.60 -8.37 20.77
CA MET B 69 8.97 -9.52 19.96
C MET B 69 8.58 -9.28 18.50
N THR B 70 7.40 -8.71 18.30
CA THR B 70 6.88 -8.40 16.97
C THR B 70 7.79 -7.39 16.27
N LEU B 71 8.14 -6.32 16.99
CA LEU B 71 9.03 -5.30 16.44
C LEU B 71 10.37 -5.94 16.09
N GLU B 72 10.93 -6.69 17.03
CA GLU B 72 12.20 -7.36 16.80
C GLU B 72 12.12 -8.27 15.58
N ASP B 73 11.01 -9.01 15.48
CA ASP B 73 10.80 -9.93 14.35
C ASP B 73 10.83 -9.21 13.01
N HIS B 74 10.53 -7.92 13.01
CA HIS B 74 10.53 -7.17 11.76
C HIS B 74 11.89 -6.57 11.39
N TYR B 75 12.91 -6.93 12.15
CA TYR B 75 14.27 -6.51 11.85
C TYR B 75 14.80 -7.75 11.13
N HIS B 76 15.57 -7.55 10.05
CA HIS B 76 16.07 -8.66 9.26
C HIS B 76 17.26 -9.41 9.83
N ALA B 77 17.05 -10.68 10.14
CA ALA B 77 18.09 -11.53 10.70
C ALA B 77 19.24 -11.76 9.71
N ASP B 78 18.97 -11.57 8.43
CA ASP B 78 19.99 -11.79 7.41
C ASP B 78 20.83 -10.55 7.08
N VAL B 79 20.50 -9.42 7.69
CA VAL B 79 21.23 -8.18 7.46
C VAL B 79 22.37 -8.08 8.48
N ALA B 80 23.58 -7.84 7.98
CA ALA B 80 24.78 -7.78 8.81
C ALA B 80 24.84 -6.68 9.88
N TYR B 81 24.56 -5.45 9.50
CA TYR B 81 24.60 -4.37 10.49
C TYR B 81 23.24 -3.90 10.98
N HIS B 82 22.39 -3.43 10.07
CA HIS B 82 21.07 -2.93 10.44
C HIS B 82 20.04 -3.98 10.83
N ASN B 83 20.30 -4.64 11.95
CA ASN B 83 19.42 -5.68 12.45
C ASN B 83 18.95 -5.36 13.87
N ASN B 84 18.38 -6.37 14.52
CA ASN B 84 17.86 -6.21 15.88
C ASN B 84 18.94 -5.90 16.92
N ILE B 85 20.18 -6.27 16.61
CA ILE B 85 21.27 -6.02 17.55
C ILE B 85 21.61 -4.52 17.53
N HIS B 86 21.69 -3.94 16.33
CA HIS B 86 21.95 -2.51 16.19
C HIS B 86 20.86 -1.73 16.90
N ALA B 87 19.62 -2.21 16.76
CA ALA B 87 18.48 -1.56 17.38
C ALA B 87 18.59 -1.58 18.90
N ALA B 88 18.87 -2.77 19.44
CA ALA B 88 19.03 -2.92 20.88
C ALA B 88 20.15 -2.01 21.37
N ASP B 89 21.19 -1.88 20.54
CA ASP B 89 22.35 -1.06 20.86
C ASP B 89 21.99 0.44 20.91
N VAL B 90 21.24 0.93 19.94
CA VAL B 90 20.88 2.35 19.93
C VAL B 90 19.92 2.68 21.08
N VAL B 91 19.07 1.72 21.43
CA VAL B 91 18.13 1.89 22.52
C VAL B 91 18.91 2.04 23.83
N GLN B 92 19.74 1.04 24.11
CA GLN B 92 20.55 1.02 25.31
C GLN B 92 21.44 2.25 25.41
N SER B 93 21.96 2.71 24.27
CA SER B 93 22.81 3.89 24.25
C SER B 93 22.03 5.17 24.51
N THR B 94 20.85 5.28 23.92
CA THR B 94 20.02 6.46 24.13
C THR B 94 19.64 6.47 25.61
N HIS B 95 19.46 5.27 26.15
CA HIS B 95 19.08 5.07 27.55
C HIS B 95 20.15 5.61 28.51
N VAL B 96 21.41 5.49 28.12
CA VAL B 96 22.51 5.98 28.94
C VAL B 96 22.62 7.48 28.76
N LEU B 97 22.49 7.93 27.51
CA LEU B 97 22.57 9.34 27.18
C LEU B 97 21.47 10.15 27.87
N LEU B 98 20.37 9.49 28.22
CA LEU B 98 19.27 10.18 28.90
C LEU B 98 19.61 10.38 30.37
N SER B 99 20.33 9.43 30.94
CA SER B 99 20.72 9.51 32.34
C SER B 99 21.98 10.34 32.52
N THR B 100 22.34 11.11 31.50
CA THR B 100 23.53 11.95 31.60
C THR B 100 23.26 13.07 32.62
N PRO B 101 24.04 13.11 33.71
CA PRO B 101 23.93 14.10 34.77
C PRO B 101 23.45 15.49 34.35
N ALA B 102 23.95 15.98 33.23
CA ALA B 102 23.56 17.29 32.73
C ALA B 102 22.12 17.37 32.23
N LEU B 103 21.36 16.29 32.44
CA LEU B 103 19.97 16.27 31.99
C LEU B 103 19.03 15.71 33.04
N GLU B 104 19.55 15.52 34.26
CA GLU B 104 18.74 14.98 35.34
C GLU B 104 17.44 15.75 35.50
N ALA B 105 16.32 15.03 35.53
CA ALA B 105 14.99 15.60 35.69
C ALA B 105 14.60 16.66 34.66
N VAL B 106 15.21 16.61 33.49
CA VAL B 106 14.90 17.59 32.44
C VAL B 106 13.70 17.19 31.61
N PHE B 107 13.69 15.94 31.16
CA PHE B 107 12.61 15.43 30.32
C PHE B 107 11.50 14.69 31.06
N THR B 108 10.29 14.79 30.54
CA THR B 108 9.13 14.14 31.13
C THR B 108 9.17 12.65 30.81
N ASP B 109 8.38 11.85 31.53
CA ASP B 109 8.35 10.42 31.28
C ASP B 109 7.93 10.17 29.84
N LEU B 110 7.07 11.04 29.30
CA LEU B 110 6.60 10.89 27.94
C LEU B 110 7.71 11.13 26.92
N GLU B 111 8.52 12.15 27.16
CA GLU B 111 9.62 12.48 26.26
C GLU B 111 10.65 11.35 26.33
N ILE B 112 10.82 10.79 27.51
CA ILE B 112 11.73 9.69 27.73
C ILE B 112 11.19 8.48 26.99
N LEU B 113 9.89 8.23 27.14
CA LEU B 113 9.26 7.12 26.45
C LEU B 113 9.47 7.27 24.95
N ALA B 114 9.29 8.50 24.46
CA ALA B 114 9.44 8.80 23.05
C ALA B 114 10.85 8.53 22.50
N ALA B 115 11.86 8.97 23.24
CA ALA B 115 13.24 8.78 22.81
C ALA B 115 13.58 7.28 22.72
N ILE B 116 13.21 6.53 23.75
CA ILE B 116 13.48 5.10 23.77
C ILE B 116 12.69 4.37 22.68
N PHE B 117 11.40 4.66 22.58
CA PHE B 117 10.57 4.01 21.56
C PHE B 117 11.11 4.33 20.17
N ALA B 118 11.43 5.60 19.93
CA ALA B 118 11.98 6.00 18.65
C ALA B 118 13.23 5.20 18.30
N SER B 119 14.10 5.01 19.30
CA SER B 119 15.34 4.26 19.10
C SER B 119 15.09 2.78 18.75
N ALA B 120 14.12 2.16 19.41
CA ALA B 120 13.81 0.76 19.16
C ALA B 120 13.27 0.53 17.75
N ILE B 121 12.51 1.48 17.22
CA ILE B 121 11.93 1.33 15.88
C ILE B 121 12.70 2.02 14.75
N HIS B 122 13.66 2.87 15.08
CA HIS B 122 14.38 3.67 14.08
C HIS B 122 14.93 3.02 12.81
N ASP B 123 15.14 1.70 12.82
CA ASP B 123 15.65 1.02 11.62
C ASP B 123 14.85 -0.24 11.32
N VAL B 124 13.65 -0.38 11.88
CA VAL B 124 12.87 -1.60 11.66
C VAL B 124 12.59 -1.88 10.19
N ASP B 125 12.75 -3.15 9.82
CA ASP B 125 12.53 -3.63 8.45
C ASP B 125 13.54 -3.06 7.44
N HIS B 126 14.74 -2.79 7.93
CA HIS B 126 15.81 -2.27 7.08
C HIS B 126 16.25 -3.43 6.18
N PRO B 127 16.29 -3.20 4.85
CA PRO B 127 16.68 -4.20 3.85
C PRO B 127 18.17 -4.43 3.67
N GLY B 128 19.00 -3.64 4.36
CA GLY B 128 20.43 -3.82 4.22
C GLY B 128 21.03 -3.06 3.06
N VAL B 129 20.25 -2.22 2.41
CA VAL B 129 20.74 -1.41 1.30
C VAL B 129 20.35 0.04 1.56
N SER B 130 21.07 0.96 0.91
CA SER B 130 20.84 2.40 1.10
C SER B 130 19.64 2.94 0.35
N ASN B 131 19.24 4.15 0.73
CA ASN B 131 18.14 4.84 0.10
C ASN B 131 18.43 4.99 -1.39
N GLN B 132 19.65 5.37 -1.74
CA GLN B 132 19.99 5.58 -3.14
C GLN B 132 19.84 4.30 -3.96
N PHE B 133 20.13 3.16 -3.36
CA PHE B 133 19.99 1.90 -4.08
C PHE B 133 18.51 1.65 -4.35
N LEU B 134 17.67 1.93 -3.36
CA LEU B 134 16.23 1.76 -3.51
C LEU B 134 15.69 2.74 -4.55
N ILE B 135 16.26 3.94 -4.56
CA ILE B 135 15.86 4.96 -5.50
C ILE B 135 16.23 4.55 -6.91
N ASN B 136 17.51 4.19 -7.12
CA ASN B 136 17.99 3.79 -8.44
C ASN B 136 17.19 2.67 -9.09
N THR B 137 16.79 1.69 -8.29
CA THR B 137 16.04 0.54 -8.80
C THR B 137 14.54 0.77 -9.00
N ASN B 138 14.06 1.95 -8.59
CA ASN B 138 12.64 2.29 -8.70
C ASN B 138 11.85 1.34 -7.81
N SER B 139 12.38 1.07 -6.62
CA SER B 139 11.71 0.18 -5.68
C SER B 139 10.37 0.79 -5.27
N GLU B 140 9.46 -0.08 -4.83
CA GLU B 140 8.15 0.36 -4.39
C GLU B 140 8.27 1.36 -3.22
N LEU B 141 9.22 1.14 -2.33
CA LEU B 141 9.40 2.05 -1.20
C LEU B 141 9.78 3.46 -1.64
N ALA B 142 10.70 3.56 -2.59
CA ALA B 142 11.14 4.85 -3.09
C ALA B 142 9.99 5.53 -3.82
N LEU B 143 9.14 4.73 -4.47
CA LEU B 143 8.01 5.28 -5.20
C LEU B 143 6.96 5.83 -4.23
N MET B 144 6.78 5.13 -3.12
CA MET B 144 5.82 5.56 -2.12
C MET B 144 6.26 6.84 -1.43
N TYR B 145 7.55 6.95 -1.12
CA TYR B 145 8.07 8.12 -0.42
C TYR B 145 8.77 9.20 -1.23
N ASN B 146 8.59 9.14 -2.54
CA ASN B 146 9.17 10.12 -3.43
C ASN B 146 10.67 10.36 -3.25
N ASP B 147 11.41 9.27 -3.15
CA ASP B 147 12.86 9.29 -2.98
C ASP B 147 13.38 10.15 -1.83
N SER B 148 12.51 10.49 -0.87
CA SER B 148 12.93 11.34 0.24
C SER B 148 12.88 10.61 1.58
N SER B 149 14.04 10.46 2.21
CA SER B 149 14.13 9.76 3.48
C SER B 149 13.31 8.48 3.37
N VAL B 150 13.47 7.78 2.25
CA VAL B 150 12.72 6.56 1.99
C VAL B 150 12.68 5.60 3.17
N LEU B 151 13.84 5.07 3.54
CA LEU B 151 13.91 4.13 4.66
C LEU B 151 13.44 4.71 5.98
N GLU B 152 13.89 5.92 6.31
CA GLU B 152 13.49 6.54 7.56
C GLU B 152 11.95 6.64 7.70
N ASN B 153 11.28 7.10 6.65
CA ASN B 153 9.82 7.17 6.65
C ASN B 153 9.23 5.78 6.86
N HIS B 154 9.80 4.79 6.17
CA HIS B 154 9.34 3.41 6.27
C HIS B 154 9.50 2.85 7.68
N HIS B 155 10.65 3.12 8.30
CA HIS B 155 10.91 2.63 9.64
C HIS B 155 9.82 3.11 10.59
N LEU B 156 9.44 4.37 10.45
CA LEU B 156 8.41 4.98 11.28
C LEU B 156 7.05 4.35 11.06
N ALA B 157 6.67 4.22 9.79
CA ALA B 157 5.38 3.65 9.44
C ALA B 157 5.21 2.23 10.00
N VAL B 158 6.24 1.40 9.81
CA VAL B 158 6.20 0.03 10.31
C VAL B 158 6.13 0.00 11.83
N GLY B 159 6.94 0.84 12.46
CA GLY B 159 6.96 0.91 13.91
C GLY B 159 5.58 1.14 14.49
N PHE B 160 4.85 2.10 13.90
CA PHE B 160 3.50 2.40 14.36
C PHE B 160 2.49 1.36 13.91
N LYS B 161 2.60 0.89 12.67
CA LYS B 161 1.66 -0.13 12.17
C LYS B 161 1.64 -1.38 13.04
N LEU B 162 2.80 -1.80 13.49
CA LEU B 162 2.88 -3.01 14.30
C LEU B 162 2.11 -2.91 15.61
N LEU B 163 1.76 -1.70 16.04
CA LEU B 163 0.99 -1.50 17.26
C LEU B 163 -0.41 -2.08 17.06
N GLN B 164 -0.79 -2.26 15.80
CA GLN B 164 -2.11 -2.76 15.43
C GLN B 164 -2.25 -4.29 15.44
N GLU B 165 -1.15 -5.01 15.58
CA GLU B 165 -1.25 -6.46 15.60
C GLU B 165 -1.88 -6.92 16.93
N GLU B 166 -2.25 -8.19 17.01
CA GLU B 166 -2.90 -8.71 18.21
C GLU B 166 -2.14 -8.45 19.49
N ASN B 167 -2.83 -7.85 20.45
CA ASN B 167 -2.26 -7.52 21.75
C ASN B 167 -0.91 -6.81 21.62
N CYS B 168 -0.82 -5.84 20.72
CA CYS B 168 0.43 -5.10 20.52
C CYS B 168 0.39 -3.59 20.84
N ASP B 169 -0.79 -3.05 21.11
CA ASP B 169 -0.88 -1.62 21.39
C ASP B 169 -0.44 -1.25 22.80
N ILE B 170 0.84 -0.93 22.92
CA ILE B 170 1.42 -0.55 24.22
C ILE B 170 0.99 0.84 24.67
N PHE B 171 0.40 1.63 23.78
CA PHE B 171 -0.05 2.97 24.13
C PHE B 171 -1.57 3.02 24.31
N GLN B 172 -2.18 1.83 24.42
CA GLN B 172 -3.62 1.73 24.59
C GLN B 172 -4.15 2.54 25.77
N ASN B 173 -3.32 2.76 26.79
CA ASN B 173 -3.79 3.50 27.95
C ASN B 173 -3.29 4.92 28.08
N LEU B 174 -2.61 5.42 27.06
CA LEU B 174 -2.17 6.80 27.10
C LEU B 174 -3.42 7.61 26.77
N THR B 175 -3.43 8.87 27.20
CA THR B 175 -4.58 9.72 26.89
C THR B 175 -4.39 10.18 25.46
N LYS B 176 -5.46 10.69 24.87
CA LYS B 176 -5.41 11.18 23.50
C LYS B 176 -4.27 12.18 23.35
N LYS B 177 -4.20 13.12 24.29
CA LYS B 177 -3.16 14.15 24.26
C LYS B 177 -1.77 13.54 24.34
N GLN B 178 -1.59 12.53 25.18
CA GLN B 178 -0.30 11.88 25.34
C GLN B 178 0.10 11.22 24.02
N ARG B 179 -0.86 10.53 23.40
CA ARG B 179 -0.62 9.84 22.12
C ARG B 179 -0.21 10.80 21.02
N GLN B 180 -0.88 11.94 20.95
CA GLN B 180 -0.58 12.93 19.94
C GLN B 180 0.80 13.54 20.14
N SER B 181 1.15 13.80 21.40
CA SER B 181 2.43 14.38 21.70
C SER B 181 3.54 13.35 21.47
N LEU B 182 3.32 12.13 21.95
CA LEU B 182 4.30 11.05 21.75
C LEU B 182 4.58 10.85 20.26
N ARG B 183 3.51 10.67 19.48
CA ARG B 183 3.67 10.44 18.06
C ARG B 183 4.48 11.52 17.33
N LYS B 184 4.25 12.79 17.65
CA LYS B 184 5.00 13.86 16.99
C LYS B 184 6.49 13.78 17.31
N MET B 185 6.80 13.52 18.58
CA MET B 185 8.20 13.43 18.99
C MET B 185 8.91 12.25 18.33
N VAL B 186 8.29 11.07 18.39
CA VAL B 186 8.89 9.89 17.79
C VAL B 186 9.20 10.15 16.32
N ILE B 187 8.28 10.82 15.63
CA ILE B 187 8.48 11.12 14.21
C ILE B 187 9.65 12.09 14.01
N ASP B 188 9.66 13.19 14.78
CA ASP B 188 10.71 14.20 14.67
C ASP B 188 12.09 13.60 14.86
N ILE B 189 12.19 12.67 15.80
CA ILE B 189 13.47 12.00 16.09
C ILE B 189 13.91 11.04 14.99
N VAL B 190 13.08 10.06 14.64
CA VAL B 190 13.48 9.11 13.60
C VAL B 190 13.82 9.76 12.27
N LEU B 191 12.99 10.69 11.81
CA LEU B 191 13.28 11.36 10.55
C LEU B 191 14.62 12.10 10.63
N ALA B 192 15.07 12.38 11.85
CA ALA B 192 16.34 13.08 12.06
C ALA B 192 17.56 12.17 11.90
N THR B 193 17.33 10.86 11.92
CA THR B 193 18.41 9.89 11.77
C THR B 193 18.92 9.80 10.34
N ASP B 194 18.22 10.42 9.40
CA ASP B 194 18.63 10.40 8.00
C ASP B 194 19.92 11.23 7.89
N MET B 195 21.01 10.60 7.44
CA MET B 195 22.28 11.29 7.32
C MET B 195 22.23 12.56 6.48
N SER B 196 21.18 12.71 5.68
CA SER B 196 21.04 13.91 4.85
C SER B 196 20.67 15.11 5.73
N LYS B 197 20.34 14.85 6.99
CA LYS B 197 19.96 15.91 7.91
C LYS B 197 21.11 16.25 8.84
N HIS B 198 22.04 15.32 8.97
CA HIS B 198 23.20 15.47 9.85
C HIS B 198 23.82 16.87 9.90
N MET B 199 24.30 17.35 8.76
CA MET B 199 24.93 18.67 8.71
C MET B 199 24.14 19.76 9.41
N ASN B 200 22.99 20.13 8.84
CA ASN B 200 22.17 21.19 9.44
C ASN B 200 21.73 20.86 10.86
N LEU B 201 21.61 19.57 11.16
CA LEU B 201 21.20 19.13 12.47
C LEU B 201 22.30 19.45 13.48
N LEU B 202 23.55 19.28 13.05
CA LEU B 202 24.71 19.55 13.89
C LEU B 202 24.86 21.03 14.22
N ALA B 203 24.70 21.87 13.22
CA ALA B 203 24.82 23.32 13.40
C ALA B 203 24.01 23.79 14.60
N ASP B 204 22.73 23.41 14.63
CA ASP B 204 21.85 23.79 15.72
C ASP B 204 22.37 23.30 17.07
N LEU B 205 22.93 22.10 17.11
CA LEU B 205 23.46 21.57 18.36
C LEU B 205 24.62 22.44 18.83
N LYS B 206 25.26 23.11 17.89
CA LYS B 206 26.38 24.00 18.21
C LYS B 206 25.79 25.32 18.68
N THR B 207 25.11 25.99 17.75
CA THR B 207 24.46 27.27 18.03
C THR B 207 23.81 27.22 19.40
N MET B 208 23.36 26.04 19.79
CA MET B 208 22.70 25.85 21.07
C MET B 208 23.71 25.83 22.21
N VAL B 209 24.71 24.94 22.13
CA VAL B 209 25.73 24.83 23.17
C VAL B 209 26.40 26.17 23.43
N GLU B 210 26.26 27.10 22.48
CA GLU B 210 26.82 28.43 22.63
C GLU B 210 26.05 29.16 23.72
N THR B 211 24.73 29.16 23.59
CA THR B 211 23.85 29.82 24.53
C THR B 211 23.46 28.89 25.68
N LYS B 212 24.17 27.77 25.80
CA LYS B 212 23.90 26.79 26.85
C LYS B 212 23.48 27.46 28.17
N LYS B 213 22.40 26.97 28.76
CA LYS B 213 21.88 27.50 30.02
C LYS B 213 21.63 26.39 31.03
N VAL B 214 21.83 26.70 32.30
CA VAL B 214 21.64 25.73 33.36
C VAL B 214 20.54 26.17 34.33
N THR B 215 19.97 25.21 35.04
CA THR B 215 18.91 25.50 36.00
C THR B 215 19.55 25.88 37.34
N SER B 216 18.74 25.86 38.39
CA SER B 216 19.24 26.17 39.72
C SER B 216 19.72 24.87 40.34
N SER B 217 19.52 23.78 39.60
CA SER B 217 19.91 22.44 40.06
C SER B 217 21.23 22.01 39.43
N GLY B 218 21.71 22.79 38.45
CA GLY B 218 22.95 22.46 37.79
C GLY B 218 22.71 21.62 36.55
N VAL B 219 21.45 21.41 36.21
CA VAL B 219 21.08 20.63 35.04
C VAL B 219 20.75 21.57 33.88
N LEU B 220 20.85 21.06 32.65
CA LEU B 220 20.59 21.86 31.45
C LEU B 220 19.17 22.44 31.42
N LEU B 221 19.03 23.63 30.85
CA LEU B 221 17.74 24.30 30.77
C LEU B 221 17.17 24.33 29.36
N LEU B 222 16.03 23.68 29.18
CA LEU B 222 15.36 23.63 27.88
C LEU B 222 13.91 24.11 28.02
N ASP B 223 13.56 25.15 27.26
CA ASP B 223 12.22 25.72 27.33
C ASP B 223 11.24 25.15 26.31
N ASN B 224 11.19 25.80 25.16
CA ASN B 224 10.29 25.45 24.06
C ASN B 224 10.49 24.05 23.48
N TYR B 225 9.45 23.57 22.77
CA TYR B 225 9.48 22.26 22.14
C TYR B 225 10.69 22.18 21.21
N SER B 226 10.87 23.23 20.42
CA SER B 226 11.97 23.31 19.47
C SER B 226 13.31 22.89 20.08
N ASP B 227 13.68 23.47 21.21
CA ASP B 227 14.95 23.15 21.86
C ASP B 227 14.95 21.77 22.49
N ARG B 228 13.82 21.39 23.05
CA ARG B 228 13.71 20.09 23.71
C ARG B 228 13.80 18.93 22.72
N ILE B 229 13.26 19.14 21.50
CA ILE B 229 13.28 18.08 20.51
C ILE B 229 14.64 17.98 19.83
N GLN B 230 15.30 19.11 19.60
CA GLN B 230 16.62 19.13 18.98
C GLN B 230 17.58 18.31 19.82
N VAL B 231 17.57 18.55 21.13
CA VAL B 231 18.43 17.80 22.02
C VAL B 231 18.13 16.32 21.85
N LEU B 232 16.83 15.99 21.82
CA LEU B 232 16.40 14.61 21.65
C LEU B 232 16.80 14.05 20.29
N GLN B 233 16.68 14.87 19.26
CA GLN B 233 17.06 14.44 17.91
C GLN B 233 18.55 14.13 17.86
N ASN B 234 19.37 15.12 18.23
CA ASN B 234 20.82 14.93 18.24
C ASN B 234 21.24 13.79 19.16
N MET B 235 20.52 13.61 20.26
CA MET B 235 20.84 12.57 21.22
C MET B 235 20.74 11.18 20.61
N VAL B 236 19.59 10.86 20.02
CA VAL B 236 19.41 9.55 19.41
C VAL B 236 20.35 9.45 18.22
N HIS B 237 20.59 10.58 17.56
CA HIS B 237 21.49 10.64 16.42
C HIS B 237 22.91 10.27 16.86
N CYS B 238 23.25 10.62 18.10
CA CYS B 238 24.57 10.30 18.65
C CYS B 238 24.59 8.81 18.98
N ALA B 239 23.49 8.32 19.53
CA ALA B 239 23.38 6.92 19.89
C ALA B 239 23.51 6.03 18.66
N ASP B 240 22.95 6.48 17.54
CA ASP B 240 23.01 5.73 16.28
C ASP B 240 24.45 5.80 15.74
N LEU B 241 25.15 6.91 15.99
CA LEU B 241 26.53 7.07 15.54
C LEU B 241 27.52 6.92 16.69
N SER B 242 27.24 5.98 17.60
CA SER B 242 28.07 5.76 18.78
C SER B 242 29.02 4.56 18.74
N ASN B 243 29.00 3.78 17.66
CA ASN B 243 29.87 2.61 17.57
C ASN B 243 31.35 2.92 17.85
N PRO B 244 31.91 3.96 17.23
CA PRO B 244 33.33 4.32 17.44
C PRO B 244 33.70 4.87 18.81
N THR B 245 32.70 5.11 19.66
CA THR B 245 32.98 5.65 20.99
C THR B 245 32.93 4.55 22.06
N LYS B 246 32.63 3.34 21.63
CA LYS B 246 32.56 2.21 22.56
C LYS B 246 33.91 1.50 22.66
N PRO B 247 34.08 0.60 23.63
CA PRO B 247 35.37 -0.10 23.74
C PRO B 247 35.71 -0.81 22.43
N LEU B 248 36.94 -0.60 21.97
CA LEU B 248 37.44 -1.16 20.71
C LEU B 248 36.92 -2.55 20.34
N GLN B 249 36.85 -3.45 21.31
CA GLN B 249 36.38 -4.81 21.08
C GLN B 249 35.00 -4.82 20.39
N LEU B 250 34.09 -4.03 20.92
CA LEU B 250 32.74 -3.94 20.39
C LEU B 250 32.76 -3.19 19.07
N TYR B 251 33.42 -2.04 19.07
CA TYR B 251 33.54 -1.19 17.89
C TYR B 251 34.02 -1.96 16.65
N ARG B 252 35.04 -2.78 16.82
CA ARG B 252 35.56 -3.55 15.70
C ARG B 252 34.53 -4.52 15.14
N GLN B 253 33.67 -5.04 16.03
CA GLN B 253 32.64 -5.97 15.57
C GLN B 253 31.61 -5.19 14.74
N TRP B 254 31.31 -3.96 15.15
CA TRP B 254 30.35 -3.14 14.41
C TRP B 254 30.93 -2.85 13.03
N THR B 255 32.21 -2.49 13.00
CA THR B 255 32.86 -2.19 11.73
C THR B 255 32.86 -3.44 10.83
N ASP B 256 33.09 -4.61 11.41
CA ASP B 256 33.09 -5.84 10.60
C ASP B 256 31.70 -5.97 9.96
N ARG B 257 30.68 -5.78 10.78
CA ARG B 257 29.30 -5.89 10.34
C ARG B 257 28.89 -4.85 9.29
N ILE B 258 29.18 -3.58 9.52
CA ILE B 258 28.82 -2.56 8.53
C ILE B 258 29.54 -2.79 7.20
N MET B 259 30.80 -3.22 7.27
CA MET B 259 31.57 -3.49 6.05
C MET B 259 30.97 -4.67 5.29
N GLU B 260 30.50 -5.67 6.02
CA GLU B 260 29.89 -6.83 5.38
C GLU B 260 28.63 -6.41 4.64
N GLU B 261 27.83 -5.54 5.27
CA GLU B 261 26.59 -5.05 4.66
C GLU B 261 26.94 -4.20 3.43
N PHE B 262 27.93 -3.32 3.57
CA PHE B 262 28.39 -2.48 2.46
C PHE B 262 28.84 -3.33 1.28
N PHE B 263 29.74 -4.28 1.55
CA PHE B 263 30.26 -5.13 0.49
C PHE B 263 29.16 -5.93 -0.20
N ARG B 264 28.14 -6.34 0.55
CA ARG B 264 27.04 -7.09 -0.05
C ARG B 264 26.30 -6.21 -1.04
N GLN B 265 26.06 -4.95 -0.65
CA GLN B 265 25.38 -4.02 -1.53
C GLN B 265 26.22 -3.84 -2.78
N GLY B 266 27.52 -3.67 -2.60
CA GLY B 266 28.42 -3.49 -3.73
C GLY B 266 28.40 -4.67 -4.68
N ASP B 267 28.30 -5.87 -4.13
CA ASP B 267 28.25 -7.06 -4.98
C ASP B 267 26.96 -7.00 -5.81
N ARG B 268 25.87 -6.60 -5.17
CA ARG B 268 24.58 -6.50 -5.86
C ARG B 268 24.62 -5.42 -6.93
N GLU B 269 25.21 -4.27 -6.62
CA GLU B 269 25.29 -3.22 -7.62
C GLU B 269 26.17 -3.72 -8.78
N ARG B 270 27.26 -4.40 -8.45
CA ARG B 270 28.16 -4.90 -9.49
C ARG B 270 27.49 -5.90 -10.42
N GLU B 271 26.77 -6.88 -9.86
CA GLU B 271 26.11 -7.90 -10.69
C GLU B 271 25.00 -7.27 -11.54
N ARG B 272 24.50 -6.12 -11.10
CA ARG B 272 23.44 -5.44 -11.82
C ARG B 272 23.95 -4.42 -12.84
N GLY B 273 25.26 -4.23 -12.88
CA GLY B 273 25.80 -3.27 -13.83
C GLY B 273 25.58 -1.84 -13.36
N MET B 274 25.39 -1.69 -12.05
CA MET B 274 25.18 -0.39 -11.46
C MET B 274 26.51 0.12 -10.94
N GLU B 275 26.62 1.44 -10.81
CA GLU B 275 27.82 2.04 -10.28
C GLU B 275 27.92 1.58 -8.83
N ILE B 276 29.11 1.14 -8.41
CA ILE B 276 29.27 0.66 -7.05
C ILE B 276 29.37 1.85 -6.10
N SER B 277 28.62 1.81 -5.01
CA SER B 277 28.62 2.89 -4.04
C SER B 277 29.94 3.00 -3.29
N PRO B 278 30.27 4.22 -2.83
CA PRO B 278 31.50 4.50 -2.08
C PRO B 278 31.68 3.53 -0.93
N MET B 279 32.87 2.93 -0.83
CA MET B 279 33.20 2.00 0.23
C MET B 279 32.48 0.65 0.12
N CYS B 280 31.81 0.39 -1.00
CA CYS B 280 31.12 -0.88 -1.14
C CYS B 280 31.80 -1.86 -2.10
N ASP B 281 32.94 -1.46 -2.64
CA ASP B 281 33.68 -2.34 -3.54
C ASP B 281 34.72 -3.11 -2.74
N LYS B 282 34.45 -4.39 -2.50
CA LYS B 282 35.37 -5.21 -1.74
C LYS B 282 36.70 -5.42 -2.46
N HIS B 283 36.72 -5.13 -3.76
CA HIS B 283 37.95 -5.29 -4.54
C HIS B 283 38.83 -4.06 -4.52
N ASN B 284 38.32 -2.99 -3.92
CA ASN B 284 39.06 -1.74 -3.81
C ASN B 284 38.58 -1.00 -2.58
N ALA B 285 38.77 -1.62 -1.43
CA ALA B 285 38.34 -1.04 -0.16
C ALA B 285 39.47 -0.51 0.71
N SER B 286 39.11 0.32 1.68
CA SER B 286 40.05 0.91 2.63
C SER B 286 39.33 0.99 3.97
N VAL B 287 38.98 -0.17 4.49
CA VAL B 287 38.27 -0.30 5.76
C VAL B 287 38.82 0.58 6.89
N GLU B 288 40.14 0.57 7.05
CA GLU B 288 40.78 1.36 8.09
C GLU B 288 40.70 2.85 7.81
N LYS B 289 41.08 3.23 6.61
CA LYS B 289 41.07 4.63 6.19
C LYS B 289 39.65 5.21 6.24
N SER B 290 38.66 4.38 5.92
CA SER B 290 37.28 4.82 5.93
C SER B 290 36.80 5.07 7.37
N GLN B 291 37.28 4.28 8.30
CA GLN B 291 36.89 4.45 9.69
C GLN B 291 37.45 5.74 10.25
N VAL B 292 38.71 6.04 9.95
CA VAL B 292 39.33 7.26 10.43
C VAL B 292 38.65 8.48 9.82
N GLY B 293 38.32 8.40 8.54
CA GLY B 293 37.65 9.51 7.88
C GLY B 293 36.25 9.68 8.42
N PHE B 294 35.59 8.56 8.70
CA PHE B 294 34.24 8.55 9.24
C PHE B 294 34.29 9.27 10.59
N ILE B 295 35.30 8.95 11.38
CA ILE B 295 35.46 9.58 12.68
C ILE B 295 35.85 11.05 12.57
N ASP B 296 36.74 11.37 11.64
CA ASP B 296 37.21 12.74 11.45
C ASP B 296 36.18 13.74 10.97
N TYR B 297 35.44 13.41 9.92
CA TYR B 297 34.46 14.35 9.37
C TYR B 297 33.03 14.24 9.85
N ILE B 298 32.72 13.18 10.60
CA ILE B 298 31.36 13.00 11.07
C ILE B 298 31.18 12.73 12.55
N VAL B 299 31.60 11.55 13.01
CA VAL B 299 31.44 11.17 14.39
C VAL B 299 32.05 12.11 15.43
N HIS B 300 33.36 12.35 15.33
CA HIS B 300 34.03 13.24 16.28
C HIS B 300 33.41 14.63 16.35
N PRO B 301 33.20 15.27 15.19
CA PRO B 301 32.61 16.62 15.16
C PRO B 301 31.27 16.68 15.89
N LEU B 302 30.50 15.61 15.77
CA LEU B 302 29.19 15.52 16.41
C LEU B 302 29.35 15.26 17.91
N TRP B 303 30.10 14.20 18.24
CA TRP B 303 30.34 13.82 19.62
C TRP B 303 31.17 14.80 20.45
N GLU B 304 31.77 15.79 19.79
CA GLU B 304 32.56 16.78 20.51
C GLU B 304 31.61 17.79 21.12
N THR B 305 30.59 18.14 20.36
CA THR B 305 29.59 19.10 20.79
C THR B 305 28.75 18.55 21.94
N TRP B 306 28.33 17.30 21.81
CA TRP B 306 27.54 16.67 22.86
C TRP B 306 28.37 16.54 24.13
N ALA B 307 29.68 16.35 23.96
CA ALA B 307 30.58 16.22 25.10
C ALA B 307 30.50 17.51 25.90
N ASP B 308 30.34 18.62 25.18
CA ASP B 308 30.21 19.94 25.78
C ASP B 308 28.87 20.02 26.49
N LEU B 309 27.81 19.92 25.70
CA LEU B 309 26.44 20.00 26.19
C LEU B 309 26.26 19.35 27.57
N VAL B 310 26.69 18.10 27.70
CA VAL B 310 26.56 17.39 28.97
C VAL B 310 27.85 17.47 29.78
N HIS B 311 28.61 18.53 29.51
CA HIS B 311 29.89 18.78 30.17
C HIS B 311 29.91 18.43 31.65
N PRO B 312 30.73 17.44 32.03
CA PRO B 312 31.58 16.69 31.11
C PRO B 312 31.41 15.20 31.37
N ASP B 313 30.16 14.75 31.51
CA ASP B 313 29.91 13.35 31.78
C ASP B 313 30.20 12.49 30.55
N ALA B 314 30.50 13.15 29.43
CA ALA B 314 30.78 12.46 28.19
C ALA B 314 32.29 12.33 27.94
N GLN B 315 33.08 12.72 28.93
CA GLN B 315 34.53 12.70 28.81
C GLN B 315 35.09 11.30 28.51
N ASP B 316 34.82 10.35 29.40
CA ASP B 316 35.32 8.99 29.21
C ASP B 316 34.91 8.45 27.83
N ILE B 317 33.82 8.99 27.31
CA ILE B 317 33.30 8.57 26.00
C ILE B 317 34.10 9.21 24.87
N LEU B 318 34.40 10.50 25.00
CA LEU B 318 35.14 11.22 23.97
C LEU B 318 36.59 10.76 23.87
N ASP B 319 37.20 10.46 25.01
CA ASP B 319 38.58 10.01 25.00
C ASP B 319 38.67 8.65 24.31
N THR B 320 37.64 7.82 24.54
CA THR B 320 37.60 6.50 23.93
C THR B 320 37.51 6.64 22.41
N LEU B 321 36.76 7.64 21.95
CA LEU B 321 36.62 7.88 20.52
C LEU B 321 37.98 8.20 19.92
N GLU B 322 38.69 9.13 20.54
CA GLU B 322 40.01 9.54 20.08
C GLU B 322 41.02 8.39 20.14
N ASP B 323 40.91 7.56 21.18
CA ASP B 323 41.79 6.41 21.29
C ASP B 323 41.53 5.44 20.13
N ASN B 324 40.26 5.10 19.93
CA ASN B 324 39.90 4.18 18.85
C ASN B 324 40.36 4.68 17.49
N ARG B 325 40.28 6.00 17.28
CA ARG B 325 40.70 6.58 16.01
C ARG B 325 42.17 6.25 15.76
N GLU B 326 43.02 6.59 16.73
CA GLU B 326 44.45 6.33 16.63
C GLU B 326 44.69 4.89 16.27
N TRP B 327 43.99 3.99 16.95
CA TRP B 327 44.14 2.56 16.69
C TRP B 327 43.95 2.26 15.21
N TYR B 328 42.79 2.62 14.66
CA TYR B 328 42.53 2.37 13.24
C TYR B 328 43.58 3.07 12.39
N GLN B 329 43.97 4.27 12.79
CA GLN B 329 44.97 5.05 12.07
C GLN B 329 46.26 4.25 11.91
N SER B 330 46.66 3.55 12.97
CA SER B 330 47.88 2.74 12.95
C SER B 330 47.66 1.43 12.20
N THR B 331 46.44 1.23 11.72
CA THR B 331 46.09 0.01 11.00
C THR B 331 46.02 0.27 9.50
N ILE B 332 46.06 1.54 9.11
CA ILE B 332 45.99 1.95 7.71
C ILE B 332 47.23 1.53 6.92
N PRO B 333 47.07 0.64 5.93
CA PRO B 333 48.19 0.18 5.11
C PRO B 333 48.98 1.33 4.47
N GLN B 334 50.09 0.98 3.83
CA GLN B 334 50.96 1.96 3.18
C GLN B 334 51.24 3.11 4.15
N THR C 8 -36.92 20.96 15.69
CA THR C 8 -37.62 21.96 14.83
C THR C 8 -38.46 21.26 13.76
N GLU C 9 -38.51 21.84 12.56
CA GLU C 9 -39.30 21.25 11.48
C GLU C 9 -38.59 20.11 10.76
N GLN C 10 -37.63 20.44 9.91
CA GLN C 10 -36.90 19.42 9.16
C GLN C 10 -36.40 18.30 10.07
N GLU C 11 -36.33 18.58 11.37
CA GLU C 11 -35.88 17.60 12.35
C GLU C 11 -37.03 16.64 12.64
N ASP C 12 -38.24 17.19 12.73
CA ASP C 12 -39.42 16.38 12.99
C ASP C 12 -39.73 15.55 11.75
N VAL C 13 -39.48 16.13 10.59
CA VAL C 13 -39.72 15.45 9.33
C VAL C 13 -38.83 14.22 9.26
N LEU C 14 -37.55 14.42 9.57
CA LEU C 14 -36.57 13.33 9.56
C LEU C 14 -36.93 12.28 10.60
N ALA C 15 -37.22 12.73 11.81
CA ALA C 15 -37.59 11.84 12.90
C ALA C 15 -38.81 11.01 12.50
N LYS C 16 -39.76 11.65 11.83
CA LYS C 16 -40.97 10.98 11.38
C LYS C 16 -40.67 9.95 10.30
N GLU C 17 -39.80 10.32 9.36
CA GLU C 17 -39.46 9.40 8.28
C GLU C 17 -38.77 8.14 8.81
N LEU C 18 -37.87 8.34 9.76
CA LEU C 18 -37.14 7.22 10.35
C LEU C 18 -38.05 6.22 11.05
N GLU C 19 -39.30 6.63 11.30
CA GLU C 19 -40.27 5.76 11.95
C GLU C 19 -40.52 4.50 11.13
N ASP C 20 -40.28 4.58 9.83
CA ASP C 20 -40.48 3.45 8.93
C ASP C 20 -39.22 2.59 8.79
N VAL C 21 -38.29 2.75 9.72
CA VAL C 21 -37.03 2.00 9.68
C VAL C 21 -37.22 0.49 9.60
N ASN C 22 -38.29 -0.03 10.18
CA ASN C 22 -38.54 -1.47 10.15
C ASN C 22 -39.47 -1.86 9.00
N LYS C 23 -39.71 -0.95 8.07
CA LYS C 23 -40.60 -1.25 6.96
C LYS C 23 -39.96 -1.26 5.58
N TRP C 24 -40.29 -2.29 4.81
CA TRP C 24 -39.77 -2.44 3.47
C TRP C 24 -40.34 -1.31 2.62
N GLY C 25 -39.48 -0.42 2.16
CA GLY C 25 -39.96 0.69 1.35
C GLY C 25 -39.74 2.03 2.00
N LEU C 26 -38.81 2.08 2.95
CA LEU C 26 -38.47 3.32 3.63
C LEU C 26 -38.15 4.39 2.58
N HIS C 27 -38.50 5.63 2.87
CA HIS C 27 -38.23 6.75 1.96
C HIS C 27 -36.77 7.16 2.16
N VAL C 28 -35.87 6.26 1.80
CA VAL C 28 -34.43 6.46 1.97
C VAL C 28 -33.84 7.72 1.32
N PHE C 29 -34.34 8.09 0.15
CA PHE C 29 -33.83 9.29 -0.52
C PHE C 29 -34.24 10.53 0.26
N ARG C 30 -35.48 10.51 0.75
CA ARG C 30 -35.99 11.62 1.53
C ARG C 30 -35.12 11.79 2.77
N ILE C 31 -34.78 10.66 3.41
CA ILE C 31 -33.94 10.70 4.60
C ILE C 31 -32.55 11.24 4.27
N ALA C 32 -32.06 10.92 3.06
CA ALA C 32 -30.74 11.39 2.63
C ALA C 32 -30.74 12.90 2.58
N GLU C 33 -31.80 13.48 2.01
CA GLU C 33 -31.92 14.93 1.90
C GLU C 33 -32.08 15.55 3.27
N LEU C 34 -33.06 15.05 4.02
CA LEU C 34 -33.35 15.58 5.35
C LEU C 34 -32.20 15.55 6.34
N SER C 35 -31.29 14.57 6.19
CA SER C 35 -30.16 14.46 7.11
C SER C 35 -28.90 15.18 6.64
N GLY C 36 -29.00 15.92 5.54
CA GLY C 36 -27.83 16.61 5.06
C GLY C 36 -26.81 15.62 4.50
N ASN C 37 -27.33 14.64 3.77
CA ASN C 37 -26.51 13.59 3.15
C ASN C 37 -25.83 12.67 4.16
N ARG C 38 -26.57 12.30 5.19
CA ARG C 38 -26.08 11.38 6.21
C ARG C 38 -27.04 10.19 6.38
N PRO C 39 -27.53 9.64 5.26
CA PRO C 39 -28.44 8.50 5.37
C PRO C 39 -27.85 7.26 6.05
N LEU C 40 -26.59 6.97 5.76
CA LEU C 40 -25.95 5.80 6.36
C LEU C 40 -25.76 5.98 7.86
N THR C 41 -25.33 7.17 8.25
CA THR C 41 -25.12 7.44 9.67
C THR C 41 -26.40 7.37 10.48
N VAL C 42 -27.42 8.12 10.07
CA VAL C 42 -28.67 8.12 10.81
C VAL C 42 -29.43 6.80 10.78
N ILE C 43 -29.44 6.12 9.64
CA ILE C 43 -30.14 4.85 9.56
C ILE C 43 -29.41 3.76 10.35
N MET C 44 -28.08 3.71 10.23
CA MET C 44 -27.29 2.73 10.99
C MET C 44 -27.49 2.98 12.48
N HIS C 45 -27.32 4.22 12.91
CA HIS C 45 -27.47 4.55 14.32
C HIS C 45 -28.88 4.17 14.82
N THR C 46 -29.90 4.52 14.05
CA THR C 46 -31.28 4.21 14.42
C THR C 46 -31.43 2.70 14.62
N ILE C 47 -31.01 1.95 13.61
CA ILE C 47 -31.10 0.49 13.65
C ILE C 47 -30.34 -0.11 14.84
N PHE C 48 -29.16 0.44 15.14
CA PHE C 48 -28.38 -0.06 16.27
C PHE C 48 -29.18 0.12 17.57
N GLN C 49 -29.87 1.26 17.69
CA GLN C 49 -30.67 1.52 18.88
C GLN C 49 -31.85 0.54 18.88
N GLU C 50 -32.51 0.43 17.73
CA GLU C 50 -33.65 -0.46 17.56
C GLU C 50 -33.35 -1.90 17.96
N ARG C 51 -32.12 -2.35 17.69
CA ARG C 51 -31.73 -3.71 18.03
C ARG C 51 -30.93 -3.79 19.33
N ASP C 52 -30.73 -2.64 19.96
CA ASP C 52 -30.03 -2.56 21.25
C ASP C 52 -28.57 -3.02 21.17
N LEU C 53 -27.95 -2.84 20.00
CA LEU C 53 -26.57 -3.24 19.78
C LEU C 53 -25.53 -2.46 20.59
N LEU C 54 -25.80 -1.18 20.87
CA LEU C 54 -24.83 -0.40 21.64
C LEU C 54 -24.68 -0.98 23.03
N LYS C 55 -25.80 -1.29 23.67
CA LYS C 55 -25.79 -1.87 25.00
C LYS C 55 -25.17 -3.26 24.98
N THR C 56 -25.68 -4.13 24.11
CA THR C 56 -25.20 -5.50 24.02
C THR C 56 -23.69 -5.63 23.82
N PHE C 57 -23.13 -4.88 22.88
CA PHE C 57 -21.70 -4.96 22.62
C PHE C 57 -20.92 -3.80 23.21
N LYS C 58 -21.54 -3.12 24.17
CA LYS C 58 -20.92 -1.98 24.84
C LYS C 58 -20.14 -1.06 23.89
N ILE C 59 -20.82 -0.59 22.85
CA ILE C 59 -20.21 0.30 21.87
C ILE C 59 -20.43 1.75 22.30
N PRO C 60 -19.36 2.47 22.65
CA PRO C 60 -19.58 3.86 23.06
C PRO C 60 -20.23 4.65 21.94
N VAL C 61 -21.26 5.42 22.27
CA VAL C 61 -21.99 6.18 21.28
C VAL C 61 -21.14 7.12 20.41
N ASP C 62 -20.21 7.85 21.02
CA ASP C 62 -19.35 8.75 20.25
C ASP C 62 -18.50 7.96 19.24
N THR C 63 -18.07 6.77 19.64
CA THR C 63 -17.27 5.92 18.78
C THR C 63 -18.11 5.45 17.60
N LEU C 64 -19.35 5.05 17.88
CA LEU C 64 -20.25 4.60 16.82
C LEU C 64 -20.52 5.70 15.81
N ILE C 65 -20.87 6.89 16.30
CA ILE C 65 -21.17 8.00 15.41
C ILE C 65 -19.96 8.40 14.59
N THR C 66 -18.78 8.44 15.23
CA THR C 66 -17.56 8.82 14.52
C THR C 66 -17.21 7.79 13.44
N TYR C 67 -17.34 6.51 13.76
CA TYR C 67 -17.05 5.47 12.78
C TYR C 67 -18.02 5.55 11.61
N LEU C 68 -19.31 5.73 11.91
CA LEU C 68 -20.32 5.80 10.86
C LEU C 68 -20.10 6.97 9.91
N MET C 69 -19.79 8.14 10.46
CA MET C 69 -19.55 9.30 9.60
C MET C 69 -18.29 9.07 8.76
N THR C 70 -17.30 8.42 9.38
CA THR C 70 -16.03 8.10 8.73
C THR C 70 -16.31 7.14 7.56
N LEU C 71 -17.07 6.09 7.84
CA LEU C 71 -17.42 5.12 6.82
C LEU C 71 -18.20 5.78 5.70
N GLU C 72 -19.21 6.58 6.09
CA GLU C 72 -20.05 7.26 5.13
C GLU C 72 -19.21 8.20 4.25
N ASP C 73 -18.25 8.87 4.87
CA ASP C 73 -17.36 9.78 4.16
C ASP C 73 -16.51 9.06 3.13
N HIS C 74 -16.29 7.76 3.32
CA HIS C 74 -15.47 7.05 2.35
C HIS C 74 -16.25 6.44 1.19
N TYR C 75 -17.54 6.77 1.10
CA TYR C 75 -18.36 6.37 -0.02
C TYR C 75 -18.28 7.63 -0.89
N HIS C 76 -18.21 7.47 -2.21
CA HIS C 76 -18.09 8.63 -3.12
C HIS C 76 -19.38 9.37 -3.46
N ALA C 77 -19.41 10.67 -3.16
CA ALA C 77 -20.59 11.49 -3.46
C ALA C 77 -20.81 11.64 -4.96
N ASP C 78 -19.73 11.59 -5.72
CA ASP C 78 -19.80 11.75 -7.16
C ASP C 78 -20.23 10.47 -7.90
N VAL C 79 -20.44 9.39 -7.17
CA VAL C 79 -20.84 8.12 -7.77
C VAL C 79 -22.36 8.05 -7.74
N ALA C 80 -22.98 7.92 -8.91
CA ALA C 80 -24.44 7.91 -9.01
C ALA C 80 -25.18 6.84 -8.23
N TYR C 81 -24.74 5.60 -8.34
CA TYR C 81 -25.42 4.51 -7.66
C TYR C 81 -24.68 3.94 -6.44
N HIS C 82 -23.42 3.53 -6.63
CA HIS C 82 -22.66 2.95 -5.51
C HIS C 82 -22.10 3.98 -4.54
N ASN C 83 -23.02 4.68 -3.87
CA ASN C 83 -22.69 5.70 -2.89
C ASN C 83 -23.29 5.35 -1.53
N ASN C 84 -23.28 6.32 -0.62
CA ASN C 84 -23.79 6.12 0.73
C ASN C 84 -25.29 5.83 0.84
N ILE C 85 -26.06 6.24 -0.17
CA ILE C 85 -27.49 6.00 -0.13
C ILE C 85 -27.76 4.52 -0.40
N HIS C 86 -27.00 3.94 -1.33
CA HIS C 86 -27.14 2.50 -1.65
C HIS C 86 -26.75 1.71 -0.41
N ALA C 87 -25.67 2.14 0.25
CA ALA C 87 -25.21 1.49 1.46
C ALA C 87 -26.29 1.56 2.53
N ALA C 88 -26.81 2.76 2.77
CA ALA C 88 -27.87 2.90 3.79
C ALA C 88 -29.05 2.01 3.44
N ASP C 89 -29.38 1.96 2.15
CA ASP C 89 -30.51 1.15 1.68
C ASP C 89 -30.30 -0.35 1.95
N VAL C 90 -29.12 -0.86 1.63
CA VAL C 90 -28.84 -2.28 1.84
C VAL C 90 -28.85 -2.61 3.33
N VAL C 91 -28.32 -1.70 4.14
CA VAL C 91 -28.31 -1.88 5.59
C VAL C 91 -29.74 -2.04 6.11
N GLN C 92 -30.59 -1.10 5.71
CA GLN C 92 -31.99 -1.08 6.13
C GLN C 92 -32.77 -2.28 5.60
N SER C 93 -32.48 -2.67 4.35
CA SER C 93 -33.16 -3.82 3.72
C SER C 93 -32.77 -5.11 4.44
N THR C 94 -31.49 -5.22 4.81
CA THR C 94 -31.01 -6.38 5.52
C THR C 94 -31.66 -6.42 6.91
N HIS C 95 -31.82 -5.24 7.49
CA HIS C 95 -32.43 -5.09 8.80
C HIS C 95 -33.87 -5.61 8.81
N VAL C 96 -34.59 -5.37 7.72
CA VAL C 96 -35.97 -5.83 7.59
C VAL C 96 -35.98 -7.35 7.41
N LEU C 97 -35.17 -7.84 6.49
CA LEU C 97 -35.09 -9.27 6.22
C LEU C 97 -34.71 -10.07 7.46
N LEU C 98 -33.92 -9.45 8.33
CA LEU C 98 -33.50 -10.14 9.56
C LEU C 98 -34.67 -10.39 10.50
N SER C 99 -35.69 -9.52 10.45
CA SER C 99 -36.86 -9.63 11.31
C SER C 99 -37.97 -10.51 10.72
N THR C 100 -37.72 -11.08 9.54
CA THR C 100 -38.74 -11.94 8.93
C THR C 100 -39.10 -13.07 9.91
N PRO C 101 -40.41 -13.33 10.07
CA PRO C 101 -40.93 -14.37 10.96
C PRO C 101 -40.26 -15.74 10.88
N ALA C 102 -40.07 -16.23 9.66
CA ALA C 102 -39.46 -17.53 9.44
C ALA C 102 -38.05 -17.66 9.99
N LEU C 103 -37.50 -16.57 10.53
CA LEU C 103 -36.14 -16.59 11.08
C LEU C 103 -36.11 -16.11 12.53
N GLU C 104 -37.29 -15.88 13.10
CA GLU C 104 -37.36 -15.40 14.47
C GLU C 104 -36.53 -16.24 15.44
N ALA C 105 -35.74 -15.55 16.26
CA ALA C 105 -34.88 -16.18 17.26
C ALA C 105 -33.89 -17.19 16.68
N VAL C 106 -33.60 -17.10 15.39
CA VAL C 106 -32.64 -18.02 14.76
C VAL C 106 -31.19 -17.56 14.91
N PHE C 107 -30.93 -16.28 14.60
CA PHE C 107 -29.58 -15.75 14.68
C PHE C 107 -29.23 -15.07 16.00
N THR C 108 -27.94 -15.14 16.35
CA THR C 108 -27.43 -14.53 17.58
C THR C 108 -27.18 -13.04 17.35
N ASP C 109 -26.97 -12.30 18.42
CA ASP C 109 -26.71 -10.86 18.32
C ASP C 109 -25.46 -10.57 17.50
N LEU C 110 -24.46 -11.44 17.61
CA LEU C 110 -23.22 -11.25 16.87
C LEU C 110 -23.44 -11.47 15.38
N GLU C 111 -24.21 -12.50 15.03
CA GLU C 111 -24.49 -12.78 13.63
C GLU C 111 -25.31 -11.65 13.02
N ILE C 112 -26.18 -11.08 13.85
CA ILE C 112 -27.03 -9.96 13.43
C ILE C 112 -26.13 -8.76 13.16
N LEU C 113 -25.21 -8.52 14.09
CA LEU C 113 -24.27 -7.42 14.00
C LEU C 113 -23.43 -7.53 12.73
N ALA C 114 -22.97 -8.75 12.44
CA ALA C 114 -22.14 -9.01 11.27
C ALA C 114 -22.86 -8.70 9.98
N ALA C 115 -24.08 -9.20 9.85
CA ALA C 115 -24.87 -8.97 8.64
C ALA C 115 -25.11 -7.47 8.42
N ILE C 116 -25.36 -6.74 9.50
CA ILE C 116 -25.62 -5.31 9.40
C ILE C 116 -24.33 -4.54 9.11
N PHE C 117 -23.24 -4.89 9.79
CA PHE C 117 -21.98 -4.22 9.58
C PHE C 117 -21.49 -4.51 8.16
N ALA C 118 -21.63 -5.76 7.73
CA ALA C 118 -21.22 -6.16 6.38
C ALA C 118 -21.99 -5.35 5.35
N SER C 119 -23.29 -5.17 5.59
CA SER C 119 -24.15 -4.41 4.69
C SER C 119 -23.67 -2.98 4.62
N ALA C 120 -23.31 -2.45 5.77
CA ALA C 120 -22.84 -1.08 5.89
C ALA C 120 -21.57 -0.79 5.08
N ILE C 121 -20.59 -1.68 5.16
CA ILE C 121 -19.32 -1.49 4.46
C ILE C 121 -19.18 -2.18 3.09
N HIS C 122 -20.17 -2.95 2.67
CA HIS C 122 -20.03 -3.74 1.45
C HIS C 122 -19.61 -3.11 0.12
N ASP C 123 -19.80 -1.79 -0.04
CA ASP C 123 -19.40 -1.12 -1.28
C ASP C 123 -18.59 0.15 -0.97
N VAL C 124 -18.00 0.24 0.22
CA VAL C 124 -17.27 1.45 0.58
C VAL C 124 -16.07 1.74 -0.33
N ASP C 125 -15.94 3.00 -0.70
CA ASP C 125 -14.88 3.48 -1.56
C ASP C 125 -15.01 2.93 -2.96
N HIS C 126 -16.26 2.69 -3.37
CA HIS C 126 -16.54 2.19 -4.72
C HIS C 126 -16.27 3.38 -5.67
N PRO C 127 -15.44 3.16 -6.71
CA PRO C 127 -15.08 4.18 -7.70
C PRO C 127 -16.14 4.41 -8.77
N GLY C 128 -17.20 3.62 -8.76
CA GLY C 128 -18.23 3.79 -9.75
C GLY C 128 -17.97 3.06 -11.06
N VAL C 129 -16.99 2.15 -11.07
CA VAL C 129 -16.68 1.35 -12.26
C VAL C 129 -16.51 -0.10 -11.84
N SER C 130 -16.74 -1.01 -12.80
CA SER C 130 -16.67 -2.45 -12.54
C SER C 130 -15.27 -3.02 -12.31
N ASN C 131 -15.23 -4.26 -11.82
CA ASN C 131 -13.96 -4.94 -11.59
C ASN C 131 -13.21 -5.04 -12.91
N GLN C 132 -13.93 -5.40 -13.97
CA GLN C 132 -13.32 -5.57 -15.29
C GLN C 132 -12.64 -4.30 -15.82
N PHE C 133 -13.23 -3.14 -15.56
CA PHE C 133 -12.66 -1.88 -16.01
C PHE C 133 -11.33 -1.68 -15.26
N LEU C 134 -11.35 -1.93 -13.97
CA LEU C 134 -10.17 -1.81 -13.13
C LEU C 134 -9.09 -2.81 -13.57
N ILE C 135 -9.50 -4.01 -13.96
CA ILE C 135 -8.56 -5.02 -14.40
C ILE C 135 -7.95 -4.61 -15.75
N ASN C 136 -8.79 -4.18 -16.68
CA ASN C 136 -8.34 -3.78 -18.01
C ASN C 136 -7.36 -2.62 -18.06
N THR C 137 -7.50 -1.68 -17.12
CA THR C 137 -6.62 -0.50 -17.07
C THR C 137 -5.36 -0.77 -16.25
N ASN C 138 -5.23 -1.99 -15.75
CA ASN C 138 -4.07 -2.37 -14.93
C ASN C 138 -3.98 -1.49 -13.69
N SER C 139 -5.14 -1.21 -13.09
CA SER C 139 -5.16 -0.36 -11.91
C SER C 139 -4.39 -0.97 -10.74
N GLU C 140 -3.99 -0.10 -9.81
CA GLU C 140 -3.25 -0.58 -8.65
C GLU C 140 -4.09 -1.55 -7.82
N LEU C 141 -5.40 -1.32 -7.75
CA LEU C 141 -6.26 -2.21 -6.97
C LEU C 141 -6.28 -3.62 -7.57
N ALA C 142 -6.42 -3.70 -8.89
CA ALA C 142 -6.43 -5.00 -9.58
C ALA C 142 -5.09 -5.72 -9.39
N LEU C 143 -3.99 -4.98 -9.43
CA LEU C 143 -2.68 -5.60 -9.25
C LEU C 143 -2.54 -6.11 -7.82
N MET C 144 -3.08 -5.35 -6.87
CA MET C 144 -3.01 -5.74 -5.49
C MET C 144 -3.86 -6.98 -5.22
N TYR C 145 -5.04 -7.05 -5.83
CA TYR C 145 -5.94 -8.18 -5.60
C TYR C 145 -5.95 -9.27 -6.66
N ASN C 146 -4.93 -9.27 -7.50
CA ASN C 146 -4.82 -10.29 -8.53
C ASN C 146 -6.08 -10.50 -9.36
N ASP C 147 -6.69 -9.40 -9.79
CA ASP C 147 -7.90 -9.43 -10.64
C ASP C 147 -9.07 -10.28 -10.11
N SER C 148 -9.03 -10.65 -8.83
CA SER C 148 -10.08 -11.51 -8.25
C SER C 148 -10.94 -10.79 -7.19
N SER C 149 -12.21 -10.56 -7.50
CA SER C 149 -13.13 -9.84 -6.60
C SER C 149 -12.38 -8.60 -6.09
N VAL C 150 -11.83 -7.85 -7.04
CA VAL C 150 -11.04 -6.68 -6.70
C VAL C 150 -11.73 -5.69 -5.78
N LEU C 151 -12.89 -5.20 -6.20
CA LEU C 151 -13.62 -4.24 -5.38
C LEU C 151 -14.08 -4.84 -4.05
N GLU C 152 -14.67 -6.03 -4.08
CA GLU C 152 -15.17 -6.68 -2.86
C GLU C 152 -14.08 -6.84 -1.80
N ASN C 153 -12.90 -7.30 -2.21
CA ASN C 153 -11.80 -7.45 -1.26
C ASN C 153 -11.44 -6.08 -0.71
N HIS C 154 -11.48 -5.07 -1.59
CA HIS C 154 -11.16 -3.71 -1.20
C HIS C 154 -12.18 -3.11 -0.23
N HIS C 155 -13.47 -3.34 -0.47
CA HIS C 155 -14.51 -2.79 0.42
C HIS C 155 -14.27 -3.29 1.85
N LEU C 156 -13.92 -4.56 1.96
CA LEU C 156 -13.63 -5.19 3.24
C LEU C 156 -12.41 -4.59 3.90
N ALA C 157 -11.33 -4.45 3.14
CA ALA C 157 -10.10 -3.91 3.68
C ALA C 157 -10.32 -2.49 4.20
N VAL C 158 -11.06 -1.67 3.44
CA VAL C 158 -11.32 -0.30 3.87
C VAL C 158 -12.25 -0.27 5.09
N GLY C 159 -13.33 -1.05 5.03
CA GLY C 159 -14.28 -1.11 6.14
C GLY C 159 -13.60 -1.44 7.46
N PHE C 160 -12.69 -2.41 7.43
CA PHE C 160 -11.98 -2.78 8.64
C PHE C 160 -10.91 -1.73 8.98
N LYS C 161 -10.19 -1.24 7.98
CA LYS C 161 -9.15 -0.25 8.22
C LYS C 161 -9.65 1.03 8.91
N LEU C 162 -10.84 1.47 8.52
CA LEU C 162 -11.40 2.68 9.10
C LEU C 162 -11.65 2.59 10.60
N LEU C 163 -11.62 1.37 11.15
CA LEU C 163 -11.82 1.18 12.59
C LEU C 163 -10.60 1.71 13.33
N GLN C 164 -9.51 1.92 12.61
CA GLN C 164 -8.29 2.39 13.25
C GLN C 164 -8.17 3.91 13.31
N GLU C 165 -9.09 4.62 12.66
CA GLU C 165 -9.02 6.07 12.73
C GLU C 165 -9.42 6.51 14.15
N GLU C 166 -9.18 7.78 14.48
CA GLU C 166 -9.46 8.28 15.83
C GLU C 166 -10.88 8.03 16.35
N ASN C 167 -10.95 7.34 17.48
CA ASN C 167 -12.22 7.02 18.13
C ASN C 167 -13.20 6.33 17.19
N CYS C 168 -12.69 5.41 16.37
CA CYS C 168 -13.54 4.69 15.42
C CYS C 168 -13.67 3.18 15.67
N ASP C 169 -13.03 2.66 16.71
CA ASP C 169 -13.10 1.23 16.95
C ASP C 169 -14.33 0.79 17.72
N ILE C 170 -15.41 0.56 17.00
CA ILE C 170 -16.69 0.16 17.58
C ILE C 170 -16.70 -1.26 18.14
N PHE C 171 -15.63 -2.01 17.94
CA PHE C 171 -15.56 -3.37 18.46
C PHE C 171 -14.52 -3.47 19.57
N GLN C 172 -14.10 -2.31 20.07
CA GLN C 172 -13.08 -2.28 21.12
C GLN C 172 -13.48 -3.03 22.39
N ASN C 173 -14.76 -3.35 22.55
CA ASN C 173 -15.19 -4.07 23.74
C ASN C 173 -15.63 -5.50 23.47
N LEU C 174 -15.44 -5.95 22.24
CA LEU C 174 -15.79 -7.34 21.92
C LEU C 174 -14.58 -8.16 22.35
N THR C 175 -14.83 -9.40 22.76
CA THR C 175 -13.73 -10.28 23.17
C THR C 175 -12.99 -10.71 21.91
N LYS C 176 -11.80 -11.27 22.07
CA LYS C 176 -11.00 -11.72 20.93
C LYS C 176 -11.80 -12.75 20.14
N LYS C 177 -12.48 -13.64 20.86
CA LYS C 177 -13.29 -14.67 20.22
C LYS C 177 -14.42 -14.03 19.39
N GLN C 178 -15.08 -13.02 19.97
CA GLN C 178 -16.15 -12.33 19.26
C GLN C 178 -15.60 -11.65 18.01
N ARG C 179 -14.50 -10.92 18.16
CA ARG C 179 -13.86 -10.22 17.04
C ARG C 179 -13.49 -11.24 15.95
N GLN C 180 -12.91 -12.34 16.41
CA GLN C 180 -12.47 -13.43 15.55
C GLN C 180 -13.63 -13.98 14.71
N SER C 181 -14.77 -14.20 15.35
CA SER C 181 -15.92 -14.74 14.66
C SER C 181 -16.63 -13.70 13.78
N LEU C 182 -16.79 -12.50 14.32
CA LEU C 182 -17.43 -11.42 13.58
C LEU C 182 -16.70 -11.16 12.27
N ARG C 183 -15.37 -11.06 12.36
CA ARG C 183 -14.54 -10.80 11.18
C ARG C 183 -14.73 -11.86 10.10
N LYS C 184 -14.67 -13.14 10.47
CA LYS C 184 -14.85 -14.18 9.48
C LYS C 184 -16.21 -14.09 8.81
N MET C 185 -17.25 -13.83 9.59
CA MET C 185 -18.60 -13.72 9.03
C MET C 185 -18.73 -12.54 8.08
N VAL C 186 -18.19 -11.39 8.49
CA VAL C 186 -18.27 -10.19 7.65
C VAL C 186 -17.55 -10.45 6.33
N ILE C 187 -16.37 -11.05 6.39
CA ILE C 187 -15.61 -11.35 5.18
C ILE C 187 -16.41 -12.27 4.26
N ASP C 188 -16.96 -13.35 4.82
CA ASP C 188 -17.75 -14.31 4.05
C ASP C 188 -18.95 -13.66 3.38
N ILE C 189 -19.58 -12.73 4.09
CA ILE C 189 -20.76 -12.08 3.55
C ILE C 189 -20.46 -11.10 2.41
N VAL C 190 -19.47 -10.24 2.59
CA VAL C 190 -19.16 -9.28 1.54
C VAL C 190 -18.57 -9.91 0.28
N LEU C 191 -17.70 -10.90 0.43
CA LEU C 191 -17.11 -11.53 -0.74
C LEU C 191 -18.20 -12.18 -1.60
N ALA C 192 -19.32 -12.52 -0.96
CA ALA C 192 -20.44 -13.14 -1.67
C ALA C 192 -21.28 -12.14 -2.46
N THR C 193 -21.02 -10.84 -2.29
CA THR C 193 -21.76 -9.83 -3.03
C THR C 193 -21.26 -9.69 -4.46
N ASP C 194 -20.13 -10.34 -4.77
CA ASP C 194 -19.57 -10.31 -6.12
C ASP C 194 -20.55 -11.07 -7.01
N MET C 195 -21.08 -10.42 -8.04
CA MET C 195 -22.02 -11.07 -8.94
C MET C 195 -21.47 -12.36 -9.55
N SER C 196 -20.14 -12.49 -9.62
CA SER C 196 -19.52 -13.68 -10.18
C SER C 196 -19.90 -14.92 -9.38
N LYS C 197 -20.31 -14.73 -8.13
CA LYS C 197 -20.69 -15.83 -7.26
C LYS C 197 -22.20 -15.98 -7.12
N HIS C 198 -22.95 -15.24 -7.92
CA HIS C 198 -24.41 -15.29 -7.87
C HIS C 198 -25.00 -16.67 -8.16
N MET C 199 -24.67 -17.22 -9.33
CA MET C 199 -25.16 -18.52 -9.73
C MET C 199 -24.96 -19.59 -8.68
N ASN C 200 -23.76 -19.71 -8.14
CA ASN C 200 -23.50 -20.71 -7.12
C ASN C 200 -24.32 -20.45 -5.85
N LEU C 201 -24.46 -19.19 -5.48
CA LEU C 201 -25.24 -18.85 -4.28
C LEU C 201 -26.69 -19.27 -4.42
N LEU C 202 -27.29 -18.96 -5.57
CA LEU C 202 -28.68 -19.32 -5.83
C LEU C 202 -28.89 -20.82 -5.76
N ALA C 203 -28.04 -21.56 -6.47
CA ALA C 203 -28.14 -23.02 -6.49
C ALA C 203 -28.16 -23.56 -5.06
N ASP C 204 -27.13 -23.24 -4.29
CA ASP C 204 -27.05 -23.72 -2.91
C ASP C 204 -28.27 -23.29 -2.10
N LEU C 205 -28.74 -22.07 -2.33
CA LEU C 205 -29.90 -21.58 -1.61
C LEU C 205 -31.10 -22.48 -1.91
N LYS C 206 -31.27 -22.83 -3.18
CA LYS C 206 -32.36 -23.70 -3.58
C LYS C 206 -32.24 -25.06 -2.88
N THR C 207 -31.04 -25.64 -2.92
CA THR C 207 -30.80 -26.93 -2.29
C THR C 207 -31.32 -26.90 -0.86
N MET C 208 -31.03 -25.81 -0.15
CA MET C 208 -31.49 -25.67 1.24
C MET C 208 -33.01 -25.59 1.30
N VAL C 209 -33.61 -25.02 0.26
CA VAL C 209 -35.06 -24.89 0.20
C VAL C 209 -35.68 -26.29 0.07
N GLU C 210 -34.89 -27.24 -0.41
CA GLU C 210 -35.36 -28.61 -0.58
C GLU C 210 -35.15 -29.41 0.69
N THR C 211 -34.02 -29.20 1.35
CA THR C 211 -33.70 -29.89 2.59
C THR C 211 -34.20 -29.04 3.75
N LYS C 212 -35.09 -28.11 3.43
CA LYS C 212 -35.66 -27.20 4.41
C LYS C 212 -36.06 -27.91 5.70
N LYS C 213 -35.28 -27.70 6.75
CA LYS C 213 -35.56 -28.30 8.05
C LYS C 213 -36.13 -27.23 8.96
N VAL C 214 -37.40 -27.42 9.36
CA VAL C 214 -38.06 -26.47 10.24
C VAL C 214 -37.73 -26.80 11.69
N THR C 215 -38.35 -26.09 12.63
CA THR C 215 -38.11 -26.32 14.04
C THR C 215 -39.41 -26.45 14.81
N SER C 216 -39.29 -26.74 16.11
CA SER C 216 -40.45 -26.91 16.99
C SER C 216 -41.31 -25.66 16.95
N SER C 217 -40.68 -24.52 16.78
CA SER C 217 -41.39 -23.24 16.75
C SER C 217 -41.85 -22.89 15.33
N GLY C 218 -41.58 -23.78 14.38
CA GLY C 218 -41.97 -23.54 13.00
C GLY C 218 -40.98 -22.68 12.25
N VAL C 219 -39.98 -22.17 12.97
CA VAL C 219 -38.95 -21.32 12.38
C VAL C 219 -37.90 -22.21 11.71
N LEU C 220 -37.08 -21.61 10.85
CA LEU C 220 -36.04 -22.35 10.13
C LEU C 220 -35.02 -22.99 11.07
N LEU C 221 -34.39 -24.07 10.61
CA LEU C 221 -33.39 -24.77 11.39
C LEU C 221 -32.03 -24.79 10.68
N LEU C 222 -31.01 -24.26 11.36
CA LEU C 222 -29.67 -24.19 10.81
C LEU C 222 -28.64 -24.68 11.84
N ASP C 223 -28.07 -25.85 11.59
CA ASP C 223 -27.09 -26.44 12.50
C ASP C 223 -25.67 -25.89 12.40
N ASN C 224 -25.05 -26.14 11.26
CA ASN C 224 -23.68 -25.73 11.02
C ASN C 224 -23.46 -24.28 10.56
N TYR C 225 -22.23 -23.82 10.71
CA TYR C 225 -21.84 -22.47 10.30
C TYR C 225 -22.12 -22.30 8.81
N SER C 226 -21.93 -23.37 8.06
CA SER C 226 -22.13 -23.35 6.62
C SER C 226 -23.55 -22.97 6.20
N ASP C 227 -24.56 -23.55 6.85
CA ASP C 227 -25.95 -23.22 6.51
C ASP C 227 -26.28 -21.84 7.01
N ARG C 228 -25.80 -21.51 8.20
CA ARG C 228 -26.04 -20.21 8.81
C ARG C 228 -25.46 -19.08 7.96
N ILE C 229 -24.18 -19.18 7.59
CA ILE C 229 -23.53 -18.16 6.79
C ILE C 229 -24.18 -18.09 5.41
N GLN C 230 -24.60 -19.25 4.89
CA GLN C 230 -25.22 -19.28 3.57
C GLN C 230 -26.47 -18.41 3.54
N VAL C 231 -27.31 -18.53 4.57
CA VAL C 231 -28.53 -17.75 4.64
C VAL C 231 -28.20 -16.27 4.80
N LEU C 232 -27.18 -15.96 5.59
CA LEU C 232 -26.78 -14.57 5.79
C LEU C 232 -26.22 -13.98 4.50
N GLN C 233 -25.49 -14.79 3.74
CA GLN C 233 -24.91 -14.32 2.47
C GLN C 233 -26.02 -14.02 1.48
N ASN C 234 -26.95 -14.95 1.32
CA ASN C 234 -28.06 -14.74 0.40
C ASN C 234 -28.94 -13.58 0.86
N MET C 235 -29.07 -13.41 2.17
CA MET C 235 -29.88 -12.31 2.72
C MET C 235 -29.33 -10.95 2.29
N VAL C 236 -28.03 -10.75 2.48
CA VAL C 236 -27.41 -9.48 2.11
C VAL C 236 -27.38 -9.34 0.60
N HIS C 237 -27.27 -10.48 -0.08
CA HIS C 237 -27.26 -10.52 -1.54
C HIS C 237 -28.64 -10.06 -2.03
N CYS C 238 -29.71 -10.54 -1.39
CA CYS C 238 -31.06 -10.13 -1.77
C CYS C 238 -31.25 -8.64 -1.52
N ALA C 239 -30.72 -8.15 -0.41
CA ALA C 239 -30.81 -6.73 -0.08
C ALA C 239 -30.07 -5.88 -1.12
N ASP C 240 -28.89 -6.32 -1.50
CA ASP C 240 -28.09 -5.61 -2.50
C ASP C 240 -28.86 -5.61 -3.82
N LEU C 241 -29.69 -6.63 -4.02
CA LEU C 241 -30.50 -6.77 -5.22
C LEU C 241 -32.01 -6.62 -4.94
N SER C 242 -32.39 -5.62 -4.15
CA SER C 242 -33.80 -5.43 -3.82
C SER C 242 -34.47 -4.22 -4.46
N ASN C 243 -33.72 -3.41 -5.18
CA ASN C 243 -34.28 -2.24 -5.82
C ASN C 243 -35.59 -2.52 -6.57
N PRO C 244 -35.62 -3.55 -7.43
CA PRO C 244 -36.83 -3.87 -8.17
C PRO C 244 -38.03 -4.30 -7.33
N THR C 245 -37.79 -4.74 -6.09
CA THR C 245 -38.89 -5.17 -5.22
C THR C 245 -39.45 -4.06 -4.34
N LYS C 246 -38.93 -2.84 -4.48
CA LYS C 246 -39.39 -1.72 -3.67
C LYS C 246 -40.46 -0.89 -4.40
N PRO C 247 -41.22 -0.07 -3.64
CA PRO C 247 -42.26 0.77 -4.26
C PRO C 247 -41.68 1.44 -5.51
N LEU C 248 -42.47 1.41 -6.58
CA LEU C 248 -42.07 1.97 -7.87
C LEU C 248 -41.38 3.32 -7.85
N GLN C 249 -41.81 4.22 -6.98
CA GLN C 249 -41.20 5.54 -6.91
C GLN C 249 -39.72 5.44 -6.52
N LEU C 250 -39.40 4.49 -5.64
CA LEU C 250 -38.03 4.30 -5.20
C LEU C 250 -37.25 3.60 -6.32
N TYR C 251 -37.75 2.45 -6.72
CA TYR C 251 -37.15 1.63 -7.78
C TYR C 251 -36.72 2.47 -8.98
N ARG C 252 -37.61 3.33 -9.45
CA ARG C 252 -37.31 4.19 -10.60
C ARG C 252 -36.09 5.08 -10.36
N GLN C 253 -35.95 5.58 -9.14
CA GLN C 253 -34.81 6.42 -8.81
C GLN C 253 -33.54 5.58 -8.86
N TRP C 254 -33.62 4.36 -8.33
CA TRP C 254 -32.48 3.45 -8.34
C TRP C 254 -32.05 3.17 -9.77
N THR C 255 -33.03 2.92 -10.64
CA THR C 255 -32.74 2.65 -12.03
C THR C 255 -32.11 3.85 -12.71
N ASP C 256 -32.59 5.05 -12.42
CA ASP C 256 -32.00 6.25 -13.02
C ASP C 256 -30.54 6.39 -12.57
N ARG C 257 -30.25 5.98 -11.34
CA ARG C 257 -28.90 6.08 -10.80
C ARG C 257 -27.93 5.06 -11.37
N ILE C 258 -28.34 3.79 -11.42
CA ILE C 258 -27.48 2.74 -11.95
C ILE C 258 -27.22 3.02 -13.44
N MET C 259 -28.23 3.48 -14.16
CA MET C 259 -28.06 3.79 -15.58
C MET C 259 -27.07 4.92 -15.76
N GLU C 260 -27.15 5.94 -14.90
CA GLU C 260 -26.22 7.05 -15.01
C GLU C 260 -24.79 6.56 -14.74
N GLU C 261 -24.62 5.64 -13.79
CA GLU C 261 -23.29 5.13 -13.47
C GLU C 261 -22.77 4.29 -14.65
N PHE C 262 -23.65 3.47 -15.21
CA PHE C 262 -23.29 2.63 -16.34
C PHE C 262 -22.85 3.49 -17.51
N PHE C 263 -23.67 4.47 -17.86
CA PHE C 263 -23.37 5.34 -18.99
C PHE C 263 -22.07 6.11 -18.78
N ARG C 264 -21.82 6.50 -17.53
CA ARG C 264 -20.59 7.23 -17.25
C ARG C 264 -19.40 6.29 -17.51
N GLN C 265 -19.52 5.03 -17.12
CA GLN C 265 -18.40 4.11 -17.38
C GLN C 265 -18.26 3.92 -18.88
N GLY C 266 -19.39 3.78 -19.57
CA GLY C 266 -19.37 3.61 -21.02
C GLY C 266 -18.70 4.75 -21.74
N ASP C 267 -18.88 5.98 -21.26
CA ASP C 267 -18.25 7.14 -21.89
C ASP C 267 -16.75 7.07 -21.68
N ARG C 268 -16.36 6.71 -20.46
CA ARG C 268 -14.94 6.57 -20.13
C ARG C 268 -14.32 5.49 -20.99
N GLU C 269 -15.03 4.39 -21.16
CA GLU C 269 -14.52 3.31 -21.99
C GLU C 269 -14.44 3.79 -23.44
N ARG C 270 -15.43 4.58 -23.86
CA ARG C 270 -15.44 5.10 -25.23
C ARG C 270 -14.23 6.01 -25.41
N GLU C 271 -14.01 6.92 -24.45
CA GLU C 271 -12.88 7.84 -24.47
C GLU C 271 -11.57 7.12 -24.71
N ARG C 272 -11.37 6.05 -23.95
CA ARG C 272 -10.14 5.27 -24.00
C ARG C 272 -10.07 4.26 -25.12
N GLY C 273 -11.07 4.24 -26.00
CA GLY C 273 -11.05 3.30 -27.11
C GLY C 273 -11.25 1.86 -26.67
N MET C 274 -11.74 1.67 -25.45
CA MET C 274 -11.99 0.33 -24.92
C MET C 274 -13.36 -0.14 -25.40
N GLU C 275 -13.59 -1.45 -25.37
CA GLU C 275 -14.88 -1.98 -25.78
C GLU C 275 -15.89 -1.54 -24.71
N ILE C 276 -16.99 -0.93 -25.11
CA ILE C 276 -17.98 -0.47 -24.14
C ILE C 276 -18.69 -1.66 -23.50
N SER C 277 -18.73 -1.67 -22.16
CA SER C 277 -19.37 -2.76 -21.43
C SER C 277 -20.88 -2.86 -21.69
N PRO C 278 -21.46 -4.05 -21.49
CA PRO C 278 -22.89 -4.28 -21.69
C PRO C 278 -23.75 -3.24 -20.97
N MET C 279 -24.72 -2.67 -21.69
CA MET C 279 -25.64 -1.68 -21.14
C MET C 279 -25.01 -0.34 -20.74
N CYS C 280 -23.77 -0.11 -21.14
CA CYS C 280 -23.10 1.13 -20.76
C CYS C 280 -22.98 2.14 -21.90
N ASP C 281 -23.58 1.82 -23.04
CA ASP C 281 -23.55 2.70 -24.19
C ASP C 281 -24.86 3.49 -24.27
N LYS C 282 -24.82 4.75 -23.88
CA LYS C 282 -26.00 5.60 -23.92
C LYS C 282 -26.55 5.75 -25.32
N HIS C 283 -25.70 5.64 -26.33
CA HIS C 283 -26.15 5.79 -27.70
C HIS C 283 -26.88 4.55 -28.21
N ASN C 284 -26.76 3.45 -27.48
CA ASN C 284 -27.42 2.21 -27.85
C ASN C 284 -27.95 1.54 -26.59
N ALA C 285 -28.83 2.25 -25.88
CA ALA C 285 -29.39 1.74 -24.64
C ALA C 285 -30.83 1.25 -24.79
N SER C 286 -31.29 0.50 -23.80
CA SER C 286 -32.65 -0.04 -23.76
C SER C 286 -33.02 -0.21 -22.29
N VAL C 287 -33.01 0.90 -21.57
CA VAL C 287 -33.31 0.93 -20.14
C VAL C 287 -34.49 0.05 -19.71
N GLU C 288 -35.66 0.31 -20.27
CA GLU C 288 -36.85 -0.47 -19.92
C GLU C 288 -36.60 -1.94 -20.19
N LYS C 289 -36.18 -2.24 -21.41
CA LYS C 289 -35.89 -3.61 -21.82
C LYS C 289 -34.89 -4.28 -20.88
N SER C 290 -33.82 -3.55 -20.56
CA SER C 290 -32.78 -4.08 -19.68
C SER C 290 -33.30 -4.40 -18.27
N GLN C 291 -34.18 -3.54 -17.75
CA GLN C 291 -34.73 -3.78 -16.42
C GLN C 291 -35.55 -5.06 -16.40
N VAL C 292 -36.38 -5.25 -17.42
CA VAL C 292 -37.22 -6.45 -17.49
C VAL C 292 -36.34 -7.70 -17.54
N GLY C 293 -35.23 -7.61 -18.27
CA GLY C 293 -34.32 -8.74 -18.37
C GLY C 293 -33.62 -8.99 -17.03
N PHE C 294 -33.31 -7.90 -16.33
CA PHE C 294 -32.63 -7.99 -15.04
C PHE C 294 -33.53 -8.73 -14.05
N ILE C 295 -34.82 -8.43 -14.08
CA ILE C 295 -35.77 -9.07 -13.19
C ILE C 295 -35.98 -10.54 -13.53
N ASP C 296 -36.15 -10.83 -14.81
CA ASP C 296 -36.38 -12.20 -15.25
C ASP C 296 -35.22 -13.17 -15.05
N TYR C 297 -33.99 -12.73 -15.32
CA TYR C 297 -32.85 -13.64 -15.19
C TYR C 297 -32.06 -13.59 -13.89
N ILE C 298 -32.21 -12.52 -13.11
CA ILE C 298 -31.46 -12.44 -11.87
C ILE C 298 -32.27 -12.13 -10.61
N VAL C 299 -32.93 -10.98 -10.60
CA VAL C 299 -33.70 -10.57 -9.43
C VAL C 299 -34.86 -11.49 -9.06
N HIS C 300 -35.76 -11.75 -10.01
CA HIS C 300 -36.90 -12.61 -9.73
C HIS C 300 -36.47 -14.02 -9.36
N PRO C 301 -35.53 -14.62 -10.12
CA PRO C 301 -35.09 -15.98 -9.79
C PRO C 301 -34.59 -16.05 -8.36
N LEU C 302 -33.79 -15.07 -7.96
CA LEU C 302 -33.26 -15.03 -6.61
C LEU C 302 -34.38 -14.88 -5.57
N TRP C 303 -35.17 -13.84 -5.71
CA TRP C 303 -36.26 -13.58 -4.77
C TRP C 303 -37.31 -14.67 -4.70
N GLU C 304 -37.65 -15.25 -5.84
CA GLU C 304 -38.63 -16.32 -5.88
C GLU C 304 -38.16 -17.41 -4.92
N THR C 305 -36.87 -17.70 -5.00
CA THR C 305 -36.25 -18.72 -4.15
C THR C 305 -36.27 -18.31 -2.68
N TRP C 306 -35.83 -17.08 -2.41
CA TRP C 306 -35.83 -16.60 -1.03
C TRP C 306 -37.23 -16.66 -0.44
N ALA C 307 -38.23 -16.40 -1.27
CA ALA C 307 -39.62 -16.43 -0.82
C ALA C 307 -39.98 -17.85 -0.38
N ASP C 308 -39.42 -18.83 -1.09
CA ASP C 308 -39.68 -20.23 -0.77
C ASP C 308 -39.12 -20.56 0.61
N LEU C 309 -37.90 -20.11 0.86
CA LEU C 309 -37.24 -20.38 2.13
C LEU C 309 -37.97 -19.76 3.32
N VAL C 310 -38.53 -18.57 3.12
CA VAL C 310 -39.23 -17.89 4.20
C VAL C 310 -40.75 -17.86 4.02
N HIS C 311 -41.26 -18.71 3.14
CA HIS C 311 -42.71 -18.76 2.88
C HIS C 311 -43.55 -18.69 4.16
N PRO C 312 -44.57 -17.81 4.16
CA PRO C 312 -44.92 -16.92 3.05
C PRO C 312 -44.50 -15.47 3.36
N ASP C 313 -43.46 -15.34 4.18
CA ASP C 313 -42.95 -14.04 4.59
C ASP C 313 -42.76 -12.95 3.53
N ALA C 314 -42.32 -13.30 2.33
CA ALA C 314 -42.09 -12.28 1.31
C ALA C 314 -43.05 -12.23 0.14
N GLN C 315 -44.30 -12.61 0.36
CA GLN C 315 -45.28 -12.61 -0.72
C GLN C 315 -45.47 -11.21 -1.30
N ASP C 316 -45.64 -10.22 -0.43
CA ASP C 316 -45.85 -8.85 -0.89
C ASP C 316 -44.61 -8.27 -1.57
N ILE C 317 -43.43 -8.73 -1.17
CA ILE C 317 -42.20 -8.26 -1.79
C ILE C 317 -42.18 -8.85 -3.19
N LEU C 318 -42.48 -10.14 -3.27
CA LEU C 318 -42.51 -10.83 -4.55
C LEU C 318 -43.57 -10.23 -5.46
N ASP C 319 -44.72 -9.86 -4.89
CA ASP C 319 -45.80 -9.27 -5.66
C ASP C 319 -45.45 -7.88 -6.17
N THR C 320 -44.74 -7.11 -5.34
CA THR C 320 -44.34 -5.77 -5.73
C THR C 320 -43.41 -5.88 -6.94
N LEU C 321 -42.51 -6.86 -6.88
CA LEU C 321 -41.55 -7.10 -7.96
C LEU C 321 -42.30 -7.38 -9.27
N GLU C 322 -43.11 -8.42 -9.26
CA GLU C 322 -43.87 -8.81 -10.44
C GLU C 322 -44.69 -7.64 -10.97
N ASP C 323 -45.17 -6.80 -10.05
CA ASP C 323 -45.94 -5.62 -10.41
C ASP C 323 -45.04 -4.63 -11.14
N ASN C 324 -43.89 -4.33 -10.55
CA ASN C 324 -42.94 -3.41 -11.15
C ASN C 324 -42.48 -3.93 -12.51
N ARG C 325 -42.24 -5.23 -12.57
CA ARG C 325 -41.81 -5.88 -13.80
C ARG C 325 -42.75 -5.47 -14.94
N GLU C 326 -44.05 -5.61 -14.70
CA GLU C 326 -45.04 -5.25 -15.69
C GLU C 326 -45.02 -3.77 -16.04
N TRP C 327 -44.81 -2.93 -15.03
CA TRP C 327 -44.76 -1.50 -15.26
C TRP C 327 -43.70 -1.18 -16.30
N TYR C 328 -42.48 -1.63 -16.04
CA TYR C 328 -41.38 -1.38 -16.97
C TYR C 328 -41.63 -2.00 -18.35
N GLN C 329 -42.17 -3.21 -18.36
CA GLN C 329 -42.45 -3.91 -19.62
C GLN C 329 -43.35 -3.07 -20.52
N SER C 330 -44.48 -2.60 -19.97
CA SER C 330 -45.42 -1.80 -20.74
C SER C 330 -44.77 -0.49 -21.16
N THR C 331 -43.65 -0.14 -20.52
CA THR C 331 -42.94 1.08 -20.82
C THR C 331 -42.05 0.87 -22.05
N ILE C 332 -41.88 -0.39 -22.43
CA ILE C 332 -41.06 -0.74 -23.59
C ILE C 332 -41.68 -0.21 -24.88
N PRO C 333 -41.07 0.83 -25.46
CA PRO C 333 -41.58 1.42 -26.70
C PRO C 333 -41.49 0.43 -27.86
N GLN C 334 -42.31 0.64 -28.88
CA GLN C 334 -42.31 -0.24 -30.04
C GLN C 334 -42.56 0.53 -31.33
N ILE D 1 25.76 -10.61 -19.60
CA ILE D 1 26.97 -10.95 -20.41
C ILE D 1 27.53 -12.33 -20.06
N PRO D 2 27.53 -12.69 -18.76
CA PRO D 2 28.06 -14.01 -18.37
C PRO D 2 27.30 -15.17 -19.01
N ARG D 3 27.97 -16.30 -19.12
CA ARG D 3 27.40 -17.51 -19.73
C ARG D 3 26.12 -18.03 -19.08
N PHE D 4 25.96 -17.81 -17.77
CA PHE D 4 24.79 -18.29 -17.06
C PHE D 4 23.99 -17.18 -16.38
N GLY D 5 24.26 -15.94 -16.75
CA GLY D 5 23.55 -14.82 -16.17
C GLY D 5 24.17 -14.36 -14.86
N VAL D 6 25.17 -15.10 -14.39
CA VAL D 6 25.85 -14.76 -13.14
C VAL D 6 27.34 -15.03 -13.25
N LYS D 7 28.15 -14.10 -12.74
CA LYS D 7 29.60 -14.23 -12.78
C LYS D 7 30.05 -15.35 -11.84
N THR D 8 31.00 -16.15 -12.31
CA THR D 8 31.52 -17.27 -11.52
C THR D 8 32.78 -17.86 -12.15
N GLU D 9 33.80 -18.08 -11.32
CA GLU D 9 35.06 -18.65 -11.78
C GLU D 9 34.94 -20.17 -11.81
N GLN D 10 34.03 -20.70 -10.99
CA GLN D 10 33.76 -22.13 -10.93
C GLN D 10 32.85 -22.45 -12.10
N GLU D 11 32.76 -21.51 -13.03
CA GLU D 11 31.92 -21.63 -14.21
C GLU D 11 31.93 -23.02 -14.83
N ASP D 12 33.08 -23.69 -14.79
CA ASP D 12 33.20 -25.03 -15.36
C ASP D 12 32.32 -26.03 -14.62
N VAL D 13 32.53 -26.10 -13.31
CA VAL D 13 31.76 -27.03 -12.48
C VAL D 13 30.26 -26.72 -12.59
N LEU D 14 29.93 -25.44 -12.58
CA LEU D 14 28.54 -25.00 -12.68
C LEU D 14 27.93 -25.43 -14.01
N ALA D 15 28.66 -25.17 -15.09
CA ALA D 15 28.20 -25.53 -16.43
C ALA D 15 27.89 -27.02 -16.51
N LYS D 16 28.75 -27.82 -15.91
CA LYS D 16 28.58 -29.27 -15.91
C LYS D 16 27.29 -29.64 -15.19
N GLU D 17 27.09 -29.06 -14.00
CA GLU D 17 25.89 -29.34 -13.22
C GLU D 17 24.63 -28.96 -14.01
N LEU D 18 24.69 -27.84 -14.72
CA LEU D 18 23.55 -27.38 -15.49
C LEU D 18 23.22 -28.24 -16.69
N GLU D 19 24.03 -29.26 -16.95
CA GLU D 19 23.74 -30.13 -18.09
C GLU D 19 22.56 -31.02 -17.76
N ASP D 20 22.25 -31.16 -16.48
CA ASP D 20 21.13 -32.00 -16.07
C ASP D 20 19.86 -31.22 -15.80
N VAL D 21 19.78 -30.00 -16.33
CA VAL D 21 18.61 -29.17 -16.11
C VAL D 21 17.29 -29.84 -16.56
N ASN D 22 17.36 -30.70 -17.56
CA ASN D 22 16.16 -31.38 -18.05
C ASN D 22 15.92 -32.68 -17.29
N LYS D 23 16.74 -32.94 -16.28
CA LYS D 23 16.62 -34.18 -15.53
C LYS D 23 16.07 -34.05 -14.12
N TRP D 24 15.20 -35.00 -13.76
CA TRP D 24 14.60 -35.06 -12.44
C TRP D 24 15.76 -35.39 -11.50
N GLY D 25 15.94 -34.60 -10.45
CA GLY D 25 17.03 -34.88 -9.54
C GLY D 25 18.26 -34.01 -9.72
N LEU D 26 18.10 -32.89 -10.41
CA LEU D 26 19.22 -31.97 -10.60
C LEU D 26 19.77 -31.66 -9.20
N HIS D 27 21.07 -31.42 -9.11
CA HIS D 27 21.71 -31.11 -7.84
C HIS D 27 21.56 -29.61 -7.61
N VAL D 28 20.33 -29.18 -7.29
CA VAL D 28 20.05 -27.76 -7.11
C VAL D 28 20.83 -27.09 -5.96
N PHE D 29 21.10 -27.84 -4.90
CA PHE D 29 21.86 -27.28 -3.77
C PHE D 29 23.29 -27.00 -4.23
N ARG D 30 23.84 -27.89 -5.05
CA ARG D 30 25.18 -27.72 -5.57
C ARG D 30 25.20 -26.50 -6.49
N ILE D 31 24.18 -26.38 -7.33
CA ILE D 31 24.09 -25.25 -8.24
C ILE D 31 23.97 -23.91 -7.49
N ALA D 32 23.28 -23.92 -6.36
CA ALA D 32 23.12 -22.71 -5.55
C ALA D 32 24.50 -22.26 -5.05
N GLU D 33 25.31 -23.23 -4.63
CA GLU D 33 26.65 -22.95 -4.12
C GLU D 33 27.53 -22.43 -5.25
N LEU D 34 27.57 -23.16 -6.36
CA LEU D 34 28.38 -22.77 -7.52
C LEU D 34 27.99 -21.44 -8.16
N SER D 35 26.74 -21.02 -7.97
CA SER D 35 26.28 -19.76 -8.57
C SER D 35 26.39 -18.56 -7.62
N GLY D 36 26.87 -18.78 -6.40
CA GLY D 36 26.96 -17.68 -5.46
C GLY D 36 25.58 -17.34 -4.93
N ASN D 37 24.80 -18.39 -4.65
CA ASN D 37 23.43 -18.25 -4.14
C ASN D 37 22.49 -17.60 -5.15
N ARG D 38 22.66 -17.97 -6.42
CA ARG D 38 21.81 -17.47 -7.50
C ARG D 38 21.21 -18.63 -8.30
N PRO D 39 20.71 -19.66 -7.58
CA PRO D 39 20.12 -20.81 -8.26
C PRO D 39 18.90 -20.45 -9.11
N LEU D 40 18.04 -19.59 -8.58
CA LEU D 40 16.84 -19.19 -9.32
C LEU D 40 17.21 -18.45 -10.60
N THR D 41 18.11 -17.48 -10.49
CA THR D 41 18.54 -16.71 -11.66
C THR D 41 19.18 -17.61 -12.72
N VAL D 42 20.16 -18.41 -12.30
CA VAL D 42 20.87 -19.30 -13.22
C VAL D 42 19.98 -20.35 -13.86
N ILE D 43 19.16 -21.02 -13.07
CA ILE D 43 18.27 -22.05 -13.58
C ILE D 43 17.19 -21.49 -14.53
N MET D 44 16.56 -20.38 -14.14
CA MET D 44 15.57 -19.76 -15.01
C MET D 44 16.20 -19.34 -16.33
N HIS D 45 17.35 -18.68 -16.23
CA HIS D 45 18.03 -18.22 -17.43
C HIS D 45 18.33 -19.40 -18.36
N THR D 46 18.84 -20.48 -17.79
CA THR D 46 19.15 -21.69 -18.56
C THR D 46 17.89 -22.22 -19.24
N ILE D 47 16.80 -22.31 -18.50
CA ILE D 47 15.56 -22.81 -19.05
C ILE D 47 15.02 -21.90 -20.14
N PHE D 48 15.09 -20.58 -19.90
CA PHE D 48 14.58 -19.66 -20.92
C PHE D 48 15.37 -19.83 -22.23
N GLN D 49 16.70 -19.89 -22.11
CA GLN D 49 17.54 -20.04 -23.29
C GLN D 49 17.20 -21.35 -23.99
N GLU D 50 17.13 -22.41 -23.20
CA GLU D 50 16.81 -23.74 -23.68
C GLU D 50 15.48 -23.81 -24.43
N ARG D 51 14.46 -23.16 -23.89
CA ARG D 51 13.14 -23.18 -24.52
C ARG D 51 12.96 -22.06 -25.54
N ASP D 52 14.03 -21.29 -25.76
CA ASP D 52 14.03 -20.20 -26.74
C ASP D 52 13.01 -19.11 -26.43
N LEU D 53 12.63 -19.00 -25.17
CA LEU D 53 11.66 -18.00 -24.74
C LEU D 53 12.10 -16.55 -24.98
N LEU D 54 13.39 -16.25 -24.88
CA LEU D 54 13.83 -14.88 -25.10
C LEU D 54 13.47 -14.40 -26.51
N LYS D 55 13.77 -15.22 -27.51
CA LYS D 55 13.47 -14.84 -28.89
C LYS D 55 11.98 -14.84 -29.15
N THR D 56 11.31 -15.91 -28.71
CA THR D 56 9.88 -16.05 -28.92
C THR D 56 9.07 -14.89 -28.37
N PHE D 57 9.47 -14.34 -27.22
CA PHE D 57 8.74 -13.23 -26.64
C PHE D 57 9.52 -11.92 -26.62
N LYS D 58 10.57 -11.87 -27.42
CA LYS D 58 11.41 -10.68 -27.55
C LYS D 58 11.75 -10.04 -26.20
N ILE D 59 12.28 -10.86 -25.32
CA ILE D 59 12.66 -10.45 -23.98
C ILE D 59 14.15 -10.09 -24.00
N PRO D 60 14.47 -8.81 -23.79
CA PRO D 60 15.90 -8.46 -23.79
C PRO D 60 16.61 -9.24 -22.69
N VAL D 61 17.80 -9.74 -23.01
CA VAL D 61 18.55 -10.54 -22.05
C VAL D 61 18.89 -9.82 -20.73
N ASP D 62 19.29 -8.55 -20.81
CA ASP D 62 19.64 -7.80 -19.59
C ASP D 62 18.41 -7.58 -18.73
N THR D 63 17.26 -7.45 -19.38
CA THR D 63 16.00 -7.26 -18.69
C THR D 63 15.66 -8.55 -17.94
N LEU D 64 15.77 -9.68 -18.63
CA LEU D 64 15.48 -10.97 -18.00
C LEU D 64 16.36 -11.16 -16.78
N ILE D 65 17.67 -10.98 -16.95
CA ILE D 65 18.61 -11.17 -15.86
C ILE D 65 18.34 -10.19 -14.71
N THR D 66 18.04 -8.93 -15.01
CA THR D 66 17.77 -7.98 -13.93
C THR D 66 16.49 -8.39 -13.17
N TYR D 67 15.46 -8.78 -13.90
CA TYR D 67 14.24 -9.19 -13.21
C TYR D 67 14.50 -10.40 -12.30
N LEU D 68 15.18 -11.42 -12.84
CA LEU D 68 15.47 -12.64 -12.08
C LEU D 68 16.26 -12.36 -10.80
N MET D 69 17.29 -11.53 -10.92
CA MET D 69 18.09 -11.18 -9.74
C MET D 69 17.18 -10.45 -8.75
N THR D 70 16.30 -9.60 -9.28
CA THR D 70 15.37 -8.85 -8.45
C THR D 70 14.39 -9.82 -7.77
N LEU D 71 13.80 -10.71 -8.54
CA LEU D 71 12.87 -11.68 -7.99
C LEU D 71 13.57 -12.52 -6.91
N GLU D 72 14.72 -13.08 -7.25
CA GLU D 72 15.49 -13.90 -6.32
C GLU D 72 15.81 -13.13 -5.04
N ASP D 73 16.17 -11.85 -5.19
CA ASP D 73 16.50 -11.02 -4.04
C ASP D 73 15.33 -10.88 -3.10
N HIS D 74 14.10 -11.08 -3.59
CA HIS D 74 12.95 -10.94 -2.72
C HIS D 74 12.50 -12.20 -2.01
N TYR D 75 13.29 -13.27 -2.16
CA TYR D 75 13.02 -14.50 -1.42
C TYR D 75 13.92 -14.26 -0.22
N HIS D 76 13.52 -14.73 0.96
CA HIS D 76 14.31 -14.50 2.18
C HIS D 76 15.40 -15.53 2.45
N ALA D 77 16.63 -15.06 2.51
CA ALA D 77 17.78 -15.92 2.77
C ALA D 77 17.77 -16.49 4.18
N ASP D 78 17.05 -15.85 5.09
CA ASP D 78 17.01 -16.34 6.46
C ASP D 78 15.92 -17.40 6.68
N VAL D 79 15.16 -17.71 5.64
CA VAL D 79 14.10 -18.71 5.76
C VAL D 79 14.67 -20.04 5.24
N ALA D 80 14.67 -21.06 6.09
CA ALA D 80 15.24 -22.38 5.74
C ALA D 80 14.64 -23.15 4.56
N TYR D 81 13.32 -23.14 4.43
CA TYR D 81 12.70 -23.87 3.32
C TYR D 81 12.17 -22.98 2.19
N HIS D 82 11.21 -22.11 2.52
CA HIS D 82 10.63 -21.24 1.50
C HIS D 82 11.52 -20.08 1.06
N ASN D 83 12.62 -20.43 0.40
CA ASN D 83 13.58 -19.45 -0.08
C ASN D 83 13.83 -19.62 -1.61
N ASN D 84 14.87 -18.97 -2.11
CA ASN D 84 15.19 -19.04 -3.53
C ASN D 84 15.55 -20.43 -4.05
N ILE D 85 16.06 -21.29 -3.17
CA ILE D 85 16.41 -22.63 -3.60
C ILE D 85 15.15 -23.43 -3.91
N HIS D 86 14.13 -23.29 -3.04
CA HIS D 86 12.84 -23.96 -3.23
C HIS D 86 12.23 -23.45 -4.53
N ALA D 87 12.31 -22.14 -4.75
CA ALA D 87 11.79 -21.55 -5.98
C ALA D 87 12.47 -22.15 -7.22
N ALA D 88 13.80 -22.16 -7.20
CA ALA D 88 14.58 -22.70 -8.29
C ALA D 88 14.20 -24.17 -8.54
N ASP D 89 14.02 -24.92 -7.46
CA ASP D 89 13.65 -26.34 -7.53
C ASP D 89 12.28 -26.54 -8.18
N VAL D 90 11.29 -25.76 -7.78
CA VAL D 90 9.96 -25.89 -8.35
C VAL D 90 9.98 -25.50 -9.83
N VAL D 91 10.75 -24.46 -10.15
CA VAL D 91 10.87 -24.04 -11.55
C VAL D 91 11.40 -25.21 -12.39
N GLN D 92 12.53 -25.75 -11.97
CA GLN D 92 13.19 -26.84 -12.68
C GLN D 92 12.30 -28.07 -12.74
N SER D 93 11.61 -28.37 -11.63
CA SER D 93 10.73 -29.53 -11.60
C SER D 93 9.57 -29.37 -12.58
N THR D 94 9.03 -28.14 -12.65
CA THR D 94 7.95 -27.86 -13.57
C THR D 94 8.48 -27.98 -15.00
N HIS D 95 9.71 -27.52 -15.19
CA HIS D 95 10.35 -27.58 -16.50
C HIS D 95 10.40 -29.04 -17.00
N VAL D 96 10.77 -29.97 -16.11
CA VAL D 96 10.85 -31.38 -16.47
C VAL D 96 9.46 -31.94 -16.76
N LEU D 97 8.51 -31.70 -15.86
CA LEU D 97 7.14 -32.17 -16.03
C LEU D 97 6.53 -31.69 -17.34
N LEU D 98 6.85 -30.45 -17.72
CA LEU D 98 6.33 -29.88 -18.96
C LEU D 98 6.83 -30.64 -20.19
N SER D 99 7.98 -31.29 -20.06
CA SER D 99 8.57 -32.03 -21.17
C SER D 99 8.21 -33.52 -21.21
N THR D 100 7.29 -33.94 -20.36
CA THR D 100 6.90 -35.35 -20.32
C THR D 100 6.27 -35.78 -21.66
N PRO D 101 6.60 -36.99 -22.15
CA PRO D 101 6.07 -37.48 -23.42
C PRO D 101 4.57 -37.31 -23.64
N ALA D 102 3.77 -37.67 -22.63
CA ALA D 102 2.32 -37.57 -22.73
C ALA D 102 1.79 -36.13 -22.94
N LEU D 103 2.63 -35.12 -22.78
CA LEU D 103 2.20 -33.74 -22.98
C LEU D 103 2.89 -33.01 -24.11
N GLU D 104 3.64 -33.75 -24.93
CA GLU D 104 4.37 -33.14 -26.04
C GLU D 104 3.47 -32.38 -27.02
N ALA D 105 3.81 -31.12 -27.26
CA ALA D 105 3.07 -30.24 -28.16
C ALA D 105 1.67 -29.86 -27.72
N VAL D 106 1.29 -30.20 -26.49
CA VAL D 106 -0.04 -29.88 -25.98
C VAL D 106 -0.21 -28.39 -25.59
N PHE D 107 0.77 -27.84 -24.88
CA PHE D 107 0.70 -26.46 -24.44
C PHE D 107 1.41 -25.46 -25.35
N THR D 108 0.89 -24.24 -25.39
CA THR D 108 1.46 -23.19 -26.21
C THR D 108 2.70 -22.59 -25.52
N ASP D 109 3.44 -21.76 -26.25
CA ASP D 109 4.62 -21.13 -25.68
C ASP D 109 4.21 -20.21 -24.55
N LEU D 110 3.05 -19.58 -24.67
CA LEU D 110 2.57 -18.67 -23.64
C LEU D 110 2.21 -19.41 -22.36
N GLU D 111 1.58 -20.58 -22.51
CA GLU D 111 1.19 -21.39 -21.36
C GLU D 111 2.43 -21.94 -20.67
N ILE D 112 3.45 -22.23 -21.47
CA ILE D 112 4.71 -22.75 -20.96
C ILE D 112 5.37 -21.64 -20.14
N LEU D 113 5.39 -20.43 -20.70
CA LEU D 113 5.96 -19.27 -20.03
C LEU D 113 5.20 -19.02 -18.72
N ALA D 114 3.87 -19.13 -18.76
CA ALA D 114 3.04 -18.92 -17.57
C ALA D 114 3.35 -19.93 -16.46
N ALA D 115 3.46 -21.20 -16.83
CA ALA D 115 3.74 -22.22 -15.83
C ALA D 115 5.11 -22.01 -15.19
N ILE D 116 6.10 -21.66 -16.00
CA ILE D 116 7.44 -21.45 -15.50
C ILE D 116 7.55 -20.17 -14.67
N PHE D 117 6.96 -19.09 -15.15
CA PHE D 117 7.01 -17.81 -14.42
C PHE D 117 6.27 -17.98 -13.10
N ALA D 118 5.10 -18.62 -13.15
CA ALA D 118 4.32 -18.86 -11.95
C ALA D 118 5.16 -19.66 -10.95
N SER D 119 5.89 -20.66 -11.45
CA SER D 119 6.72 -21.46 -10.55
C SER D 119 7.80 -20.59 -9.91
N ALA D 120 8.38 -19.68 -10.68
CA ALA D 120 9.45 -18.82 -10.17
C ALA D 120 9.00 -17.84 -9.09
N ILE D 121 7.80 -17.30 -9.23
CA ILE D 121 7.31 -16.33 -8.25
C ILE D 121 6.39 -16.91 -7.18
N HIS D 122 6.04 -18.19 -7.30
CA HIS D 122 5.07 -18.77 -6.39
C HIS D 122 5.23 -18.63 -4.87
N ASP D 123 6.45 -18.47 -4.35
CA ASP D 123 6.61 -18.28 -2.91
C ASP D 123 7.43 -17.02 -2.60
N VAL D 124 7.54 -16.09 -3.55
CA VAL D 124 8.36 -14.91 -3.31
C VAL D 124 7.93 -14.11 -2.08
N ASP D 125 8.93 -13.65 -1.33
CA ASP D 125 8.76 -12.85 -0.12
C ASP D 125 8.05 -13.61 0.98
N HIS D 126 8.21 -14.94 0.99
CA HIS D 126 7.60 -15.79 2.00
C HIS D 126 8.31 -15.48 3.33
N PRO D 127 7.54 -15.20 4.40
CA PRO D 127 8.13 -14.90 5.71
C PRO D 127 8.54 -16.10 6.53
N GLY D 128 8.27 -17.30 6.04
CA GLY D 128 8.65 -18.47 6.82
C GLY D 128 7.58 -18.91 7.80
N VAL D 129 6.43 -18.27 7.79
CA VAL D 129 5.34 -18.70 8.67
C VAL D 129 4.08 -18.92 7.83
N SER D 130 3.12 -19.66 8.39
CA SER D 130 1.90 -19.98 7.66
C SER D 130 0.84 -18.89 7.63
N ASN D 131 -0.15 -19.07 6.76
CA ASN D 131 -1.25 -18.14 6.65
C ASN D 131 -1.94 -18.00 8.00
N GLN D 132 -2.11 -19.12 8.71
CA GLN D 132 -2.80 -19.06 9.99
C GLN D 132 -2.09 -18.17 10.99
N PHE D 133 -0.76 -18.21 10.98
CA PHE D 133 0.03 -17.38 11.90
C PHE D 133 -0.20 -15.90 11.57
N LEU D 134 -0.21 -15.57 10.28
CA LEU D 134 -0.42 -14.19 9.84
C LEU D 134 -1.83 -13.72 10.19
N ILE D 135 -2.77 -14.65 10.21
CA ILE D 135 -4.16 -14.35 10.52
C ILE D 135 -4.35 -14.11 12.03
N ASN D 136 -3.83 -15.02 12.84
CA ASN D 136 -4.00 -14.90 14.29
C ASN D 136 -3.27 -13.70 14.93
N THR D 137 -2.24 -13.20 14.26
CA THR D 137 -1.50 -12.04 14.79
C THR D 137 -2.05 -10.72 14.24
N ASN D 138 -3.13 -10.81 13.45
CA ASN D 138 -3.74 -9.62 12.84
C ASN D 138 -2.72 -8.85 12.00
N SER D 139 -1.93 -9.57 11.22
CA SER D 139 -0.93 -8.93 10.39
C SER D 139 -1.55 -8.08 9.29
N GLU D 140 -0.79 -7.08 8.85
CA GLU D 140 -1.27 -6.20 7.80
C GLU D 140 -1.58 -7.02 6.55
N LEU D 141 -0.79 -8.05 6.28
CA LEU D 141 -1.03 -8.88 5.09
C LEU D 141 -2.41 -9.52 5.16
N ALA D 142 -2.73 -10.17 6.29
CA ALA D 142 -4.04 -10.80 6.45
C ALA D 142 -5.16 -9.78 6.35
N LEU D 143 -4.92 -8.57 6.85
CA LEU D 143 -5.92 -7.52 6.78
C LEU D 143 -6.20 -7.15 5.32
N MET D 144 -5.13 -7.05 4.55
CA MET D 144 -5.28 -6.67 3.16
C MET D 144 -5.95 -7.75 2.34
N TYR D 145 -5.66 -9.01 2.64
CA TYR D 145 -6.25 -10.10 1.87
C TYR D 145 -7.42 -10.81 2.53
N ASN D 146 -8.00 -10.17 3.54
CA ASN D 146 -9.16 -10.73 4.23
C ASN D 146 -9.00 -12.20 4.63
N ASP D 147 -7.84 -12.52 5.19
CA ASP D 147 -7.52 -13.87 5.66
C ASP D 147 -7.69 -15.00 4.64
N SER D 148 -7.78 -14.69 3.35
CA SER D 148 -7.96 -15.72 2.33
C SER D 148 -6.73 -15.89 1.43
N SER D 149 -6.10 -17.05 1.48
CA SER D 149 -4.89 -17.31 0.70
C SER D 149 -3.99 -16.09 0.82
N VAL D 150 -3.77 -15.66 2.05
CA VAL D 150 -2.98 -14.48 2.31
C VAL D 150 -1.63 -14.50 1.60
N LEU D 151 -0.81 -15.50 1.91
CA LEU D 151 0.51 -15.61 1.28
C LEU D 151 0.42 -15.80 -0.23
N GLU D 152 -0.41 -16.73 -0.69
CA GLU D 152 -0.51 -16.94 -2.12
C GLU D 152 -0.86 -15.65 -2.88
N ASN D 153 -1.75 -14.84 -2.32
CA ASN D 153 -2.11 -13.59 -2.99
C ASN D 153 -0.93 -12.63 -3.01
N HIS D 154 -0.20 -12.60 -1.90
CA HIS D 154 0.97 -11.74 -1.77
C HIS D 154 2.11 -12.18 -2.70
N HIS D 155 2.33 -13.49 -2.85
CA HIS D 155 3.40 -13.95 -3.74
C HIS D 155 3.14 -13.42 -5.14
N LEU D 156 1.89 -13.56 -5.60
CA LEU D 156 1.52 -13.06 -6.93
C LEU D 156 1.71 -11.54 -7.06
N ALA D 157 1.16 -10.79 -6.11
CA ALA D 157 1.26 -9.34 -6.16
C ALA D 157 2.72 -8.85 -6.20
N VAL D 158 3.60 -9.50 -5.45
CA VAL D 158 5.00 -9.11 -5.44
C VAL D 158 5.68 -9.51 -6.76
N GLY D 159 5.37 -10.71 -7.23
CA GLY D 159 5.95 -11.18 -8.47
C GLY D 159 5.65 -10.24 -9.62
N PHE D 160 4.42 -9.75 -9.67
CA PHE D 160 4.03 -8.81 -10.73
C PHE D 160 4.55 -7.40 -10.46
N LYS D 161 4.51 -6.98 -9.20
CA LYS D 161 4.95 -5.64 -8.84
C LYS D 161 6.40 -5.39 -9.25
N LEU D 162 7.26 -6.38 -9.03
CA LEU D 162 8.67 -6.29 -9.35
C LEU D 162 9.00 -6.05 -10.82
N LEU D 163 8.03 -6.32 -11.69
CA LEU D 163 8.22 -6.09 -13.12
C LEU D 163 8.37 -4.59 -13.38
N GLN D 164 7.97 -3.79 -12.40
CA GLN D 164 8.01 -2.33 -12.48
C GLN D 164 9.34 -1.70 -12.03
N GLU D 165 10.25 -2.51 -11.51
CA GLU D 165 11.53 -1.95 -11.11
C GLU D 165 12.36 -1.66 -12.34
N GLU D 166 13.43 -0.90 -12.19
CA GLU D 166 14.26 -0.51 -13.33
C GLU D 166 14.72 -1.66 -14.22
N ASN D 167 14.30 -1.60 -15.48
CA ASN D 167 14.65 -2.62 -16.49
C ASN D 167 14.25 -4.03 -16.06
N CYS D 168 13.06 -4.18 -15.47
CA CYS D 168 12.59 -5.49 -15.03
C CYS D 168 11.36 -6.02 -15.77
N ASP D 169 10.84 -5.26 -16.74
CA ASP D 169 9.66 -5.74 -17.44
C ASP D 169 9.90 -6.73 -18.57
N ILE D 170 10.08 -7.99 -18.20
CA ILE D 170 10.32 -9.05 -19.18
C ILE D 170 9.15 -9.27 -20.13
N PHE D 171 7.97 -8.73 -19.82
CA PHE D 171 6.83 -8.91 -20.70
C PHE D 171 6.50 -7.66 -21.51
N GLN D 172 7.44 -6.71 -21.56
CA GLN D 172 7.23 -5.46 -22.27
C GLN D 172 6.91 -5.59 -23.76
N ASN D 173 7.31 -6.69 -24.38
CA ASN D 173 7.03 -6.82 -25.80
C ASN D 173 5.87 -7.77 -26.14
N LEU D 174 5.13 -8.19 -25.12
CA LEU D 174 3.97 -9.07 -25.33
C LEU D 174 2.78 -8.20 -25.67
N THR D 175 1.98 -8.62 -26.65
CA THR D 175 0.81 -7.84 -27.01
C THR D 175 -0.06 -7.74 -25.77
N LYS D 176 -1.08 -6.88 -25.84
CA LYS D 176 -2.00 -6.69 -24.73
C LYS D 176 -2.74 -8.00 -24.46
N LYS D 177 -3.17 -8.65 -25.54
CA LYS D 177 -3.87 -9.92 -25.42
C LYS D 177 -3.03 -10.98 -24.73
N GLN D 178 -1.75 -11.05 -25.06
CA GLN D 178 -0.86 -12.04 -24.46
C GLN D 178 -0.65 -11.79 -22.97
N ARG D 179 -0.46 -10.53 -22.60
CA ARG D 179 -0.25 -10.17 -21.21
C ARG D 179 -1.47 -10.53 -20.37
N GLN D 180 -2.65 -10.22 -20.89
CA GLN D 180 -3.88 -10.54 -20.17
C GLN D 180 -4.04 -12.04 -20.00
N SER D 181 -3.77 -12.79 -21.06
CA SER D 181 -3.92 -14.24 -20.97
C SER D 181 -2.85 -14.80 -20.03
N LEU D 182 -1.62 -14.30 -20.16
CA LEU D 182 -0.53 -14.77 -19.31
C LEU D 182 -0.82 -14.49 -17.85
N ARG D 183 -1.27 -13.27 -17.56
CA ARG D 183 -1.58 -12.88 -16.19
C ARG D 183 -2.65 -13.77 -15.58
N LYS D 184 -3.72 -14.05 -16.32
CA LYS D 184 -4.79 -14.88 -15.79
C LYS D 184 -4.30 -16.29 -15.43
N MET D 185 -3.53 -16.90 -16.32
CA MET D 185 -2.99 -18.24 -16.09
C MET D 185 -2.06 -18.30 -14.89
N VAL D 186 -1.19 -17.30 -14.77
CA VAL D 186 -0.25 -17.26 -13.66
C VAL D 186 -1.00 -17.17 -12.33
N ILE D 187 -1.96 -16.26 -12.28
CA ILE D 187 -2.78 -16.08 -11.08
C ILE D 187 -3.52 -17.38 -10.76
N ASP D 188 -4.12 -17.99 -11.76
CA ASP D 188 -4.86 -19.24 -11.56
C ASP D 188 -3.94 -20.32 -10.99
N ILE D 189 -2.72 -20.40 -11.54
CA ILE D 189 -1.74 -21.39 -11.10
C ILE D 189 -1.18 -21.16 -9.68
N VAL D 190 -0.78 -19.93 -9.37
CA VAL D 190 -0.24 -19.68 -8.04
C VAL D 190 -1.28 -19.83 -6.92
N LEU D 191 -2.49 -19.32 -7.15
CA LEU D 191 -3.54 -19.44 -6.14
C LEU D 191 -3.87 -20.90 -5.86
N ALA D 192 -3.61 -21.77 -6.84
CA ALA D 192 -3.87 -23.20 -6.68
C ALA D 192 -2.81 -23.89 -5.81
N THR D 193 -1.72 -23.17 -5.48
CA THR D 193 -0.66 -23.72 -4.65
C THR D 193 -1.01 -23.70 -3.15
N ASP D 194 -2.14 -23.10 -2.81
CA ASP D 194 -2.59 -23.05 -1.42
C ASP D 194 -3.07 -24.46 -1.09
N MET D 195 -2.52 -25.06 -0.04
CA MET D 195 -2.91 -26.42 0.35
C MET D 195 -4.41 -26.57 0.63
N SER D 196 -5.07 -25.48 1.00
CA SER D 196 -6.49 -25.53 1.28
C SER D 196 -7.24 -25.94 0.02
N LYS D 197 -6.56 -25.85 -1.13
CA LYS D 197 -7.18 -26.21 -2.40
C LYS D 197 -6.76 -27.56 -2.94
N HIS D 198 -5.84 -28.21 -2.24
CA HIS D 198 -5.31 -29.52 -2.63
C HIS D 198 -6.36 -30.61 -2.89
N MET D 199 -7.24 -30.82 -1.92
CA MET D 199 -8.28 -31.83 -2.06
C MET D 199 -9.16 -31.63 -3.30
N ASN D 200 -9.59 -30.40 -3.56
CA ASN D 200 -10.43 -30.16 -4.73
C ASN D 200 -9.64 -30.36 -6.02
N LEU D 201 -8.37 -29.95 -6.03
CA LEU D 201 -7.53 -30.13 -7.22
C LEU D 201 -7.35 -31.60 -7.53
N LEU D 202 -7.05 -32.38 -6.50
CA LEU D 202 -6.84 -33.82 -6.69
C LEU D 202 -8.10 -34.44 -7.24
N ALA D 203 -9.23 -34.14 -6.61
CA ALA D 203 -10.53 -34.68 -7.05
C ALA D 203 -10.76 -34.43 -8.54
N ASP D 204 -10.46 -33.22 -9.00
CA ASP D 204 -10.66 -32.90 -10.41
C ASP D 204 -9.64 -33.63 -11.29
N LEU D 205 -8.41 -33.78 -10.79
CA LEU D 205 -7.38 -34.47 -11.55
C LEU D 205 -7.83 -35.93 -11.75
N LYS D 206 -8.38 -36.53 -10.70
CA LYS D 206 -8.86 -37.92 -10.77
C LYS D 206 -9.97 -38.05 -11.78
N THR D 207 -10.90 -37.10 -11.78
CA THR D 207 -12.01 -37.12 -12.70
C THR D 207 -11.46 -37.07 -14.13
N MET D 208 -10.47 -36.23 -14.36
CA MET D 208 -9.86 -36.13 -15.69
C MET D 208 -9.28 -37.48 -16.08
N VAL D 209 -8.57 -38.12 -15.15
CA VAL D 209 -7.97 -39.42 -15.43
C VAL D 209 -9.05 -40.42 -15.81
N GLU D 210 -10.19 -40.35 -15.12
CA GLU D 210 -11.30 -41.27 -15.38
C GLU D 210 -11.95 -41.07 -16.75
N THR D 211 -11.81 -39.88 -17.33
CA THR D 211 -12.37 -39.60 -18.64
C THR D 211 -11.26 -39.11 -19.57
N LYS D 212 -10.04 -39.56 -19.28
CA LYS D 212 -8.85 -39.20 -20.04
C LYS D 212 -8.98 -39.43 -21.54
N LYS D 213 -8.54 -38.45 -22.32
CA LYS D 213 -8.59 -38.55 -23.77
C LYS D 213 -7.22 -38.23 -24.37
N VAL D 214 -6.84 -38.98 -25.40
CA VAL D 214 -5.56 -38.73 -26.07
C VAL D 214 -5.84 -38.47 -27.55
N THR D 215 -4.95 -37.74 -28.21
CA THR D 215 -5.14 -37.43 -29.62
C THR D 215 -4.65 -38.56 -30.51
N SER D 216 -4.60 -38.30 -31.81
CA SER D 216 -4.13 -39.29 -32.76
C SER D 216 -2.68 -39.56 -32.40
N SER D 217 -2.01 -38.54 -31.87
CA SER D 217 -0.64 -38.68 -31.42
C SER D 217 -0.86 -39.37 -30.09
N GLY D 218 0.19 -39.64 -29.35
CA GLY D 218 -0.06 -40.29 -28.06
C GLY D 218 -0.15 -39.27 -26.95
N VAL D 219 -0.62 -38.05 -27.25
CA VAL D 219 -0.70 -37.01 -26.23
C VAL D 219 -2.09 -36.62 -25.73
N LEU D 220 -2.13 -36.13 -24.50
CA LEU D 220 -3.38 -35.73 -23.86
C LEU D 220 -4.14 -34.65 -24.62
N LEU D 221 -5.45 -34.86 -24.74
CA LEU D 221 -6.34 -33.93 -25.41
C LEU D 221 -6.98 -33.03 -24.34
N LEU D 222 -6.74 -31.73 -24.46
CA LEU D 222 -7.28 -30.74 -23.54
C LEU D 222 -7.99 -29.71 -24.42
N ASP D 223 -9.31 -29.77 -24.38
CA ASP D 223 -10.18 -28.94 -25.19
C ASP D 223 -10.40 -27.49 -24.82
N ASN D 224 -10.57 -27.24 -23.53
CA ASN D 224 -10.89 -25.91 -23.03
C ASN D 224 -9.93 -25.35 -21.99
N TYR D 225 -10.08 -24.06 -21.69
CA TYR D 225 -9.26 -23.38 -20.69
C TYR D 225 -9.35 -24.12 -19.35
N SER D 226 -10.56 -24.51 -19.00
CA SER D 226 -10.79 -25.22 -17.74
C SER D 226 -9.90 -26.46 -17.58
N ASP D 227 -9.88 -27.33 -18.59
CA ASP D 227 -9.07 -28.53 -18.52
C ASP D 227 -7.58 -28.19 -18.65
N ARG D 228 -7.26 -27.23 -19.50
CA ARG D 228 -5.86 -26.84 -19.70
C ARG D 228 -5.27 -26.27 -18.42
N ILE D 229 -5.95 -25.30 -17.82
CA ILE D 229 -5.48 -24.66 -16.60
C ILE D 229 -5.43 -25.64 -15.42
N GLN D 230 -6.35 -26.60 -15.41
CA GLN D 230 -6.40 -27.60 -14.34
C GLN D 230 -5.12 -28.43 -14.37
N VAL D 231 -4.74 -28.87 -15.57
CA VAL D 231 -3.53 -29.67 -15.71
C VAL D 231 -2.29 -28.85 -15.31
N LEU D 232 -2.24 -27.58 -15.70
CA LEU D 232 -1.10 -26.73 -15.35
C LEU D 232 -1.05 -26.47 -13.85
N GLN D 233 -2.21 -26.29 -13.22
CA GLN D 233 -2.27 -26.05 -11.78
C GLN D 233 -1.73 -27.26 -11.04
N ASN D 234 -2.23 -28.44 -11.41
CA ASN D 234 -1.79 -29.68 -10.77
C ASN D 234 -0.31 -29.96 -11.07
N MET D 235 0.15 -29.56 -12.24
CA MET D 235 1.55 -29.76 -12.59
C MET D 235 2.44 -28.99 -11.63
N VAL D 236 2.16 -27.70 -11.48
CA VAL D 236 2.97 -26.87 -10.59
C VAL D 236 2.77 -27.32 -9.15
N HIS D 237 1.57 -27.77 -8.82
CA HIS D 237 1.28 -28.25 -7.47
C HIS D 237 2.16 -29.48 -7.19
N CYS D 238 2.27 -30.39 -8.17
CA CYS D 238 3.11 -31.58 -8.02
C CYS D 238 4.57 -31.16 -7.85
N ALA D 239 4.99 -30.15 -8.61
CA ALA D 239 6.37 -29.67 -8.52
C ALA D 239 6.63 -29.17 -7.10
N ASP D 240 5.70 -28.39 -6.59
CA ASP D 240 5.80 -27.81 -5.24
C ASP D 240 5.86 -28.96 -4.22
N LEU D 241 5.18 -30.06 -4.51
CA LEU D 241 5.19 -31.21 -3.59
C LEU D 241 6.02 -32.39 -4.13
N SER D 242 7.16 -32.09 -4.76
CA SER D 242 7.98 -33.15 -5.34
C SER D 242 9.19 -33.62 -4.53
N ASN D 243 9.49 -32.96 -3.42
CA ASN D 243 10.63 -33.33 -2.59
C ASN D 243 10.74 -34.84 -2.32
N PRO D 244 9.64 -35.48 -1.87
CA PRO D 244 9.68 -36.92 -1.57
C PRO D 244 9.95 -37.84 -2.75
N THR D 245 9.84 -37.31 -3.96
CA THR D 245 10.05 -38.10 -5.16
C THR D 245 11.44 -37.92 -5.77
N LYS D 246 12.27 -37.10 -5.13
CA LYS D 246 13.62 -36.84 -5.61
C LYS D 246 14.58 -37.83 -4.93
N PRO D 247 15.79 -37.99 -5.48
CA PRO D 247 16.77 -38.91 -4.89
C PRO D 247 16.86 -38.59 -3.41
N LEU D 248 16.84 -39.64 -2.60
CA LEU D 248 16.89 -39.53 -1.14
C LEU D 248 17.86 -38.47 -0.61
N GLN D 249 19.04 -38.40 -1.21
CA GLN D 249 20.07 -37.43 -0.82
C GLN D 249 19.53 -35.99 -0.85
N LEU D 250 18.65 -35.71 -1.80
CA LEU D 250 18.06 -34.37 -1.92
C LEU D 250 16.85 -34.25 -1.00
N TYR D 251 16.02 -35.30 -1.00
CA TYR D 251 14.81 -35.35 -0.18
C TYR D 251 15.13 -35.08 1.30
N ARG D 252 16.15 -35.72 1.83
CA ARG D 252 16.49 -35.49 3.23
C ARG D 252 16.92 -34.05 3.53
N GLN D 253 17.53 -33.39 2.57
CA GLN D 253 17.94 -32.00 2.77
C GLN D 253 16.69 -31.12 2.82
N TRP D 254 15.73 -31.43 1.95
CA TRP D 254 14.48 -30.68 1.93
C TRP D 254 13.78 -30.89 3.26
N THR D 255 13.76 -32.13 3.73
CA THR D 255 13.11 -32.44 5.00
C THR D 255 13.76 -31.68 6.16
N ASP D 256 15.09 -31.69 6.23
CA ASP D 256 15.78 -30.98 7.29
C ASP D 256 15.39 -29.50 7.29
N ARG D 257 15.26 -28.93 6.10
CA ARG D 257 14.91 -27.52 5.96
C ARG D 257 13.48 -27.16 6.36
N ILE D 258 12.50 -27.93 5.92
CA ILE D 258 11.12 -27.64 6.28
C ILE D 258 10.92 -27.83 7.78
N MET D 259 11.62 -28.82 8.36
CA MET D 259 11.50 -29.07 9.79
C MET D 259 12.10 -27.90 10.53
N GLU D 260 13.18 -27.36 9.99
CA GLU D 260 13.83 -26.21 10.63
C GLU D 260 12.86 -25.03 10.62
N GLU D 261 12.16 -24.84 9.51
CA GLU D 261 11.21 -23.74 9.41
C GLU D 261 10.01 -23.95 10.33
N PHE D 262 9.50 -25.18 10.36
CA PHE D 262 8.36 -25.53 11.21
C PHE D 262 8.66 -25.22 12.67
N PHE D 263 9.77 -25.75 13.16
CA PHE D 263 10.18 -25.55 14.55
C PHE D 263 10.41 -24.09 14.90
N ARG D 264 10.87 -23.29 13.95
CA ARG D 264 11.10 -21.89 14.22
C ARG D 264 9.75 -21.23 14.46
N GLN D 265 8.75 -21.60 13.66
CA GLN D 265 7.42 -21.03 13.84
C GLN D 265 6.91 -21.50 15.20
N GLY D 266 7.19 -22.76 15.51
CA GLY D 266 6.77 -23.33 16.78
C GLY D 266 7.31 -22.54 17.95
N ASP D 267 8.60 -22.17 17.88
CA ASP D 267 9.21 -21.41 18.96
C ASP D 267 8.59 -20.02 19.05
N ARG D 268 8.22 -19.45 17.90
CA ARG D 268 7.61 -18.13 17.91
C ARG D 268 6.21 -18.22 18.51
N GLU D 269 5.49 -19.27 18.16
CA GLU D 269 4.16 -19.47 18.71
C GLU D 269 4.27 -19.66 20.22
N ARG D 270 5.24 -20.45 20.65
CA ARG D 270 5.44 -20.70 22.07
C ARG D 270 5.75 -19.39 22.81
N GLU D 271 6.65 -18.60 22.24
CA GLU D 271 7.04 -17.29 22.80
C GLU D 271 5.83 -16.43 23.06
N ARG D 272 5.01 -16.27 22.03
CA ARG D 272 3.83 -15.44 22.08
C ARG D 272 2.67 -16.04 22.85
N GLY D 273 2.83 -17.29 23.27
CA GLY D 273 1.77 -17.94 24.02
C GLY D 273 0.63 -18.38 23.12
N MET D 274 0.96 -18.81 21.91
CA MET D 274 -0.05 -19.28 20.97
C MET D 274 -0.01 -20.80 20.93
N GLU D 275 -1.11 -21.42 20.53
CA GLU D 275 -1.11 -22.87 20.42
C GLU D 275 -0.06 -23.16 19.37
N ILE D 276 0.71 -24.23 19.56
CA ILE D 276 1.73 -24.57 18.60
C ILE D 276 1.12 -25.34 17.44
N SER D 277 1.44 -24.93 16.22
CA SER D 277 0.90 -25.57 15.03
C SER D 277 1.43 -27.01 14.92
N PRO D 278 0.69 -27.88 14.24
CA PRO D 278 1.08 -29.28 14.05
C PRO D 278 2.49 -29.44 13.49
N MET D 279 3.26 -30.33 14.10
CA MET D 279 4.62 -30.62 13.67
C MET D 279 5.60 -29.47 13.88
N CYS D 280 5.18 -28.44 14.60
CA CYS D 280 6.04 -27.30 14.85
C CYS D 280 6.67 -27.25 16.24
N ASP D 281 6.37 -28.24 17.07
CA ASP D 281 6.93 -28.30 18.41
C ASP D 281 8.19 -29.17 18.45
N LYS D 282 9.36 -28.53 18.48
CA LYS D 282 10.63 -29.26 18.51
C LYS D 282 10.76 -30.20 19.71
N HIS D 283 9.92 -30.00 20.72
CA HIS D 283 9.99 -30.85 21.91
C HIS D 283 9.13 -32.10 21.81
N ASN D 284 8.20 -32.12 20.86
CA ASN D 284 7.31 -33.28 20.67
C ASN D 284 7.18 -33.62 19.19
N ALA D 285 8.32 -33.77 18.53
CA ALA D 285 8.32 -34.08 17.11
C ALA D 285 8.59 -35.55 16.77
N SER D 286 8.20 -35.93 15.56
CA SER D 286 8.40 -37.29 15.04
C SER D 286 8.67 -37.10 13.55
N VAL D 287 9.77 -36.43 13.25
CA VAL D 287 10.17 -36.13 11.88
C VAL D 287 9.95 -37.27 10.90
N GLU D 288 10.46 -38.45 11.24
CA GLU D 288 10.32 -39.63 10.37
C GLU D 288 8.87 -40.04 10.18
N LYS D 289 8.13 -40.14 11.27
CA LYS D 289 6.73 -40.53 11.19
C LYS D 289 5.90 -39.52 10.39
N SER D 290 6.25 -38.24 10.50
CA SER D 290 5.55 -37.18 9.79
C SER D 290 5.76 -37.25 8.27
N GLN D 291 6.96 -37.63 7.85
CA GLN D 291 7.24 -37.77 6.42
C GLN D 291 6.44 -38.92 5.82
N VAL D 292 6.37 -40.04 6.53
CA VAL D 292 5.62 -41.19 6.04
C VAL D 292 4.16 -40.80 5.88
N GLY D 293 3.63 -40.09 6.87
CA GLY D 293 2.26 -39.64 6.82
C GLY D 293 2.04 -38.66 5.68
N PHE D 294 2.96 -37.72 5.54
CA PHE D 294 2.90 -36.71 4.49
C PHE D 294 2.81 -37.43 3.15
N ILE D 295 3.64 -38.46 2.99
CA ILE D 295 3.66 -39.25 1.76
C ILE D 295 2.37 -40.06 1.60
N ASP D 296 1.94 -40.70 2.69
CA ASP D 296 0.74 -41.53 2.65
C ASP D 296 -0.57 -40.80 2.40
N TYR D 297 -0.72 -39.60 2.96
CA TYR D 297 -1.98 -38.89 2.78
C TYR D 297 -2.00 -37.76 1.77
N ILE D 298 -0.83 -37.26 1.39
CA ILE D 298 -0.80 -36.14 0.45
C ILE D 298 0.01 -36.35 -0.80
N VAL D 299 1.32 -36.54 -0.63
CA VAL D 299 2.21 -36.69 -1.76
C VAL D 299 1.93 -37.89 -2.66
N HIS D 300 1.80 -39.08 -2.07
CA HIS D 300 1.55 -40.26 -2.90
C HIS D 300 0.19 -40.24 -3.60
N PRO D 301 -0.90 -39.86 -2.90
CA PRO D 301 -2.19 -39.83 -3.60
C PRO D 301 -2.11 -38.93 -4.84
N LEU D 302 -1.44 -37.79 -4.69
CA LEU D 302 -1.30 -36.84 -5.79
C LEU D 302 -0.45 -37.38 -6.94
N TRP D 303 0.75 -37.85 -6.64
CA TRP D 303 1.64 -38.37 -7.67
C TRP D 303 1.15 -39.64 -8.34
N GLU D 304 0.39 -40.43 -7.58
CA GLU D 304 -0.17 -41.65 -8.11
C GLU D 304 -1.15 -41.26 -9.22
N THR D 305 -1.94 -40.22 -8.94
CA THR D 305 -2.92 -39.73 -9.89
C THR D 305 -2.23 -39.11 -11.10
N TRP D 306 -1.24 -38.26 -10.86
CA TRP D 306 -0.52 -37.63 -11.96
C TRP D 306 0.13 -38.71 -12.83
N ALA D 307 0.67 -39.73 -12.19
CA ALA D 307 1.30 -40.84 -12.91
C ALA D 307 0.30 -41.49 -13.87
N ASP D 308 -0.96 -41.58 -13.44
CA ASP D 308 -2.01 -42.17 -14.28
C ASP D 308 -2.31 -41.27 -15.46
N LEU D 309 -2.33 -39.96 -15.22
CA LEU D 309 -2.63 -39.00 -16.27
C LEU D 309 -1.59 -39.06 -17.39
N VAL D 310 -0.33 -39.24 -17.03
CA VAL D 310 0.75 -39.27 -18.02
C VAL D 310 1.39 -40.64 -18.19
N HIS D 311 0.70 -41.68 -17.74
CA HIS D 311 1.22 -43.04 -17.82
C HIS D 311 1.87 -43.37 -19.17
N PRO D 312 3.07 -43.96 -19.16
CA PRO D 312 3.87 -44.36 -18.00
C PRO D 312 5.03 -43.40 -17.72
N ASP D 313 4.87 -42.15 -18.16
CA ASP D 313 5.91 -41.14 -17.99
C ASP D 313 6.54 -41.01 -16.61
N ALA D 314 5.73 -40.98 -15.57
CA ALA D 314 6.24 -40.80 -14.22
C ALA D 314 6.44 -42.07 -13.40
N GLN D 315 6.63 -43.20 -14.07
CA GLN D 315 6.81 -44.46 -13.35
C GLN D 315 8.03 -44.49 -12.42
N ASP D 316 9.16 -43.96 -12.88
CA ASP D 316 10.37 -43.96 -12.05
C ASP D 316 10.24 -42.99 -10.88
N ILE D 317 9.48 -41.93 -11.08
CA ILE D 317 9.26 -40.92 -10.04
C ILE D 317 8.49 -41.56 -8.91
N LEU D 318 7.44 -42.30 -9.28
CA LEU D 318 6.60 -42.99 -8.31
C LEU D 318 7.43 -44.05 -7.57
N ASP D 319 8.27 -44.77 -8.32
CA ASP D 319 9.12 -45.81 -7.74
C ASP D 319 10.05 -45.20 -6.69
N THR D 320 10.60 -44.03 -6.98
CA THR D 320 11.51 -43.36 -6.05
C THR D 320 10.75 -42.94 -4.80
N LEU D 321 9.59 -42.33 -5.00
CA LEU D 321 8.75 -41.89 -3.89
C LEU D 321 8.54 -43.05 -2.91
N GLU D 322 8.16 -44.20 -3.46
CA GLU D 322 7.90 -45.38 -2.64
C GLU D 322 9.16 -45.87 -1.92
N ASP D 323 10.30 -45.85 -2.60
CA ASP D 323 11.53 -46.28 -1.96
C ASP D 323 11.82 -45.34 -0.79
N ASN D 324 11.71 -44.04 -1.05
CA ASN D 324 11.97 -43.05 -0.02
C ASN D 324 11.02 -43.17 1.17
N ARG D 325 9.77 -43.52 0.88
CA ARG D 325 8.77 -43.67 1.92
C ARG D 325 9.25 -44.77 2.89
N GLU D 326 9.74 -45.86 2.31
CA GLU D 326 10.23 -46.97 3.12
C GLU D 326 11.44 -46.58 3.96
N TRP D 327 12.35 -45.79 3.39
CA TRP D 327 13.52 -45.37 4.12
C TRP D 327 13.15 -44.64 5.40
N TYR D 328 12.22 -43.70 5.31
CA TYR D 328 11.80 -42.97 6.49
C TYR D 328 11.10 -43.90 7.47
N GLN D 329 10.36 -44.87 6.94
CA GLN D 329 9.66 -45.83 7.77
C GLN D 329 10.66 -46.55 8.69
N SER D 330 11.74 -47.03 8.09
CA SER D 330 12.78 -47.75 8.83
C SER D 330 13.58 -46.80 9.73
N THR D 331 13.41 -45.50 9.54
CA THR D 331 14.13 -44.50 10.32
C THR D 331 13.31 -44.13 11.55
N ILE D 332 12.09 -44.64 11.62
CA ILE D 332 11.22 -44.33 12.75
C ILE D 332 11.64 -45.07 14.01
N PRO D 333 11.97 -44.32 15.07
CA PRO D 333 12.39 -44.96 16.32
C PRO D 333 11.23 -45.79 16.88
N GLN D 334 11.50 -47.05 17.16
CA GLN D 334 10.47 -47.95 17.70
C GLN D 334 10.30 -47.73 19.19
ZN ZN E . -2.94 23.51 -5.72
MG MG F . -1.63 21.20 -2.81
F1 M99 G . -9.59 31.52 -4.32
F2 M99 G . -7.87 32.95 -4.15
C1 M99 G . -9.07 32.57 -3.65
O1 M99 G . -8.97 32.25 -2.28
C12 M99 G . -8.26 32.60 2.94
C13 M99 G . -6.87 32.15 2.46
C8 M99 G . -8.11 31.91 1.58
O2 M99 G . -8.60 31.86 0.27
C2 M99 G . -8.13 31.24 -1.92
C3 M99 G . -7.92 31.05 -0.58
C4 M99 G . -7.05 30.04 -0.12
C5 M99 G . -6.40 29.19 -1.04
C6 M99 G . -6.64 29.39 -2.40
C7 M99 G . -7.50 30.40 -2.85
C9 M99 G . -5.50 28.06 -0.55
C10 M99 G . -4.77 28.44 0.72
C11 M99 G . -3.12 29.43 2.08
N1 M99 G . -3.62 29.18 0.76
S1 M99 G . -5.24 27.97 2.24
C14 M99 G . -4.01 28.81 2.98
C15 M99 G . -3.83 28.85 4.49
O3 M99 G . -4.92 28.15 5.10
C16 M99 G . -3.91 30.32 4.99
F5 M99 G . -3.77 30.35 6.34
F6 M99 G . -5.12 30.82 4.66
F7 M99 G . -2.94 31.07 4.42
C17 M99 G . -2.48 28.17 4.87
F8 M99 G . -2.45 26.91 4.41
F9 M99 G . -2.33 28.14 6.22
F10 M99 G . -1.45 28.87 4.34
C18 M99 G . -4.48 27.64 -1.63
C19 M99 G . -3.54 26.53 -1.20
C20 M99 G . -2.25 26.51 -1.68
C21 M99 G . -1.37 25.50 -1.28
C22 M99 G . -3.97 25.55 -0.31
C23 M99 G . -1.78 24.52 -0.39
O4 M99 G . -3.49 23.60 0.95
N2 M99 G . -3.09 24.54 0.09
ZN ZN H . 20.51 3.06 12.87
MG MG I . 18.55 4.29 9.84
F1 M99 J . 30.85 0.49 12.80
F2 M99 J . 31.15 2.65 13.33
C1 M99 J . 31.53 1.62 12.54
O1 M99 J . 31.44 1.96 11.16
C12 M99 J . 32.67 4.35 6.61
C13 M99 J . 31.60 5.32 7.15
C8 M99 J . 31.66 3.89 7.68
O2 M99 J . 31.52 3.05 8.80
C2 M99 J . 30.28 2.49 10.68
C3 M99 J . 30.32 3.06 9.43
C4 M99 J . 29.16 3.59 8.85
C5 M99 J . 27.93 3.53 9.53
C6 M99 J . 27.90 2.96 10.79
C7 M99 J . 29.08 2.43 11.38
C9 M99 J . 26.65 4.07 8.89
C10 M99 J . 26.93 5.29 8.03
C11 M99 J . 27.35 7.56 7.50
N1 M99 J . 27.08 6.55 8.51
S1 M99 J . 27.08 5.25 6.37
C14 M99 J . 27.38 6.89 6.26
C15 M99 J . 27.64 7.61 4.95
O3 M99 J . 27.73 6.63 3.91
C16 M99 J . 29.00 8.35 5.03
F5 M99 J . 29.34 8.80 3.80
F6 M99 J . 29.95 7.49 5.46
F7 M99 J . 28.93 9.40 5.88
C17 M99 J . 26.46 8.60 4.62
F8 M99 J . 25.29 7.92 4.62
F9 M99 J . 26.66 9.15 3.40
F10 M99 J . 26.40 9.58 5.55
C18 M99 J . 25.59 4.38 9.97
C19 M99 J . 24.32 5.02 9.42
C20 M99 J . 23.64 5.94 10.20
C21 M99 J . 22.48 6.55 9.70
C22 M99 J . 23.84 4.70 8.15
C23 M99 J . 22.00 6.24 8.44
O4 M99 J . 22.24 5.02 6.43
N2 M99 J . 22.69 5.32 7.67
ZN ZN K . -24.00 -3.06 -3.41
MG MG L . -20.54 -4.36 -4.57
F1 M99 M . -31.79 -0.03 -9.98
F2 M99 M . -32.58 -2.12 -9.80
C1 M99 M . -32.26 -1.11 -10.64
O1 M99 M . -31.34 -1.51 -11.65
C12 M99 M . -29.23 -3.90 -15.90
C13 M99 M . -29.08 -4.92 -14.77
C8 M99 M . -29.23 -3.42 -14.45
O2 M99 M . -29.77 -2.49 -13.55
C2 M99 M . -30.16 -2.07 -11.27
C3 M99 M . -29.36 -2.61 -12.26
C4 M99 M . -28.14 -3.20 -11.93
C5 M99 M . -27.70 -3.26 -10.62
C6 M99 M . -28.51 -2.71 -9.62
C7 M99 M . -29.75 -2.12 -9.94
C9 M99 M . -26.36 -3.88 -10.27
C10 M99 M . -26.07 -5.08 -11.13
C11 M99 M . -26.12 -7.35 -11.85
N1 M99 M . -26.52 -6.35 -10.87
S1 M99 M . -25.14 -5.05 -12.52
C14 M99 M . -25.35 -6.69 -12.83
C15 M99 M . -24.76 -7.40 -14.05
O3 M99 M . -24.19 -6.42 -14.93
C16 M99 M . -25.89 -8.14 -14.82
F5 M99 M . -25.40 -8.64 -15.98
F6 M99 M . -26.89 -7.27 -15.10
F7 M99 M . -26.36 -9.14 -14.06
C17 M99 M . -23.63 -8.39 -13.63
F8 M99 M . -22.68 -7.73 -12.92
F9 M99 M . -23.06 -8.93 -14.74
F10 M99 M . -24.16 -9.38 -12.87
C18 M99 M . -26.28 -4.26 -8.78
C19 M99 M . -24.97 -4.88 -8.37
C20 M99 M . -24.97 -5.91 -7.46
C21 M99 M . -23.77 -6.51 -7.08
C22 M99 M . -23.77 -4.42 -8.91
C23 M99 M . -22.57 -6.07 -7.62
O4 M99 M . -21.41 -4.60 -9.05
N2 M99 M . -22.57 -5.03 -8.53
ZN ZN N . 6.25 -23.63 -2.63
MG MG O . 3.39 -21.33 -1.34
F1 M99 P . 10.76 -31.80 2.68
F2 M99 P . 9.31 -33.09 1.54
C1 M99 P . 9.83 -32.77 2.75
O1 M99 P . 8.83 -32.49 3.71
C12 M99 P . 5.04 -32.64 7.45
C13 M99 P . 4.28 -32.36 6.14
C8 M99 P . 5.77 -32.01 6.26
O2 M99 P . 7.01 -31.95 5.57
C2 M99 P . 7.94 -31.48 3.46
C3 M99 P . 6.98 -31.22 4.43
C4 M99 P . 6.05 -30.19 4.23
C5 M99 P . 6.06 -29.41 3.08
C6 M99 P . 7.03 -29.67 2.11
C7 M99 P . 7.98 -30.71 2.30
C9 M99 P . 5.06 -28.27 2.90
C10 M99 P . 3.69 -28.68 3.42
C11 M99 P . 1.58 -29.72 3.44
N1 M99 P . 2.82 -29.46 2.74
S1 M99 P . 3.08 -28.18 4.88
C14 M99 P . 1.66 -29.05 4.68
C15 M99 P . 0.55 -29.08 5.73
O3 M99 P . 1.03 -28.48 6.93
C16 M99 P . 0.20 -30.57 6.02
F5 M99 P . -0.60 -30.63 7.11
F6 M99 P . 1.35 -31.25 6.27
F7 M99 P . -0.42 -31.13 4.96
C17 M99 P . -0.72 -28.30 5.25
F8 M99 P . -0.41 -27.00 5.06
F9 M99 P . -1.68 -28.40 6.19
F10 M99 P . -1.19 -28.82 4.11
C18 M99 P . 4.98 -27.83 1.43
C19 M99 P . 3.98 -26.72 1.18
C20 M99 P . 3.32 -26.67 -0.03
C21 M99 P . 2.40 -25.65 -0.28
C22 M99 P . 3.71 -25.76 2.15
C23 M99 P . 2.12 -24.70 0.68
O4 M99 P . 2.51 -23.84 2.85
N2 M99 P . 2.78 -24.75 1.91
#